data_5DIS
#
_entry.id   5DIS
#
_cell.length_a   112.330
_cell.length_b   248.970
_cell.length_c   210.570
_cell.angle_alpha   90.00
_cell.angle_beta   90.00
_cell.angle_gamma   90.00
#
_symmetry.space_group_name_H-M   'C 2 2 21'
#
loop_
_entity.id
_entity.type
_entity.pdbx_description
1 polymer Exportin-1
2 polymer 'GTP-binding nuclear protein Ran'
3 polymer Snurportin-1
4 polymer 'Maltose-binding periplasmic protein,Nuclear pore complex protein Nup214'
5 branched alpha-D-glucopyranose-(1-4)-alpha-D-glucopyranose
6 non-polymer PROLINE
7 non-polymer "GUANOSINE-5'-TRIPHOSPHATE"
8 non-polymer 'MAGNESIUM ION'
9 water water
#
loop_
_entity_poly.entity_id
_entity_poly.type
_entity_poly.pdbx_seq_one_letter_code
_entity_poly.pdbx_strand_id
1 'polypeptide(L)'
;MTMLADHAARQLLDFSQKLDINLLDNVVNCLYHGEGAQQRMAQEVLTHLKEHPDAWTRVDTILEFSQNMNTKYYGLQILE
NVIKTRWKILPRNQCEGIKKYVVGLIIKTSSDPTCVEKEKVYIGKLNMILVQILKQEWPKHWPTFISDIVGASRTSESLC
QNNMVILKLLSEEVFDFSSGQITQVKSKHLKDSMCNEFSQIFQLCQFVMENSQNAPLVHATLETLLRFLNWIPLGYIFET
KLISTLIYKFLNVPMFRNVSLKCLTEIAGVSVSQYEEQFVTLFTLTMMQLKQMLPLNTNIRLAYSNGKDDEQNFIQNLSL
FLCTFLKEHDQLIEKRLNLRETLMEALHYMLLVSEVEETEIFKICLEYWNHLAAELYRESPFSTSASPLLSGSQHFDVPP
RRQLYLPMLFKVRLLMVSRMAKPEEVLVVENDQGEVVREFMKDTDSINLYKNMRETLVYLTHLDYVDTERIMTEKLHNQV
NGTEWSWKNLNTLCWAIGSISGAMHEEDEKRFLVTVIKDLLGLCEQKRGKDNKAIIASNIMYIVGQYPRFLRAHWKFLKT
VVNKLFEFMHETHDGVQDMACDTFIKIAQKCRRHFVQVQVGEVMPFIDEILNNINTIICDLQPQQVHTFYEAVGYMIGAQ
TDQTVQEHLIEKYMLLPNQVWDSIIQQATKNVDILKDPETVKQLGSILKTNVRACKAVGHPFVIQLGRIYLDMLNVYKCL
SENISAAIQANGEMVTKQPLIRSMRTVKRETLKLISGWVSRSNDPQMVAENFVPPLLDAVLIDYQRNVPAAREPEVLSTM
AIIVNKLGGHITAEIPQIFDAVFECTLNMINKDFEEYPEHRTNFFLLLQAVNSHCFPAFLAIPPTQFKLVLDSIIWAFKH
TMRNVADTGLQILFTLLQNVAQEEAAAQSFYQTYFCDILQHIFSVVTDTSHTAGLTMHASILAYMFNLVEEGKISTSLNP
GNPVNNQIFLQEYVANLLKSAFPHLQDAQVKLFVTGLFSLNQDIPAFKEHLRDFLVQIKEFAGEDTSDLFLEEREIALRQ
ADEE
;
A
2 'polypeptide(L)'
;QVQFKLVLVGDGGTGKTTFVKRHLTGEFEKKYVATLGVEVHPLVFHTNRGPIKFNVWDTAGLEKFGGLRDGYYIQAQCAI
IMFDVTSRVTYKNVPNWHRDLVRVCENIPIVLCGNKVDIKDRKVKAKSIVFHRKKNLQYYDISAKSNYNFEKPFLWLARK
LIGDPNLEFVAM
;
B
3 'polypeptide(L)'
;GSMEELSQALASSFSVSQDLNSTAAPHPRLSQYKSKYSSLEQSERRRRLLELQKSKRLDYVNHARRLAEDDWTGMESEEE
NKKDDEEMDIDTVKKLPKHYANQLMLSEWLIDVPSDLGQEWIVVVCPVGKRALIVASRGSTSAYTKSGYCVNRFSSLLPG
GNRRNSTAKDYTILDCIYNEVNQTYYVLDVMCWRGHPFYDCQTDFRFYWMHSKLPEEEGLGEKTKLNPFKFVGLKNFPCT
PESLCDVLSMDFPFEVDGLLFYHKQTHYSPGSTPLVGWLRPYMVSDVLG
;
C
4 'polypeptide(L)'
;KLVIWINGDKGYNGLAEVGKKFEKDTGIKVTVEHPDKLEEKFPQVAATGDGPDIIFWAHDRFGGYAQSGLLAEITPDKAF
QDKLYPFTWDAVRYNGKLIAYPIAVEALSLIYNKDLLPNPPKTWEEIPALDKELKAKGKSALMFNLQEPYFTWPLIAADG
GYAFKYENGKYDIKDVGVDNAGAKAGLTFLVDLIKNKHMNADTDYSIAEAAFNKGETAMTINGPWAWSNIDTSKVNYGVT
VLPTFKGQPSKPFVGVLSAGINAASPNKELAKEFLENYLLTDEGLEAVNKDKPLGAVALKSYEEELAKDPRIAATMENAQ
KGEIMPNIPQMSAFWYAVRTAVINAASGRQTVDEALAAAQTNAAAEFSNTSNLFGNSGAKTFGGFASSSFGEQKPTGTFS
SGGGSVASQGFGFSSPNKTGGFGAAPVFGSPPTFGGSPGFGGVPAFGSAPAFTSPLGSTGGKVFGEGTAAASAGGFGFG
;
D
#
loop_
_chem_comp.id
_chem_comp.type
_chem_comp.name
_chem_comp.formula
GLC D-saccharide, alpha linking alpha-D-glucopyranose 'C6 H12 O6'
GTP non-polymer GUANOSINE-5'-TRIPHOSPHATE 'C10 H16 N5 O14 P3'
MG non-polymer 'MAGNESIUM ION' 'Mg 2'
#
# COMPACT_ATOMS: atom_id res chain seq x y z
N MET A 1 19.14 24.22 8.68
CA MET A 1 19.82 23.79 7.45
C MET A 1 21.32 23.90 7.65
N THR A 2 22.09 23.58 6.61
CA THR A 2 23.54 23.61 6.70
C THR A 2 24.08 25.03 6.83
N MET A 3 23.19 26.01 6.88
CA MET A 3 23.60 27.39 7.15
C MET A 3 23.98 27.53 8.62
N LEU A 4 23.01 27.28 9.50
CA LEU A 4 23.22 27.31 10.93
C LEU A 4 24.20 26.21 11.34
N ALA A 5 24.04 25.05 10.71
CA ALA A 5 24.92 23.91 10.94
C ALA A 5 26.36 24.28 10.65
N ASP A 6 26.60 24.86 9.46
CA ASP A 6 27.95 25.25 9.09
C ASP A 6 28.48 26.29 10.06
N HIS A 7 27.69 27.32 10.34
CA HIS A 7 28.11 28.39 11.23
C HIS A 7 28.58 27.88 12.59
N ALA A 8 27.72 27.12 13.25
CA ALA A 8 28.03 26.57 14.56
C ALA A 8 29.24 25.63 14.49
N ALA A 9 29.25 24.77 13.47
CA ALA A 9 30.34 23.82 13.26
C ALA A 9 31.69 24.55 13.15
N ARG A 10 31.72 25.63 12.39
CA ARG A 10 32.94 26.41 12.21
C ARG A 10 33.33 27.12 13.49
N GLN A 11 32.34 27.62 14.23
CA GLN A 11 32.61 28.26 15.52
C GLN A 11 33.31 27.29 16.46
N LEU A 12 32.87 26.03 16.43
CA LEU A 12 33.48 25.02 17.27
C LEU A 12 34.83 24.57 16.70
N LEU A 13 34.95 24.57 15.37
CA LEU A 13 36.14 24.04 14.71
C LEU A 13 37.10 25.10 14.20
N ASP A 14 37.08 26.30 14.78
CA ASP A 14 37.90 27.38 14.24
C ASP A 14 39.39 27.12 14.47
N PHE A 15 39.73 26.73 15.70
CA PHE A 15 41.11 26.35 16.12
C PHE A 15 41.98 27.57 16.38
N SER A 16 41.39 28.76 16.26
CA SER A 16 42.14 29.98 16.46
C SER A 16 42.02 30.49 17.89
N GLN A 17 41.23 29.80 18.70
CA GLN A 17 41.06 30.17 20.10
C GLN A 17 40.37 29.07 20.91
N LYS A 18 40.26 29.30 22.21
CA LYS A 18 39.71 28.30 23.15
C LYS A 18 38.36 27.80 22.69
N LEU A 19 38.13 26.51 22.91
CA LEU A 19 36.91 25.84 22.47
C LEU A 19 35.74 26.07 23.43
N ASP A 20 34.58 26.40 22.88
CA ASP A 20 33.41 26.68 23.69
C ASP A 20 32.70 25.39 24.13
N ILE A 21 33.06 24.93 25.33
CA ILE A 21 32.44 23.72 25.90
C ILE A 21 30.99 23.99 26.30
N ASN A 22 30.73 25.22 26.74
CA ASN A 22 29.38 25.65 27.09
C ASN A 22 28.44 25.46 25.90
N LEU A 23 28.87 25.97 24.75
CA LEU A 23 28.11 25.86 23.52
C LEU A 23 27.90 24.41 23.09
N LEU A 24 28.96 23.61 23.13
CA LEU A 24 28.88 22.22 22.71
C LEU A 24 27.92 21.42 23.60
N ASP A 25 28.04 21.63 24.91
CA ASP A 25 27.14 21.03 25.87
C ASP A 25 25.70 21.43 25.58
N ASN A 26 25.50 22.70 25.25
CA ASN A 26 24.16 23.20 24.92
C ASN A 26 23.58 22.55 23.66
N VAL A 27 24.40 22.43 22.61
CA VAL A 27 23.96 21.80 21.36
C VAL A 27 23.61 20.35 21.58
N VAL A 28 24.43 19.66 22.38
CA VAL A 28 24.20 18.25 22.69
C VAL A 28 22.90 18.05 23.49
N ASN A 29 22.76 18.81 24.58
CA ASN A 29 21.55 18.76 25.39
C ASN A 29 20.32 19.10 24.57
N CYS A 30 20.48 20.01 23.62
CA CYS A 30 19.41 20.31 22.67
C CYS A 30 19.08 19.09 21.84
N LEU A 31 20.09 18.35 21.43
CA LEU A 31 19.82 17.16 20.63
C LEU A 31 19.06 16.12 21.43
N TYR A 32 19.43 15.94 22.69
CA TYR A 32 18.82 14.86 23.47
C TYR A 32 17.52 15.28 24.15
N HIS A 33 17.22 16.57 24.16
CA HIS A 33 16.01 17.05 24.85
C HIS A 33 15.29 18.20 24.15
N GLY A 34 15.82 18.67 23.03
CA GLY A 34 15.23 19.80 22.34
C GLY A 34 14.05 19.45 21.45
N GLU A 35 13.42 20.49 20.92
CA GLU A 35 12.30 20.35 19.99
C GLU A 35 12.75 20.19 18.55
N GLY A 36 11.85 19.71 17.71
CA GLY A 36 12.12 19.42 16.31
C GLY A 36 12.95 20.41 15.51
N ALA A 37 12.79 21.72 15.73
CA ALA A 37 13.62 22.68 15.01
C ALA A 37 14.99 22.76 15.67
N GLN A 38 14.98 23.11 16.96
CA GLN A 38 16.18 23.14 17.78
C GLN A 38 16.93 21.81 17.71
N GLN A 39 16.19 20.70 17.82
CA GLN A 39 16.76 19.36 17.75
C GLN A 39 17.27 19.04 16.34
N ARG A 40 16.50 19.41 15.31
CA ARG A 40 16.94 19.22 13.93
C ARG A 40 18.32 19.83 13.77
N MET A 41 18.40 21.11 14.10
CA MET A 41 19.62 21.87 13.90
C MET A 41 20.77 21.31 14.74
N ALA A 42 20.48 20.95 15.99
CA ALA A 42 21.49 20.35 16.85
C ALA A 42 22.07 19.09 16.21
N GLN A 43 21.17 18.25 15.70
CA GLN A 43 21.53 17.01 15.00
C GLN A 43 22.43 17.32 13.81
N GLU A 44 21.99 18.27 12.98
CA GLU A 44 22.73 18.75 11.82
C GLU A 44 24.15 19.13 12.19
N VAL A 45 24.26 20.03 13.16
CA VAL A 45 25.53 20.55 13.64
C VAL A 45 26.46 19.43 14.13
N LEU A 46 25.93 18.54 14.96
CA LEU A 46 26.76 17.48 15.54
C LEU A 46 27.27 16.51 14.47
N THR A 47 26.41 16.09 13.55
CA THR A 47 26.83 15.26 12.42
C THR A 47 27.92 15.96 11.60
N HIS A 48 27.56 17.15 11.13
CA HIS A 48 28.44 18.04 10.37
C HIS A 48 29.84 18.10 10.97
N LEU A 49 29.89 18.45 12.26
CA LEU A 49 31.15 18.59 12.97
C LEU A 49 31.91 17.27 13.05
N LYS A 50 31.20 16.23 13.52
CA LYS A 50 31.75 14.88 13.63
C LYS A 50 32.47 14.47 12.37
N GLU A 51 31.93 14.86 11.21
CA GLU A 51 32.56 14.53 9.93
C GLU A 51 33.96 15.14 9.73
N HIS A 52 34.18 16.35 10.26
CA HIS A 52 35.40 17.11 10.00
C HIS A 52 36.69 16.32 10.28
N PRO A 53 37.65 16.38 9.35
CA PRO A 53 38.95 15.72 9.43
C PRO A 53 39.80 16.12 10.64
N ASP A 54 39.46 17.20 11.34
CA ASP A 54 40.28 17.66 12.46
C ASP A 54 39.53 17.76 13.78
N ALA A 55 38.28 17.30 13.79
CA ALA A 55 37.45 17.42 14.99
C ALA A 55 38.06 16.63 16.15
N TRP A 56 38.73 15.53 15.84
CA TRP A 56 39.34 14.68 16.86
C TRP A 56 40.34 15.43 17.71
N THR A 57 41.03 16.37 17.08
CA THR A 57 42.01 17.21 17.76
C THR A 57 41.41 17.87 19.00
N ARG A 58 40.10 18.08 19.01
CA ARG A 58 39.47 18.74 20.14
C ARG A 58 38.86 17.79 21.18
N VAL A 59 38.76 16.50 20.83
CA VAL A 59 38.15 15.51 21.71
C VAL A 59 38.75 15.50 23.13
N ASP A 60 40.07 15.54 23.23
CA ASP A 60 40.71 15.52 24.54
C ASP A 60 40.16 16.65 25.40
N THR A 61 40.04 17.84 24.81
CA THR A 61 39.53 18.99 25.54
C THR A 61 38.09 18.72 25.97
N ILE A 62 37.32 18.16 25.04
CA ILE A 62 35.96 17.77 25.31
C ILE A 62 35.91 16.80 26.49
N LEU A 63 36.85 15.84 26.53
CA LEU A 63 36.82 14.85 27.59
C LEU A 63 37.35 15.43 28.89
N GLU A 64 38.11 16.53 28.76
CA GLU A 64 38.80 17.08 29.91
C GLU A 64 37.92 18.05 30.69
N PHE A 65 37.12 18.85 29.99
CA PHE A 65 36.42 19.96 30.62
C PHE A 65 34.90 19.80 30.64
N SER A 66 34.33 18.98 29.76
CA SER A 66 32.89 18.82 29.72
C SER A 66 32.38 18.06 30.94
N GLN A 67 31.22 18.46 31.46
CA GLN A 67 30.72 17.91 32.71
C GLN A 67 29.58 16.92 32.51
N ASN A 68 28.95 16.94 31.34
CA ASN A 68 27.85 16.01 31.07
C ASN A 68 28.34 14.81 30.25
N MET A 69 27.80 13.63 30.57
CA MET A 69 28.19 12.38 29.92
C MET A 69 27.95 12.38 28.42
N ASN A 70 26.83 12.96 28.00
CA ASN A 70 26.43 12.94 26.60
C ASN A 70 27.50 13.55 25.68
N THR A 71 28.00 14.71 26.06
CA THR A 71 29.01 15.41 25.27
C THR A 71 30.29 14.58 25.18
N LYS A 72 30.69 14.00 26.31
CA LYS A 72 31.84 13.10 26.35
C LYS A 72 31.65 11.97 25.34
N TYR A 73 30.49 11.34 25.39
CA TYR A 73 30.14 10.24 24.52
C TYR A 73 30.28 10.66 23.06
N TYR A 74 29.77 11.85 22.76
CA TYR A 74 29.87 12.42 21.42
C TYR A 74 31.33 12.53 20.99
N GLY A 75 32.15 13.12 21.85
CA GLY A 75 33.57 13.22 21.62
C GLY A 75 34.18 11.88 21.30
N LEU A 76 33.72 10.85 22.01
CA LEU A 76 34.19 9.50 21.76
C LEU A 76 33.81 9.04 20.37
N GLN A 77 32.61 9.41 19.92
CA GLN A 77 32.21 9.08 18.54
C GLN A 77 33.17 9.72 17.54
N ILE A 78 33.46 11.00 17.78
CA ILE A 78 34.42 11.75 16.96
C ILE A 78 35.75 11.02 16.87
N LEU A 79 36.20 10.52 18.01
CA LEU A 79 37.47 9.79 18.10
C LEU A 79 37.44 8.47 17.34
N GLU A 80 36.35 7.73 17.56
CA GLU A 80 36.13 6.43 16.95
C GLU A 80 36.26 6.56 15.45
N ASN A 81 35.69 7.62 14.90
CA ASN A 81 35.78 7.86 13.46
C ASN A 81 37.23 7.92 12.94
N VAL A 82 38.05 8.76 13.56
CA VAL A 82 39.44 8.86 13.18
C VAL A 82 40.14 7.53 13.29
N ILE A 83 39.98 6.86 14.41
CA ILE A 83 40.66 5.58 14.55
C ILE A 83 40.23 4.62 13.45
N LYS A 84 38.94 4.59 13.17
CA LYS A 84 38.40 3.69 12.16
C LYS A 84 38.95 3.98 10.77
N THR A 85 39.25 5.25 10.45
CA THR A 85 39.52 5.59 9.06
C THR A 85 40.87 6.24 8.72
N ARG A 86 41.42 7.02 9.63
CA ARG A 86 42.64 7.77 9.38
C ARG A 86 43.74 7.54 10.42
N TRP A 87 43.68 6.43 11.15
CA TRP A 87 44.66 6.12 12.18
C TRP A 87 46.06 5.91 11.58
N LYS A 88 46.12 5.27 10.43
CA LYS A 88 47.38 4.94 9.77
C LYS A 88 48.04 6.14 9.07
N ILE A 89 47.42 7.31 9.13
CA ILE A 89 48.01 8.51 8.52
C ILE A 89 48.06 9.69 9.47
N LEU A 90 47.74 9.47 10.74
CA LEU A 90 47.97 10.48 11.76
C LEU A 90 49.46 10.51 12.06
N PRO A 91 49.97 11.68 12.48
CA PRO A 91 51.36 11.70 12.96
C PRO A 91 51.49 10.78 14.17
N ARG A 92 52.45 9.86 14.13
CA ARG A 92 52.52 8.73 15.06
C ARG A 92 52.51 9.13 16.54
N ASN A 93 53.09 10.28 16.86
CA ASN A 93 53.09 10.74 18.25
C ASN A 93 51.68 11.05 18.73
N GLN A 94 50.81 11.43 17.79
CA GLN A 94 49.41 11.65 18.10
C GLN A 94 48.69 10.33 18.37
N CYS A 95 48.97 9.33 17.54
CA CYS A 95 48.43 7.98 17.78
C CYS A 95 48.82 7.52 19.18
N GLU A 96 50.10 7.64 19.50
CA GLU A 96 50.61 7.29 20.83
C GLU A 96 49.85 8.08 21.89
N GLY A 97 49.67 9.38 21.66
CA GLY A 97 48.94 10.23 22.58
C GLY A 97 47.52 9.75 22.86
N ILE A 98 46.84 9.32 21.80
CA ILE A 98 45.48 8.81 21.93
C ILE A 98 45.47 7.51 22.71
N LYS A 99 46.42 6.64 22.40
CA LYS A 99 46.59 5.37 23.10
C LYS A 99 46.73 5.59 24.60
N LYS A 100 47.68 6.43 24.97
CA LYS A 100 47.90 6.71 26.38
C LYS A 100 46.68 7.37 27.02
N TYR A 101 46.15 8.41 26.40
CA TYR A 101 44.99 9.06 27.01
C TYR A 101 43.85 8.06 27.24
N VAL A 102 43.61 7.19 26.26
CA VAL A 102 42.50 6.25 26.34
C VAL A 102 42.71 5.18 27.40
N VAL A 103 43.80 4.43 27.34
CA VAL A 103 43.96 3.36 28.32
C VAL A 103 44.13 3.96 29.71
N GLY A 104 44.71 5.15 29.78
CA GLY A 104 44.86 5.82 31.05
C GLY A 104 43.51 6.17 31.66
N LEU A 105 42.64 6.75 30.83
CA LEU A 105 41.30 7.11 31.27
C LEU A 105 40.53 5.87 31.70
N ILE A 106 40.69 4.80 30.94
CA ILE A 106 40.05 3.53 31.27
C ILE A 106 40.56 2.99 32.62
N ILE A 107 41.87 3.08 32.87
CA ILE A 107 42.40 2.66 34.17
C ILE A 107 41.77 3.51 35.28
N LYS A 108 41.79 4.82 35.12
CA LYS A 108 41.33 5.73 36.17
C LYS A 108 39.84 5.51 36.48
N THR A 109 39.02 5.28 35.46
CA THR A 109 37.59 5.11 35.66
C THR A 109 37.23 3.71 36.16
N SER A 110 37.81 2.70 35.53
CA SER A 110 37.51 1.31 35.86
C SER A 110 38.07 0.91 37.22
N SER A 111 39.17 1.55 37.63
CA SER A 111 39.74 1.30 38.95
C SER A 111 39.01 2.13 40.00
N ASP A 112 37.79 2.54 39.67
CA ASP A 112 36.90 3.18 40.62
C ASP A 112 35.56 2.45 40.61
N PRO A 113 35.19 1.86 41.75
CA PRO A 113 33.90 1.18 41.92
C PRO A 113 32.73 2.12 41.65
N THR A 114 32.99 3.41 41.64
CA THR A 114 31.98 4.41 41.30
C THR A 114 31.51 4.26 39.85
N CYS A 115 32.21 3.42 39.07
CA CYS A 115 31.94 3.19 37.65
C CYS A 115 30.46 2.93 37.35
N VAL A 116 29.76 2.27 38.27
CA VAL A 116 28.34 1.99 38.12
C VAL A 116 27.47 3.24 38.24
N GLU A 117 27.65 3.96 39.34
CA GLU A 117 26.99 5.25 39.56
C GLU A 117 27.54 6.23 38.56
N LYS A 118 28.80 6.02 38.23
CA LYS A 118 29.42 6.65 37.08
C LYS A 118 28.72 6.13 35.84
N GLU A 119 29.25 6.50 34.70
CA GLU A 119 28.53 6.35 33.48
C GLU A 119 28.84 5.02 32.79
N LYS A 120 28.16 3.96 33.21
CA LYS A 120 28.30 2.62 32.61
C LYS A 120 28.33 2.71 31.10
N VAL A 121 27.33 3.41 30.58
CA VAL A 121 27.19 3.73 29.17
C VAL A 121 28.49 4.23 28.59
N TYR A 122 28.95 5.30 29.21
CA TYR A 122 30.15 6.00 28.83
C TYR A 122 31.37 5.09 28.84
N ILE A 123 31.46 4.25 29.88
CA ILE A 123 32.57 3.31 30.00
C ILE A 123 32.56 2.32 28.85
N GLY A 124 31.38 1.83 28.51
CA GLY A 124 31.23 0.93 27.38
C GLY A 124 31.77 1.58 26.12
N LYS A 125 31.46 2.86 25.94
CA LYS A 125 31.99 3.58 24.78
C LYS A 125 33.52 3.67 24.82
N LEU A 126 34.09 3.99 25.99
CA LEU A 126 35.55 4.01 26.17
C LEU A 126 36.22 2.70 25.78
N ASN A 127 35.72 1.61 26.36
CA ASN A 127 36.23 0.28 26.07
C ASN A 127 36.16 0.00 24.59
N MET A 128 35.06 0.42 23.97
CA MET A 128 34.89 0.24 22.53
C MET A 128 35.97 1.00 21.75
N ILE A 129 36.31 2.20 22.21
CA ILE A 129 37.39 2.97 21.61
C ILE A 129 38.70 2.21 21.68
N LEU A 130 38.99 1.66 22.87
CA LEU A 130 40.19 0.86 23.06
C LEU A 130 40.22 -0.32 22.11
N VAL A 131 39.09 -1.00 21.97
CA VAL A 131 38.99 -2.15 21.08
C VAL A 131 39.22 -1.72 19.62
N GLN A 132 38.81 -0.51 19.27
CA GLN A 132 39.04 0.00 17.93
C GLN A 132 40.52 0.25 17.69
N ILE A 133 41.18 0.86 18.67
CA ILE A 133 42.63 1.04 18.65
C ILE A 133 43.34 -0.30 18.48
N LEU A 134 42.96 -1.28 19.30
CA LEU A 134 43.51 -2.62 19.21
C LEU A 134 43.34 -3.20 17.83
N LYS A 135 42.14 -3.02 17.28
CA LYS A 135 41.82 -3.50 15.93
C LYS A 135 42.79 -2.88 14.94
N GLN A 136 43.18 -1.64 15.20
CA GLN A 136 44.06 -0.96 14.25
C GLN A 136 45.54 -1.28 14.48
N GLU A 137 45.94 -1.63 15.71
CA GLU A 137 47.34 -1.96 15.95
C GLU A 137 47.57 -3.00 17.05
N TRP A 138 47.04 -4.20 16.84
CA TRP A 138 47.36 -5.34 17.68
C TRP A 138 47.38 -6.62 16.86
N PRO A 139 48.41 -7.46 17.06
CA PRO A 139 49.49 -7.30 18.03
C PRO A 139 50.74 -6.61 17.49
N LYS A 140 50.73 -6.18 16.24
CA LYS A 140 51.91 -5.64 15.57
C LYS A 140 52.61 -4.53 16.35
N HIS A 141 51.84 -3.63 16.95
CA HIS A 141 52.40 -2.48 17.67
C HIS A 141 52.01 -2.54 19.14
N TRP A 142 51.31 -3.59 19.49
CA TRP A 142 50.93 -3.81 20.87
C TRP A 142 51.02 -5.31 21.15
N PRO A 143 52.24 -5.85 21.16
CA PRO A 143 52.36 -7.30 21.22
C PRO A 143 52.24 -7.85 22.63
N THR A 144 52.39 -6.98 23.64
CA THR A 144 52.34 -7.43 25.03
C THR A 144 50.98 -7.15 25.67
N PHE A 145 49.97 -6.82 24.86
CA PHE A 145 48.68 -6.38 25.39
C PHE A 145 47.98 -7.39 26.27
N ILE A 146 47.82 -8.61 25.79
CA ILE A 146 47.08 -9.62 26.53
C ILE A 146 47.77 -9.93 27.85
N SER A 147 49.09 -10.13 27.80
CA SER A 147 49.86 -10.32 29.02
C SER A 147 49.67 -9.15 29.97
N ASP A 148 49.70 -7.94 29.43
CA ASP A 148 49.60 -6.72 30.21
C ASP A 148 48.28 -6.66 30.97
N ILE A 149 47.16 -6.93 30.29
CA ILE A 149 45.86 -6.79 30.94
C ILE A 149 45.53 -7.98 31.82
N VAL A 150 45.94 -9.18 31.40
CA VAL A 150 45.74 -10.38 32.21
C VAL A 150 46.50 -10.25 33.52
N GLY A 151 47.68 -9.66 33.43
CA GLY A 151 48.47 -9.39 34.61
C GLY A 151 47.89 -8.28 35.45
N ALA A 152 47.41 -7.23 34.80
CA ALA A 152 46.84 -6.09 35.50
C ALA A 152 45.50 -6.43 36.13
N SER A 153 44.93 -7.57 35.75
CA SER A 153 43.65 -7.99 36.31
C SER A 153 43.84 -8.48 37.73
N ARG A 154 45.06 -8.97 38.01
CA ARG A 154 45.39 -9.44 39.34
C ARG A 154 45.58 -8.26 40.31
N THR A 155 45.66 -7.06 39.76
CA THR A 155 45.78 -5.85 40.56
C THR A 155 44.49 -5.58 41.34
N SER A 156 43.43 -5.22 40.61
CA SER A 156 42.16 -4.87 41.23
C SER A 156 41.04 -5.77 40.72
N GLU A 157 39.93 -5.77 41.44
CA GLU A 157 38.77 -6.56 41.04
C GLU A 157 37.91 -5.81 40.03
N SER A 158 37.76 -4.51 40.25
CA SER A 158 37.00 -3.67 39.32
C SER A 158 37.72 -3.56 37.99
N LEU A 159 39.03 -3.34 38.06
CA LEU A 159 39.89 -3.31 36.90
C LEU A 159 39.75 -4.60 36.11
N CYS A 160 39.74 -5.73 36.82
CA CYS A 160 39.57 -7.04 36.22
C CYS A 160 38.21 -7.17 35.54
N GLN A 161 37.17 -6.65 36.18
CA GLN A 161 35.81 -6.66 35.65
C GLN A 161 35.71 -5.94 34.31
N ASN A 162 36.16 -4.68 34.31
CA ASN A 162 36.19 -3.91 33.09
C ASN A 162 37.05 -4.59 32.03
N ASN A 163 38.15 -5.20 32.45
CA ASN A 163 39.03 -5.93 31.55
C ASN A 163 38.29 -7.10 30.89
N MET A 164 37.40 -7.73 31.65
CA MET A 164 36.58 -8.80 31.13
C MET A 164 35.68 -8.24 30.06
N VAL A 165 35.12 -7.06 30.33
CA VAL A 165 34.26 -6.40 29.35
C VAL A 165 35.04 -6.12 28.04
N ILE A 166 36.22 -5.56 28.19
CA ILE A 166 37.12 -5.28 27.05
C ILE A 166 37.40 -6.54 26.23
N LEU A 167 37.77 -7.62 26.90
CA LEU A 167 38.03 -8.87 26.22
C LEU A 167 36.80 -9.38 25.49
N LYS A 168 35.64 -9.25 26.11
CA LYS A 168 34.39 -9.68 25.48
C LYS A 168 34.14 -8.90 24.20
N LEU A 169 34.21 -7.58 24.31
CA LEU A 169 34.02 -6.70 23.16
C LEU A 169 34.99 -7.05 22.04
N LEU A 170 36.26 -7.24 22.39
CA LEU A 170 37.26 -7.63 21.41
C LEU A 170 36.88 -8.93 20.73
N SER A 171 36.38 -9.87 21.50
CA SER A 171 35.93 -11.14 20.96
C SER A 171 34.82 -10.93 19.94
N GLU A 172 33.86 -10.08 20.31
CA GLU A 172 32.73 -9.78 19.43
C GLU A 172 33.21 -9.17 18.11
N GLU A 173 34.14 -8.24 18.21
CA GLU A 173 34.66 -7.54 17.04
C GLU A 173 35.52 -8.42 16.14
N VAL A 174 36.21 -9.38 16.72
CA VAL A 174 37.11 -10.23 15.95
C VAL A 174 36.41 -11.45 15.36
N PHE A 175 35.58 -12.11 16.16
CA PHE A 175 34.96 -13.36 15.73
C PHE A 175 33.51 -13.24 15.25
N ASP A 176 32.76 -12.29 15.80
CA ASP A 176 31.32 -12.23 15.54
C ASP A 176 30.90 -11.19 14.51
N PHE A 177 31.63 -10.09 14.43
CA PHE A 177 31.23 -8.98 13.55
C PHE A 177 32.34 -8.52 12.64
N SER A 178 33.31 -9.39 12.38
CA SER A 178 34.47 -9.05 11.57
C SER A 178 34.09 -8.87 10.09
N SER A 179 33.05 -9.58 9.65
CA SER A 179 32.63 -9.51 8.26
C SER A 179 32.03 -8.16 7.90
N GLY A 180 32.59 -7.53 6.86
CA GLY A 180 32.10 -6.24 6.41
C GLY A 180 32.79 -5.07 7.08
N GLN A 181 33.52 -5.35 8.16
CA GLN A 181 34.24 -4.31 8.89
C GLN A 181 35.74 -4.51 8.79
N ILE A 182 36.17 -5.75 8.74
CA ILE A 182 37.58 -6.10 8.67
C ILE A 182 37.84 -6.96 7.44
N THR A 183 38.92 -6.69 6.73
CA THR A 183 39.27 -7.47 5.56
C THR A 183 39.48 -8.94 5.95
N GLN A 184 39.22 -9.83 5.01
CA GLN A 184 39.26 -11.27 5.24
C GLN A 184 40.55 -11.75 5.90
N VAL A 185 41.69 -11.40 5.29
CA VAL A 185 42.99 -11.83 5.78
C VAL A 185 43.33 -11.25 7.15
N LYS A 186 43.02 -9.97 7.36
CA LYS A 186 43.29 -9.36 8.66
C LYS A 186 42.43 -10.01 9.73
N SER A 187 41.20 -10.35 9.35
CA SER A 187 40.28 -11.06 10.23
C SER A 187 40.89 -12.40 10.65
N LYS A 188 41.34 -13.16 9.66
CA LYS A 188 41.96 -14.45 9.92
C LYS A 188 43.16 -14.29 10.86
N HIS A 189 43.95 -13.25 10.63
CA HIS A 189 45.13 -12.97 11.44
C HIS A 189 44.77 -12.69 12.90
N LEU A 190 43.80 -11.81 13.11
CA LEU A 190 43.35 -11.46 14.46
C LEU A 190 42.76 -12.67 15.18
N LYS A 191 41.97 -13.46 14.46
CA LYS A 191 41.40 -14.67 15.02
C LYS A 191 42.51 -15.61 15.46
N ASP A 192 43.52 -15.78 14.62
CA ASP A 192 44.68 -16.58 14.98
C ASP A 192 45.39 -16.06 16.22
N SER A 193 45.58 -14.75 16.29
CA SER A 193 46.24 -14.13 17.44
C SER A 193 45.47 -14.38 18.74
N MET A 194 44.15 -14.17 18.73
CA MET A 194 43.35 -14.37 19.92
C MET A 194 43.31 -15.84 20.32
N CYS A 195 43.11 -16.72 19.35
CA CYS A 195 43.04 -18.15 19.58
C CYS A 195 44.34 -18.63 20.19
N ASN A 196 45.45 -18.05 19.73
CA ASN A 196 46.77 -18.35 20.27
C ASN A 196 46.93 -17.90 21.71
N GLU A 197 46.54 -16.66 22.00
CA GLU A 197 46.76 -16.10 23.34
C GLU A 197 45.58 -16.39 24.27
N PHE A 198 44.74 -17.36 23.93
CA PHE A 198 43.52 -17.57 24.71
C PHE A 198 43.77 -18.24 26.05
N SER A 199 44.60 -19.29 26.06
CA SER A 199 44.88 -20.05 27.28
C SER A 199 45.19 -19.17 28.50
N GLN A 200 45.89 -18.08 28.25
CA GLN A 200 46.22 -17.09 29.27
C GLN A 200 44.96 -16.52 29.90
N ILE A 201 44.11 -15.98 29.02
CA ILE A 201 42.84 -15.40 29.42
C ILE A 201 41.92 -16.41 30.09
N PHE A 202 41.85 -17.61 29.53
CA PHE A 202 41.03 -18.67 30.09
C PHE A 202 41.50 -19.04 31.49
N GLN A 203 42.81 -18.94 31.73
CA GLN A 203 43.33 -19.10 33.09
C GLN A 203 42.83 -17.98 33.98
N LEU A 204 42.83 -16.75 33.45
CA LEU A 204 42.29 -15.61 34.20
C LEU A 204 40.84 -15.89 34.61
N CYS A 205 40.03 -16.30 33.65
CA CYS A 205 38.61 -16.54 33.83
C CYS A 205 38.36 -17.67 34.81
N GLN A 206 39.14 -18.74 34.68
CA GLN A 206 39.02 -19.89 35.59
C GLN A 206 39.35 -19.47 37.02
N PHE A 207 40.42 -18.71 37.17
CA PHE A 207 40.81 -18.15 38.46
C PHE A 207 39.68 -17.33 39.08
N VAL A 208 39.15 -16.38 38.31
CA VAL A 208 38.08 -15.51 38.78
C VAL A 208 36.82 -16.29 39.17
N MET A 209 36.38 -17.18 38.29
CA MET A 209 35.21 -18.01 38.57
C MET A 209 35.38 -18.85 39.83
N GLU A 210 36.55 -19.46 39.97
CA GLU A 210 36.79 -20.39 41.08
C GLU A 210 37.01 -19.68 42.41
N ASN A 211 37.48 -18.44 42.38
CA ASN A 211 37.88 -17.78 43.63
C ASN A 211 37.06 -16.57 44.04
N SER A 212 36.67 -15.72 43.08
CA SER A 212 36.09 -14.42 43.41
C SER A 212 34.71 -14.51 44.07
N GLN A 213 34.46 -13.58 44.99
CA GLN A 213 33.17 -13.46 45.65
C GLN A 213 32.47 -12.17 45.20
N ASN A 214 33.12 -11.46 44.29
CA ASN A 214 32.59 -10.22 43.72
C ASN A 214 31.55 -10.54 42.64
N ALA A 215 30.29 -10.18 42.90
CA ALA A 215 29.19 -10.54 42.01
C ALA A 215 29.25 -9.83 40.64
N PRO A 216 29.45 -8.49 40.61
CA PRO A 216 29.60 -7.86 39.29
C PRO A 216 30.71 -8.47 38.44
N LEU A 217 31.86 -8.69 39.06
CA LEU A 217 33.02 -9.27 38.38
C LEU A 217 32.70 -10.66 37.82
N VAL A 218 32.13 -11.50 38.67
CA VAL A 218 31.75 -12.85 38.27
C VAL A 218 30.78 -12.82 37.09
N HIS A 219 29.79 -11.94 37.18
CA HIS A 219 28.79 -11.84 36.12
C HIS A 219 29.41 -11.41 34.79
N ALA A 220 30.22 -10.33 34.83
CA ALA A 220 30.93 -9.89 33.64
C ALA A 220 31.75 -11.03 33.05
N THR A 221 32.40 -11.81 33.92
CA THR A 221 33.20 -12.93 33.50
C THR A 221 32.36 -13.97 32.75
N LEU A 222 31.18 -14.26 33.26
CA LEU A 222 30.27 -15.21 32.62
C LEU A 222 29.76 -14.70 31.26
N GLU A 223 29.37 -13.42 31.22
CA GLU A 223 28.91 -12.79 29.99
C GLU A 223 29.99 -12.85 28.91
N THR A 224 31.25 -12.71 29.32
CA THR A 224 32.39 -12.79 28.42
C THR A 224 32.60 -14.24 27.93
N LEU A 225 32.52 -15.14 28.89
CA LEU A 225 32.62 -16.57 28.63
C LEU A 225 31.60 -17.01 27.59
N LEU A 226 30.45 -16.34 27.53
CA LEU A 226 29.42 -16.65 26.51
C LEU A 226 29.93 -16.51 25.06
N ARG A 227 30.49 -15.35 24.74
CA ARG A 227 31.12 -15.13 23.44
C ARG A 227 32.31 -16.06 23.21
N PHE A 228 33.11 -16.24 24.24
CA PHE A 228 34.26 -17.13 24.06
C PHE A 228 33.76 -18.53 23.71
N LEU A 229 32.64 -18.92 24.32
CA LEU A 229 32.00 -20.19 23.98
C LEU A 229 31.59 -20.15 22.52
N ASN A 230 31.23 -18.97 22.03
CA ASN A 230 30.94 -18.86 20.60
C ASN A 230 32.14 -19.28 19.76
N TRP A 231 33.36 -18.98 20.20
CA TRP A 231 34.48 -19.36 19.28
C TRP A 231 35.63 -20.28 19.75
N ILE A 232 35.80 -20.52 21.06
CA ILE A 232 37.04 -21.16 21.53
C ILE A 232 37.15 -22.67 21.24
N PRO A 233 38.38 -23.21 21.26
CA PRO A 233 38.62 -24.65 21.08
C PRO A 233 37.93 -25.52 22.12
N LEU A 234 37.37 -26.64 21.68
CA LEU A 234 36.51 -27.48 22.52
C LEU A 234 37.21 -28.10 23.73
N GLY A 235 38.53 -28.12 23.71
CA GLY A 235 39.29 -28.67 24.82
C GLY A 235 39.06 -27.86 26.07
N TYR A 236 38.95 -26.54 25.92
CA TYR A 236 38.75 -25.65 27.05
C TYR A 236 37.38 -25.87 27.68
N ILE A 237 36.45 -26.40 26.90
CA ILE A 237 35.08 -26.58 27.35
C ILE A 237 34.85 -27.96 27.96
N PHE A 238 35.22 -28.99 27.22
CA PHE A 238 34.85 -30.35 27.57
C PHE A 238 35.96 -31.12 28.27
N GLU A 239 37.09 -30.48 28.52
CA GLU A 239 38.20 -31.17 29.16
C GLU A 239 38.74 -30.38 30.35
N THR A 240 37.98 -29.39 30.80
CA THR A 240 38.29 -28.66 32.02
C THR A 240 37.11 -28.74 32.98
N LYS A 241 37.25 -28.13 34.15
CA LYS A 241 36.20 -28.17 35.17
C LYS A 241 35.03 -27.26 34.82
N LEU A 242 35.17 -26.52 33.71
CA LEU A 242 34.21 -25.49 33.30
C LEU A 242 32.75 -25.88 33.47
N ILE A 243 32.31 -26.91 32.75
CA ILE A 243 30.91 -27.36 32.79
C ILE A 243 30.41 -27.58 34.23
N SER A 244 31.24 -28.25 35.02
CA SER A 244 30.93 -28.46 36.43
C SER A 244 30.83 -27.14 37.18
N THR A 245 31.84 -26.30 37.05
CA THR A 245 31.89 -25.03 37.76
C THR A 245 30.65 -24.16 37.50
N LEU A 246 30.22 -24.15 36.24
CA LEU A 246 29.01 -23.44 35.83
C LEU A 246 27.77 -24.03 36.53
N ILE A 247 27.67 -25.35 36.53
CA ILE A 247 26.48 -25.98 37.07
C ILE A 247 26.38 -25.97 38.61
N TYR A 248 27.52 -26.17 39.28
CA TYR A 248 27.54 -26.27 40.73
C TYR A 248 27.61 -24.90 41.41
N LYS A 249 28.37 -23.98 40.82
CA LYS A 249 28.62 -22.71 41.53
C LYS A 249 27.79 -21.53 41.05
N PHE A 250 27.18 -21.64 39.88
CA PHE A 250 26.55 -20.48 39.28
C PHE A 250 25.10 -20.69 38.81
N LEU A 251 24.77 -21.89 38.36
CA LEU A 251 23.47 -22.14 37.77
C LEU A 251 22.33 -21.96 38.78
N ASN A 252 22.58 -22.29 40.05
CA ASN A 252 21.52 -22.28 41.05
C ASN A 252 21.30 -20.91 41.70
N VAL A 253 22.35 -20.11 41.80
CA VAL A 253 22.22 -18.79 42.40
C VAL A 253 21.55 -17.86 41.40
N PRO A 254 20.46 -17.20 41.83
CA PRO A 254 19.56 -16.38 41.00
C PRO A 254 20.25 -15.43 40.04
N MET A 255 21.10 -14.54 40.55
CA MET A 255 21.68 -13.50 39.71
C MET A 255 22.63 -14.04 38.66
N PHE A 256 22.89 -15.35 38.68
CA PHE A 256 23.81 -15.94 37.72
C PHE A 256 23.17 -17.04 36.87
N ARG A 257 21.94 -17.41 37.24
CA ARG A 257 21.27 -18.55 36.63
C ARG A 257 21.04 -18.37 35.13
N ASN A 258 20.67 -17.17 34.71
CA ASN A 258 20.38 -16.94 33.30
C ASN A 258 21.61 -17.07 32.44
N VAL A 259 22.64 -16.27 32.74
CA VAL A 259 23.88 -16.30 31.97
C VAL A 259 24.46 -17.70 31.98
N SER A 260 24.43 -18.33 33.16
CA SER A 260 24.96 -19.67 33.30
C SER A 260 24.24 -20.65 32.39
N LEU A 261 22.91 -20.56 32.37
CA LEU A 261 22.11 -21.46 31.56
C LEU A 261 22.30 -21.21 30.06
N LYS A 262 22.56 -19.96 29.71
CA LYS A 262 22.83 -19.61 28.31
C LYS A 262 24.15 -20.21 27.85
N CYS A 263 25.18 -20.05 28.69
CA CYS A 263 26.45 -20.74 28.49
C CYS A 263 26.26 -22.24 28.29
N LEU A 264 25.48 -22.83 29.18
CA LEU A 264 25.19 -24.25 29.12
C LEU A 264 24.49 -24.62 27.82
N THR A 265 23.64 -23.74 27.31
CA THR A 265 22.91 -24.01 26.07
C THR A 265 23.86 -23.98 24.89
N GLU A 266 24.77 -23.00 24.88
CA GLU A 266 25.80 -22.94 23.85
C GLU A 266 26.63 -24.22 23.87
N ILE A 267 27.10 -24.62 25.05
CA ILE A 267 27.86 -25.86 25.17
C ILE A 267 27.05 -27.05 24.68
N ALA A 268 25.76 -27.07 25.01
CA ALA A 268 24.87 -28.17 24.66
C ALA A 268 24.64 -28.24 23.15
N GLY A 269 24.83 -27.10 22.48
CA GLY A 269 24.65 -27.04 21.04
C GLY A 269 25.70 -27.79 20.24
N VAL A 270 26.87 -28.00 20.83
CA VAL A 270 27.99 -28.62 20.13
C VAL A 270 27.71 -30.08 19.80
N SER A 271 27.94 -30.45 18.55
CA SER A 271 27.74 -31.84 18.10
C SER A 271 29.08 -32.52 17.81
N VAL A 272 29.59 -33.25 18.80
CA VAL A 272 30.93 -33.82 18.70
C VAL A 272 30.99 -35.23 19.31
N SER A 273 31.66 -36.13 18.60
CA SER A 273 31.66 -37.54 18.93
C SER A 273 32.44 -37.93 20.19
N GLN A 274 33.40 -37.09 20.58
CA GLN A 274 34.37 -37.51 21.59
C GLN A 274 33.96 -37.24 23.05
N TYR A 275 32.93 -36.43 23.26
CA TYR A 275 32.62 -35.98 24.62
C TYR A 275 31.26 -36.46 25.14
N GLU A 276 30.84 -37.64 24.66
CA GLU A 276 29.56 -38.24 25.05
C GLU A 276 29.34 -38.17 26.57
N GLU A 277 30.29 -38.70 27.33
CA GLU A 277 30.17 -38.71 28.78
C GLU A 277 30.03 -37.30 29.35
N GLN A 278 30.84 -36.37 28.84
CA GLN A 278 30.77 -35.00 29.32
C GLN A 278 29.37 -34.46 29.07
N PHE A 279 28.81 -34.80 27.92
CA PHE A 279 27.48 -34.34 27.58
C PHE A 279 26.47 -34.90 28.57
N VAL A 280 26.61 -36.19 28.87
CA VAL A 280 25.68 -36.85 29.78
C VAL A 280 25.78 -36.12 31.11
N THR A 281 27.00 -35.78 31.47
CA THR A 281 27.24 -35.14 32.76
C THR A 281 26.47 -33.84 32.75
N LEU A 282 26.68 -33.09 31.67
CA LEU A 282 26.08 -31.80 31.46
C LEU A 282 24.59 -31.89 31.68
N PHE A 283 23.97 -32.90 31.11
CA PHE A 283 22.51 -32.98 31.18
C PHE A 283 22.11 -33.23 32.62
N THR A 284 22.73 -34.25 33.21
CA THR A 284 22.32 -34.74 34.52
C THR A 284 22.38 -33.60 35.53
N LEU A 285 23.55 -32.99 35.61
CA LEU A 285 23.79 -31.97 36.61
C LEU A 285 22.89 -30.78 36.31
N THR A 286 22.72 -30.44 35.04
CA THR A 286 21.94 -29.24 34.72
C THR A 286 20.53 -29.51 35.22
N MET A 287 20.05 -30.74 34.98
CA MET A 287 18.70 -31.07 35.34
C MET A 287 18.57 -30.94 36.84
N MET A 288 19.56 -31.45 37.56
CA MET A 288 19.43 -31.54 39.00
C MET A 288 19.44 -30.13 39.58
N GLN A 289 19.99 -29.18 38.84
CA GLN A 289 20.02 -27.82 39.34
C GLN A 289 18.71 -27.13 38.99
N LEU A 290 18.19 -27.46 37.81
CA LEU A 290 16.95 -26.84 37.33
C LEU A 290 15.80 -27.14 38.27
N LYS A 291 15.71 -28.39 38.69
CA LYS A 291 14.63 -28.83 39.56
C LYS A 291 14.63 -28.09 40.89
N GLN A 292 15.72 -27.43 41.22
CA GLN A 292 15.78 -26.69 42.48
C GLN A 292 15.13 -25.32 42.33
N MET A 293 15.29 -24.73 41.15
CA MET A 293 14.84 -23.35 40.95
C MET A 293 13.47 -23.32 40.30
N LEU A 294 13.18 -24.36 39.55
CA LEU A 294 11.87 -24.53 38.94
C LEU A 294 11.35 -25.93 39.17
N PRO A 295 10.86 -26.20 40.40
CA PRO A 295 10.36 -27.53 40.76
C PRO A 295 9.27 -27.99 39.81
N LEU A 296 9.21 -29.29 39.53
CA LEU A 296 8.27 -29.82 38.56
C LEU A 296 6.81 -29.72 39.02
N ASN A 297 6.61 -29.26 40.23
CA ASN A 297 5.26 -29.05 40.77
C ASN A 297 4.74 -27.66 40.44
N THR A 298 5.51 -26.92 39.66
CA THR A 298 5.17 -25.53 39.35
C THR A 298 4.22 -25.42 38.16
N ASN A 299 3.24 -24.53 38.28
CA ASN A 299 2.45 -24.11 37.13
C ASN A 299 3.29 -23.11 36.34
N ILE A 300 4.02 -23.62 35.34
CA ILE A 300 4.93 -22.78 34.57
C ILE A 300 4.15 -21.76 33.75
N ARG A 301 2.92 -22.11 33.39
CA ARG A 301 2.06 -21.16 32.68
C ARG A 301 1.78 -19.92 33.54
N LEU A 302 1.43 -20.16 34.80
CA LEU A 302 1.17 -19.08 35.74
C LEU A 302 2.48 -18.43 36.18
N ALA A 303 3.48 -19.25 36.44
CA ALA A 303 4.79 -18.76 36.87
C ALA A 303 5.38 -17.80 35.83
N TYR A 304 5.07 -18.06 34.57
CA TYR A 304 5.49 -17.18 33.49
C TYR A 304 4.60 -15.96 33.42
N SER A 305 3.28 -16.19 33.51
CA SER A 305 2.30 -15.11 33.37
C SER A 305 2.49 -14.00 34.41
N ASN A 306 2.57 -14.38 35.67
CA ASN A 306 2.75 -13.41 36.76
C ASN A 306 4.19 -12.94 36.85
N GLY A 307 5.11 -13.84 36.53
CA GLY A 307 6.54 -13.64 36.78
C GLY A 307 7.19 -12.39 36.24
N LYS A 308 8.31 -12.01 36.86
CA LYS A 308 9.06 -10.84 36.43
C LYS A 308 9.90 -11.18 35.19
N ASP A 309 10.55 -10.18 34.61
CA ASP A 309 11.28 -10.34 33.36
C ASP A 309 12.35 -11.43 33.40
N ASP A 310 13.10 -11.50 34.50
CA ASP A 310 14.17 -12.48 34.61
C ASP A 310 13.63 -13.90 34.80
N GLU A 311 12.45 -14.00 35.40
CA GLU A 311 11.78 -15.29 35.56
C GLU A 311 11.35 -15.83 34.21
N GLN A 312 10.74 -14.94 33.43
CA GLN A 312 10.31 -15.26 32.08
C GLN A 312 11.50 -15.65 31.21
N ASN A 313 12.54 -14.83 31.30
CA ASN A 313 13.78 -15.10 30.60
C ASN A 313 14.34 -16.48 30.98
N PHE A 314 14.26 -16.82 32.26
CA PHE A 314 14.77 -18.10 32.70
C PHE A 314 13.95 -19.26 32.13
N ILE A 315 12.63 -19.07 32.04
CA ILE A 315 11.77 -20.11 31.47
C ILE A 315 12.06 -20.32 29.98
N GLN A 316 12.20 -19.21 29.26
CA GLN A 316 12.56 -19.28 27.84
C GLN A 316 13.92 -19.95 27.64
N ASN A 317 14.90 -19.51 28.43
CA ASN A 317 16.26 -20.06 28.36
C ASN A 317 16.24 -21.54 28.66
N LEU A 318 15.38 -21.95 29.57
CA LEU A 318 15.20 -23.34 29.93
C LEU A 318 14.69 -24.14 28.73
N SER A 319 13.64 -23.63 28.09
CA SER A 319 13.09 -24.28 26.91
C SER A 319 14.16 -24.41 25.82
N LEU A 320 14.97 -23.37 25.69
CA LEU A 320 16.07 -23.38 24.73
C LEU A 320 17.07 -24.48 25.04
N PHE A 321 17.50 -24.55 26.31
CA PHE A 321 18.46 -25.56 26.73
C PHE A 321 17.96 -26.97 26.46
N LEU A 322 16.74 -27.25 26.92
CA LEU A 322 16.19 -28.59 26.75
C LEU A 322 15.97 -28.94 25.29
N CYS A 323 15.46 -27.98 24.51
CA CYS A 323 15.21 -28.23 23.10
C CYS A 323 16.50 -28.52 22.36
N THR A 324 17.48 -27.62 22.53
CA THR A 324 18.79 -27.76 21.93
C THR A 324 19.43 -29.11 22.26
N PHE A 325 19.59 -29.35 23.56
CA PHE A 325 20.27 -30.56 24.02
C PHE A 325 19.56 -31.80 23.53
N LEU A 326 18.23 -31.84 23.66
CA LEU A 326 17.52 -33.05 23.27
C LEU A 326 17.62 -33.29 21.78
N LYS A 327 17.48 -32.23 20.98
CA LYS A 327 17.58 -32.35 19.53
C LYS A 327 18.96 -32.88 19.11
N GLU A 328 20.01 -32.42 19.78
CA GLU A 328 21.35 -32.80 19.36
C GLU A 328 21.85 -34.13 19.99
N HIS A 329 21.28 -34.51 21.12
CA HIS A 329 21.82 -35.63 21.90
C HIS A 329 20.79 -36.54 22.58
N ASP A 330 19.57 -36.62 22.05
CA ASP A 330 18.56 -37.49 22.65
C ASP A 330 19.04 -38.94 22.71
N GLN A 331 19.66 -39.39 21.64
CA GLN A 331 20.16 -40.76 21.52
C GLN A 331 21.05 -41.17 22.70
N LEU A 332 21.93 -40.26 23.12
CA LEU A 332 22.84 -40.52 24.22
C LEU A 332 22.11 -40.96 25.48
N ILE A 333 21.10 -40.18 25.85
CA ILE A 333 20.33 -40.43 27.06
C ILE A 333 19.35 -41.59 26.90
N GLU A 334 18.86 -41.78 25.67
CA GLU A 334 17.97 -42.90 25.37
C GLU A 334 18.61 -44.25 25.71
N LYS A 335 19.90 -44.40 25.41
CA LYS A 335 20.58 -45.67 25.61
C LYS A 335 21.26 -45.75 26.99
N ARG A 336 20.60 -45.20 27.99
CA ARG A 336 21.06 -45.28 29.39
C ARG A 336 19.86 -45.35 30.33
N LEU A 337 19.48 -46.56 30.72
CA LEU A 337 18.30 -46.78 31.56
C LEU A 337 18.38 -45.98 32.84
N ASN A 338 19.59 -45.90 33.40
CA ASN A 338 19.84 -45.17 34.62
C ASN A 338 19.55 -43.67 34.51
N LEU A 339 19.13 -43.23 33.34
CA LEU A 339 18.82 -41.82 33.12
C LEU A 339 17.33 -41.57 32.81
N ARG A 340 16.53 -42.65 32.79
CA ARG A 340 15.10 -42.56 32.49
C ARG A 340 14.42 -41.40 33.21
N GLU A 341 14.47 -41.44 34.54
CA GLU A 341 13.86 -40.43 35.39
C GLU A 341 14.22 -39.01 34.95
N THR A 342 15.49 -38.81 34.58
CA THR A 342 15.93 -37.50 34.14
C THR A 342 15.32 -37.15 32.79
N LEU A 343 15.43 -38.08 31.85
CA LEU A 343 14.84 -37.90 30.52
C LEU A 343 13.37 -37.50 30.64
N MET A 344 12.61 -38.34 31.35
CA MET A 344 11.22 -38.03 31.66
C MET A 344 11.07 -36.62 32.22
N GLU A 345 11.86 -36.30 33.23
CA GLU A 345 11.78 -34.98 33.86
C GLU A 345 11.92 -33.92 32.78
N ALA A 346 12.92 -34.07 31.91
CA ALA A 346 13.15 -33.12 30.83
C ALA A 346 11.88 -32.97 30.01
N LEU A 347 11.35 -34.10 29.55
CA LEU A 347 10.11 -34.10 28.77
C LEU A 347 8.98 -33.48 29.57
N HIS A 348 8.92 -33.82 30.85
CA HIS A 348 7.89 -33.28 31.73
C HIS A 348 8.01 -31.78 31.73
N TYR A 349 9.25 -31.30 31.90
CA TYR A 349 9.53 -29.86 31.86
C TYR A 349 8.97 -29.27 30.58
N MET A 350 9.27 -29.93 29.45
CA MET A 350 8.83 -29.44 28.17
C MET A 350 7.33 -29.27 28.18
N LEU A 351 6.63 -30.29 28.67
CA LEU A 351 5.17 -30.24 28.68
C LEU A 351 4.70 -29.05 29.49
N LEU A 352 5.31 -28.85 30.65
CA LEU A 352 4.91 -27.74 31.48
C LEU A 352 5.14 -26.43 30.72
N VAL A 353 6.31 -26.32 30.11
CA VAL A 353 6.68 -25.11 29.39
C VAL A 353 5.73 -24.88 28.23
N SER A 354 5.22 -25.97 27.69
CA SER A 354 4.34 -25.86 26.52
C SER A 354 3.01 -25.17 26.87
N GLU A 355 2.59 -25.27 28.13
CA GLU A 355 1.28 -24.74 28.47
C GLU A 355 1.36 -23.21 28.61
N VAL A 356 2.58 -22.67 28.57
CA VAL A 356 2.81 -21.25 28.65
C VAL A 356 2.16 -20.52 27.47
N GLU A 357 1.39 -19.48 27.77
CA GLU A 357 0.70 -18.73 26.72
C GLU A 357 1.59 -17.61 26.20
N GLU A 358 2.50 -17.97 25.30
CA GLU A 358 3.42 -17.05 24.67
C GLU A 358 3.95 -17.73 23.43
N THR A 359 3.57 -17.23 22.27
CA THR A 359 3.80 -17.92 21.00
C THR A 359 5.27 -18.25 20.71
N GLU A 360 6.18 -17.39 21.16
CA GLU A 360 7.60 -17.63 20.91
C GLU A 360 8.07 -18.88 21.64
N ILE A 361 7.80 -18.93 22.94
CA ILE A 361 8.12 -20.08 23.76
C ILE A 361 7.48 -21.36 23.21
N PHE A 362 6.22 -21.24 22.83
CA PHE A 362 5.51 -22.39 22.31
C PHE A 362 6.09 -22.87 20.99
N LYS A 363 6.61 -21.94 20.18
CA LYS A 363 7.25 -22.31 18.93
C LYS A 363 8.56 -23.04 19.22
N ILE A 364 9.28 -22.56 20.24
CA ILE A 364 10.48 -23.22 20.71
C ILE A 364 10.20 -24.67 21.11
N CYS A 365 9.12 -24.89 21.87
CA CYS A 365 8.75 -26.24 22.30
C CYS A 365 8.27 -27.11 21.14
N LEU A 366 7.41 -26.54 20.30
CA LEU A 366 6.84 -27.24 19.16
C LEU A 366 7.94 -27.68 18.19
N GLU A 367 9.02 -26.92 18.15
CA GLU A 367 10.17 -27.29 17.33
C GLU A 367 10.65 -28.67 17.75
N TYR A 368 10.85 -28.83 19.06
CA TYR A 368 11.27 -30.10 19.62
C TYR A 368 10.22 -31.19 19.45
N TRP A 369 8.93 -30.85 19.66
CA TRP A 369 7.90 -31.87 19.52
C TRP A 369 7.88 -32.41 18.09
N ASN A 370 8.01 -31.51 17.13
CA ASN A 370 8.04 -31.91 15.73
C ASN A 370 9.29 -32.74 15.42
N HIS A 371 10.39 -32.39 16.07
CA HIS A 371 11.60 -33.20 15.97
C HIS A 371 11.34 -34.64 16.42
N LEU A 372 10.79 -34.78 17.62
CA LEU A 372 10.51 -36.09 18.21
C LEU A 372 9.56 -36.91 17.35
N ALA A 373 8.45 -36.29 16.95
CA ALA A 373 7.46 -36.97 16.14
C ALA A 373 8.04 -37.41 14.81
N ALA A 374 8.88 -36.55 14.21
CA ALA A 374 9.55 -36.86 12.95
C ALA A 374 10.49 -38.06 13.10
N GLU A 375 11.31 -38.03 14.16
CA GLU A 375 12.24 -39.11 14.44
C GLU A 375 11.52 -40.44 14.59
N LEU A 376 10.55 -40.47 15.50
CA LEU A 376 9.78 -41.68 15.76
C LEU A 376 9.06 -42.16 14.50
N TYR A 377 8.66 -41.22 13.65
CA TYR A 377 8.01 -41.57 12.39
C TYR A 377 8.97 -42.24 11.42
N ARG A 378 10.20 -41.72 11.33
CA ARG A 378 11.20 -42.29 10.43
C ARG A 378 11.70 -43.64 10.96
N GLU A 379 11.68 -43.82 12.27
CA GLU A 379 12.01 -45.10 12.87
C GLU A 379 11.05 -46.17 12.37
N SER A 380 9.75 -45.87 12.48
CA SER A 380 8.69 -46.73 11.96
C SER A 380 7.41 -45.94 11.77
N PRO A 381 6.84 -45.99 10.56
CA PRO A 381 5.65 -45.21 10.20
C PRO A 381 4.33 -45.94 10.43
N PHE A 382 4.35 -47.05 11.16
CA PHE A 382 3.14 -47.85 11.34
C PHE A 382 2.57 -47.70 12.75
N SER A 383 1.26 -47.88 12.88
CA SER A 383 0.57 -47.68 14.15
C SER A 383 0.88 -48.77 15.18
N THR A 384 0.18 -48.70 16.31
CA THR A 384 0.36 -49.61 17.45
C THR A 384 0.40 -51.08 17.03
N ASP A 397 7.00 -56.16 18.55
CA ASP A 397 6.07 -55.52 17.63
C ASP A 397 6.17 -53.99 17.76
N VAL A 398 6.72 -53.53 18.87
CA VAL A 398 6.88 -52.11 19.11
C VAL A 398 8.35 -51.71 18.97
N PRO A 399 8.61 -50.66 18.16
CA PRO A 399 9.96 -50.09 18.02
C PRO A 399 10.52 -49.59 19.35
N PRO A 400 11.85 -49.66 19.53
CA PRO A 400 12.52 -49.30 20.79
C PRO A 400 12.37 -47.83 21.19
N ARG A 401 12.85 -46.91 20.35
CA ARG A 401 12.80 -45.47 20.67
C ARG A 401 11.37 -45.03 21.02
N ARG A 402 10.41 -45.54 20.25
CA ARG A 402 9.01 -45.22 20.49
C ARG A 402 8.56 -45.76 21.83
N GLN A 403 8.97 -46.98 22.14
CA GLN A 403 8.63 -47.61 23.41
C GLN A 403 9.19 -46.78 24.56
N LEU A 404 10.30 -46.09 24.31
CA LEU A 404 10.86 -45.19 25.31
C LEU A 404 9.93 -44.03 25.56
N TYR A 405 9.35 -43.50 24.47
CA TYR A 405 8.51 -42.31 24.63
C TYR A 405 7.00 -42.58 24.76
N LEU A 406 6.62 -43.85 24.86
CA LEU A 406 5.21 -44.23 24.95
C LEU A 406 4.45 -43.62 26.15
N PRO A 407 5.09 -43.52 27.33
CA PRO A 407 4.36 -42.89 28.44
C PRO A 407 3.93 -41.43 28.25
N MET A 408 4.37 -40.73 27.22
CA MET A 408 4.07 -39.30 27.10
C MET A 408 3.56 -38.81 25.72
N LEU A 409 3.65 -39.68 24.72
CA LEU A 409 3.26 -39.31 23.37
C LEU A 409 1.82 -38.82 23.30
N PHE A 410 0.93 -39.48 24.02
CA PHE A 410 -0.47 -39.11 24.00
C PHE A 410 -0.69 -37.73 24.61
N LYS A 411 0.23 -37.33 25.50
CA LYS A 411 0.19 -35.99 26.06
C LYS A 411 0.56 -34.98 25.00
N VAL A 412 1.45 -35.40 24.09
CA VAL A 412 1.77 -34.52 22.95
C VAL A 412 0.63 -34.42 21.93
N ARG A 413 0.00 -35.54 21.60
CA ARG A 413 -1.19 -35.52 20.74
C ARG A 413 -2.25 -34.61 21.36
N LEU A 414 -2.44 -34.78 22.66
CA LEU A 414 -3.41 -34.00 23.42
C LEU A 414 -3.07 -32.52 23.34
N LEU A 415 -1.78 -32.21 23.42
CA LEU A 415 -1.31 -30.84 23.31
C LEU A 415 -1.63 -30.22 21.94
N MET A 416 -1.31 -30.97 20.88
CA MET A 416 -1.56 -30.51 19.52
C MET A 416 -3.04 -30.25 19.27
N VAL A 417 -3.87 -31.21 19.67
CA VAL A 417 -5.32 -31.07 19.48
C VAL A 417 -5.85 -29.90 20.32
N SER A 418 -5.35 -29.77 21.54
CA SER A 418 -5.84 -28.76 22.48
C SER A 418 -5.45 -27.33 22.12
N ARG A 419 -4.28 -27.17 21.51
CA ARG A 419 -3.77 -25.82 21.26
C ARG A 419 -3.58 -25.50 19.77
N MET A 420 -4.23 -26.28 18.90
CA MET A 420 -4.10 -26.12 17.46
C MET A 420 -4.40 -24.69 17.01
N ALA A 421 -3.48 -24.11 16.23
CA ALA A 421 -3.60 -22.75 15.74
C ALA A 421 -4.63 -22.66 14.63
N LYS A 422 -5.13 -21.44 14.36
CA LYS A 422 -6.09 -21.24 13.29
C LYS A 422 -5.48 -21.58 11.92
N PRO A 423 -6.24 -22.29 11.08
CA PRO A 423 -5.75 -22.82 9.80
C PRO A 423 -5.39 -21.73 8.78
N GLU A 424 -6.24 -20.71 8.64
CA GLU A 424 -5.95 -19.62 7.70
C GLU A 424 -6.03 -18.27 8.39
N GLU A 425 -5.49 -17.24 7.75
CA GLU A 425 -5.54 -15.91 8.33
C GLU A 425 -6.22 -14.92 7.40
N VAL A 426 -7.45 -14.58 7.74
CA VAL A 426 -8.23 -13.60 7.00
C VAL A 426 -8.00 -12.22 7.60
N LEU A 427 -7.93 -11.20 6.74
CA LEU A 427 -7.61 -9.86 7.20
C LEU A 427 -8.44 -8.81 6.47
N VAL A 428 -9.04 -7.88 7.21
CA VAL A 428 -9.79 -6.79 6.58
C VAL A 428 -8.84 -5.69 6.14
N VAL A 429 -8.72 -5.50 4.83
CA VAL A 429 -7.77 -4.53 4.29
C VAL A 429 -8.44 -3.55 3.33
N GLU A 430 -8.21 -2.25 3.50
CA GLU A 430 -8.73 -1.30 2.54
C GLU A 430 -7.72 -1.05 1.41
N ASN A 431 -8.22 -1.14 0.18
CA ASN A 431 -7.45 -1.05 -1.05
C ASN A 431 -6.77 0.33 -1.23
N ASP A 432 -6.00 0.48 -2.31
CA ASP A 432 -5.48 1.79 -2.73
C ASP A 432 -6.65 2.76 -2.90
N GLN A 433 -7.79 2.21 -3.30
CA GLN A 433 -9.04 2.94 -3.37
C GLN A 433 -9.84 2.68 -2.10
N GLY A 434 -11.12 3.03 -2.11
CA GLY A 434 -11.91 2.99 -0.89
C GLY A 434 -12.22 1.60 -0.37
N GLU A 435 -12.34 0.64 -1.27
CA GLU A 435 -12.91 -0.68 -0.97
C GLU A 435 -12.22 -1.44 0.15
N VAL A 436 -13.00 -1.92 1.11
CA VAL A 436 -12.52 -2.81 2.14
C VAL A 436 -12.74 -4.26 1.72
N VAL A 437 -11.65 -4.94 1.40
CA VAL A 437 -11.73 -6.32 0.95
C VAL A 437 -11.15 -7.28 1.99
N ARG A 438 -11.46 -8.56 1.81
CA ARG A 438 -10.92 -9.62 2.65
C ARG A 438 -9.69 -10.20 2.00
N GLU A 439 -8.55 -10.01 2.65
CA GLU A 439 -7.26 -10.46 2.16
C GLU A 439 -6.80 -11.67 2.96
N PHE A 440 -6.61 -12.80 2.26
CA PHE A 440 -6.08 -14.00 2.90
C PHE A 440 -4.56 -13.99 2.89
N MET A 441 -3.96 -13.88 4.07
CA MET A 441 -2.50 -13.94 4.18
C MET A 441 -2.03 -15.32 3.78
N LYS A 442 -0.96 -15.39 2.99
CA LYS A 442 -0.53 -16.67 2.44
C LYS A 442 0.64 -17.29 3.21
N ASP A 443 1.60 -16.46 3.60
CA ASP A 443 2.80 -16.97 4.25
C ASP A 443 3.23 -16.11 5.42
N THR A 444 2.82 -16.49 6.63
CA THR A 444 3.13 -15.73 7.83
C THR A 444 3.60 -16.65 8.95
N ASP A 445 3.98 -16.05 10.07
CA ASP A 445 4.49 -16.80 11.21
C ASP A 445 3.39 -17.67 11.82
N SER A 446 2.17 -17.14 11.84
CA SER A 446 1.04 -17.84 12.42
C SER A 446 0.62 -19.06 11.59
N ILE A 447 0.57 -18.89 10.28
CA ILE A 447 0.24 -19.99 9.39
C ILE A 447 1.35 -21.03 9.39
N ASN A 448 2.58 -20.58 9.59
CA ASN A 448 3.71 -21.49 9.72
C ASN A 448 3.56 -22.32 10.99
N LEU A 449 3.20 -21.64 12.07
CA LEU A 449 2.86 -22.29 13.33
C LEU A 449 1.82 -23.38 13.13
N TYR A 450 0.75 -23.03 12.42
CA TYR A 450 -0.29 -24.01 12.13
C TYR A 450 0.24 -25.20 11.35
N LYS A 451 0.97 -24.93 10.27
CA LYS A 451 1.51 -26.00 9.42
C LYS A 451 2.40 -26.95 10.21
N ASN A 452 3.14 -26.39 11.17
CA ASN A 452 4.02 -27.20 12.01
C ASN A 452 3.24 -28.06 13.00
N MET A 453 2.20 -27.48 13.61
CA MET A 453 1.35 -28.24 14.51
C MET A 453 0.64 -29.37 13.77
N ARG A 454 0.15 -29.06 12.56
CA ARG A 454 -0.47 -30.05 11.69
C ARG A 454 0.50 -31.17 11.33
N GLU A 455 1.74 -30.79 11.05
CA GLU A 455 2.78 -31.76 10.70
C GLU A 455 3.06 -32.72 11.87
N THR A 456 3.26 -32.14 13.05
CA THR A 456 3.50 -32.92 14.25
C THR A 456 2.34 -33.87 14.52
N LEU A 457 1.12 -33.32 14.47
CA LEU A 457 -0.07 -34.10 14.77
C LEU A 457 -0.30 -35.21 13.75
N VAL A 458 0.08 -34.98 12.50
CA VAL A 458 -0.04 -36.00 11.46
C VAL A 458 0.96 -37.13 11.71
N TYR A 459 2.20 -36.75 12.02
CA TYR A 459 3.21 -37.72 12.47
C TYR A 459 2.63 -38.63 13.54
N LEU A 460 2.22 -38.00 14.64
CA LEU A 460 1.69 -38.71 15.80
C LEU A 460 0.42 -39.52 15.46
N THR A 461 -0.34 -39.04 14.48
CA THR A 461 -1.55 -39.73 14.07
C THR A 461 -1.19 -41.04 13.39
N HIS A 462 -0.16 -41.01 12.54
CA HIS A 462 0.29 -42.25 11.91
C HIS A 462 0.83 -43.22 12.94
N LEU A 463 1.52 -42.69 13.95
CA LEU A 463 2.04 -43.56 15.00
C LEU A 463 0.93 -44.31 15.75
N ASP A 464 -0.28 -43.76 15.72
CA ASP A 464 -1.43 -44.36 16.41
C ASP A 464 -2.76 -43.73 15.97
N TYR A 465 -3.46 -44.38 15.05
CA TYR A 465 -4.75 -43.90 14.57
C TYR A 465 -5.79 -43.92 15.71
N VAL A 466 -5.77 -45.03 16.45
CA VAL A 466 -6.71 -45.26 17.54
C VAL A 466 -6.66 -44.16 18.59
N ASP A 467 -5.45 -43.83 19.05
CA ASP A 467 -5.25 -42.85 20.10
C ASP A 467 -5.72 -41.46 19.66
N THR A 468 -5.49 -41.13 18.39
CA THR A 468 -5.86 -39.81 17.88
C THR A 468 -7.38 -39.67 17.78
N GLU A 469 -8.02 -40.63 17.11
CA GLU A 469 -9.47 -40.59 16.98
C GLU A 469 -10.11 -40.60 18.36
N ARG A 470 -9.52 -41.36 19.27
CA ARG A 470 -10.03 -41.42 20.62
C ARG A 470 -9.94 -40.08 21.33
N ILE A 471 -8.80 -39.43 21.18
CA ILE A 471 -8.62 -38.11 21.77
C ILE A 471 -9.66 -37.13 21.25
N MET A 472 -9.77 -37.03 19.93
CA MET A 472 -10.68 -36.06 19.31
C MET A 472 -12.13 -36.36 19.67
N THR A 473 -12.48 -37.64 19.69
CA THR A 473 -13.83 -38.05 20.04
C THR A 473 -14.15 -37.68 21.49
N GLU A 474 -13.17 -37.84 22.37
CA GLU A 474 -13.34 -37.42 23.76
C GLU A 474 -13.52 -35.90 23.86
N LYS A 475 -12.77 -35.15 23.06
CA LYS A 475 -12.87 -33.69 23.06
C LYS A 475 -14.27 -33.27 22.63
N LEU A 476 -14.79 -33.96 21.61
CA LEU A 476 -16.10 -33.65 21.07
C LEU A 476 -17.19 -34.01 22.09
N HIS A 477 -17.00 -35.14 22.77
CA HIS A 477 -17.86 -35.51 23.88
C HIS A 477 -17.89 -34.39 24.90
N ASN A 478 -16.71 -33.87 25.23
CA ASN A 478 -16.59 -32.78 26.19
C ASN A 478 -17.21 -31.48 25.68
N GLN A 479 -17.39 -31.37 24.37
CA GLN A 479 -18.12 -30.24 23.83
C GLN A 479 -19.62 -30.45 24.05
N VAL A 480 -20.06 -31.69 23.86
CA VAL A 480 -21.48 -32.01 23.99
C VAL A 480 -21.97 -31.94 25.44
N ASN A 481 -21.21 -32.51 26.37
CA ASN A 481 -21.59 -32.49 27.77
C ASN A 481 -21.18 -31.20 28.49
N GLY A 482 -20.76 -30.22 27.71
CA GLY A 482 -20.55 -28.88 28.20
C GLY A 482 -19.42 -28.68 29.18
N THR A 483 -18.57 -29.69 29.34
CA THR A 483 -17.46 -29.61 30.29
C THR A 483 -16.36 -28.69 29.77
N GLU A 484 -16.08 -28.78 28.47
CA GLU A 484 -15.05 -27.96 27.84
C GLU A 484 -15.64 -27.08 26.75
N TRP A 485 -16.93 -26.77 26.87
CA TRP A 485 -17.63 -26.01 25.83
C TRP A 485 -17.31 -24.53 25.84
N SER A 486 -16.79 -24.08 24.71
CA SER A 486 -16.47 -22.68 24.48
C SER A 486 -16.34 -22.56 22.97
N TRP A 487 -16.66 -21.39 22.43
CA TRP A 487 -16.50 -21.18 20.99
C TRP A 487 -15.06 -21.45 20.57
N LYS A 488 -14.13 -20.91 21.36
CA LYS A 488 -12.70 -21.10 21.12
C LYS A 488 -12.33 -22.59 21.09
N ASN A 489 -12.76 -23.33 22.11
CA ASN A 489 -12.41 -24.74 22.25
C ASN A 489 -12.96 -25.62 21.12
N LEU A 490 -14.22 -25.37 20.77
CA LEU A 490 -14.85 -26.06 19.64
C LEU A 490 -14.10 -25.77 18.34
N ASN A 491 -13.81 -24.48 18.12
CA ASN A 491 -13.05 -24.07 16.93
C ASN A 491 -11.73 -24.82 16.85
N THR A 492 -10.99 -24.81 17.96
CA THR A 492 -9.70 -25.47 18.03
C THR A 492 -9.79 -26.96 17.69
N LEU A 493 -10.76 -27.62 18.32
CA LEU A 493 -10.99 -29.04 18.08
C LEU A 493 -11.22 -29.32 16.61
N CYS A 494 -12.10 -28.53 15.98
CA CYS A 494 -12.43 -28.77 14.58
C CYS A 494 -11.26 -28.44 13.65
N TRP A 495 -10.48 -27.44 14.04
CA TRP A 495 -9.25 -27.11 13.32
C TRP A 495 -8.32 -28.30 13.33
N ALA A 496 -8.22 -28.98 14.48
CA ALA A 496 -7.39 -30.18 14.58
C ALA A 496 -7.94 -31.31 13.71
N ILE A 497 -9.23 -31.59 13.87
CA ILE A 497 -9.93 -32.60 13.09
C ILE A 497 -9.67 -32.44 11.60
N GLY A 498 -9.78 -31.20 11.11
CA GLY A 498 -9.51 -30.91 9.73
C GLY A 498 -8.02 -31.03 9.41
N SER A 499 -7.19 -30.72 10.40
CA SER A 499 -5.74 -30.71 10.20
C SER A 499 -5.20 -32.11 9.90
N ILE A 500 -5.84 -33.14 10.44
CA ILE A 500 -5.36 -34.51 10.17
C ILE A 500 -6.02 -35.14 8.95
N SER A 501 -6.57 -34.33 8.06
CA SER A 501 -7.24 -34.85 6.88
C SER A 501 -6.28 -35.63 5.98
N GLY A 502 -6.67 -36.83 5.60
CA GLY A 502 -5.88 -37.66 4.71
C GLY A 502 -4.91 -38.58 5.43
N ALA A 503 -4.74 -38.37 6.73
CA ALA A 503 -3.78 -39.14 7.51
C ALA A 503 -4.27 -40.56 7.80
N MET A 504 -5.59 -40.75 7.80
CA MET A 504 -6.17 -42.06 8.05
C MET A 504 -6.56 -42.74 6.75
N HIS A 505 -6.73 -44.06 6.81
CA HIS A 505 -7.22 -44.80 5.65
C HIS A 505 -8.68 -44.41 5.37
N GLU A 506 -9.06 -44.45 4.11
CA GLU A 506 -10.34 -43.88 3.66
C GLU A 506 -11.56 -44.45 4.37
N GLU A 507 -11.58 -45.76 4.59
CA GLU A 507 -12.69 -46.39 5.29
C GLU A 507 -12.69 -46.01 6.77
N ASP A 508 -11.50 -45.97 7.36
CA ASP A 508 -11.33 -45.48 8.72
C ASP A 508 -11.79 -44.03 8.81
N GLU A 509 -11.33 -43.21 7.85
CA GLU A 509 -11.66 -41.80 7.80
C GLU A 509 -13.17 -41.58 7.72
N LYS A 510 -13.83 -42.41 6.91
CA LYS A 510 -15.29 -42.35 6.76
C LYS A 510 -15.98 -42.70 8.07
N ARG A 511 -15.57 -43.83 8.65
CA ARG A 511 -16.10 -44.30 9.92
C ARG A 511 -15.98 -43.24 11.01
N PHE A 512 -14.87 -42.52 11.01
CA PHE A 512 -14.60 -41.49 12.02
C PHE A 512 -15.42 -40.24 11.75
N LEU A 513 -15.47 -39.84 10.48
CA LEU A 513 -16.23 -38.65 10.08
C LEU A 513 -17.71 -38.79 10.40
N VAL A 514 -18.32 -39.89 10.00
CA VAL A 514 -19.72 -40.17 10.29
C VAL A 514 -20.04 -39.84 11.76
N THR A 515 -19.21 -40.35 12.66
CA THR A 515 -19.34 -40.07 14.08
C THR A 515 -19.22 -38.58 14.35
N VAL A 516 -18.19 -37.95 13.80
CA VAL A 516 -17.94 -36.53 14.03
C VAL A 516 -19.10 -35.61 13.62
N ILE A 517 -19.56 -35.71 12.37
CA ILE A 517 -20.65 -34.87 11.90
C ILE A 517 -21.99 -35.27 12.54
N LYS A 518 -22.18 -36.54 12.84
CA LYS A 518 -23.41 -36.95 13.51
C LYS A 518 -23.50 -36.27 14.88
N ASP A 519 -22.40 -36.34 15.63
CA ASP A 519 -22.36 -35.76 16.96
C ASP A 519 -22.38 -34.23 16.94
N LEU A 520 -21.78 -33.64 15.91
CA LEU A 520 -21.77 -32.19 15.78
C LEU A 520 -23.15 -31.66 15.38
N LEU A 521 -23.85 -32.40 14.53
CA LEU A 521 -25.23 -32.07 14.16
C LEU A 521 -26.09 -32.14 15.39
N GLY A 522 -25.94 -33.24 16.14
CA GLY A 522 -26.63 -33.41 17.40
C GLY A 522 -26.38 -32.25 18.34
N LEU A 523 -25.14 -31.80 18.38
CA LEU A 523 -24.75 -30.69 19.26
C LEU A 523 -25.39 -29.39 18.78
N CYS A 524 -25.55 -29.26 17.47
CA CYS A 524 -26.15 -28.05 16.91
C CYS A 524 -27.63 -27.98 17.25
N GLU A 525 -28.32 -29.10 17.13
CA GLU A 525 -29.72 -29.18 17.54
C GLU A 525 -29.85 -28.96 19.04
N GLN A 526 -28.88 -29.48 19.79
CA GLN A 526 -28.90 -29.47 21.25
C GLN A 526 -28.75 -28.07 21.83
N LYS A 527 -27.70 -27.35 21.44
CA LYS A 527 -27.45 -26.00 21.93
C LYS A 527 -28.60 -25.05 21.60
N ARG A 528 -28.82 -24.07 22.46
CA ARG A 528 -29.85 -23.08 22.18
C ARG A 528 -29.25 -21.68 22.04
N GLY A 529 -29.83 -20.91 21.13
CA GLY A 529 -29.31 -19.60 20.80
C GLY A 529 -28.68 -19.60 19.43
N LYS A 530 -28.99 -18.57 18.63
CA LYS A 530 -28.51 -18.50 17.25
C LYS A 530 -26.98 -18.38 17.15
N ASP A 531 -26.36 -17.75 18.15
CA ASP A 531 -24.90 -17.59 18.15
C ASP A 531 -24.20 -18.95 18.19
N ASN A 532 -24.51 -19.73 19.21
CA ASN A 532 -23.97 -21.07 19.38
C ASN A 532 -24.20 -21.92 18.12
N LYS A 533 -25.44 -21.93 17.64
CA LYS A 533 -25.79 -22.71 16.46
C LYS A 533 -24.99 -22.26 15.23
N ALA A 534 -24.76 -20.95 15.13
CA ALA A 534 -23.98 -20.41 14.03
C ALA A 534 -22.53 -20.91 14.08
N ILE A 535 -21.93 -20.82 15.27
CA ILE A 535 -20.56 -21.32 15.47
C ILE A 535 -20.43 -22.80 15.14
N ILE A 536 -21.31 -23.61 15.72
CA ILE A 536 -21.34 -25.05 15.48
C ILE A 536 -21.49 -25.37 13.99
N ALA A 537 -22.44 -24.70 13.34
CA ALA A 537 -22.66 -24.88 11.91
C ALA A 537 -21.39 -24.56 11.12
N SER A 538 -20.78 -23.41 11.44
CA SER A 538 -19.54 -23.00 10.82
C SER A 538 -18.47 -24.09 10.92
N ASN A 539 -18.31 -24.66 12.13
CA ASN A 539 -17.31 -25.70 12.32
C ASN A 539 -17.64 -26.99 11.55
N ILE A 540 -18.92 -27.34 11.50
CA ILE A 540 -19.37 -28.50 10.75
C ILE A 540 -18.97 -28.35 9.29
N MET A 541 -19.32 -27.19 8.72
CA MET A 541 -18.94 -26.88 7.35
C MET A 541 -17.44 -26.99 7.18
N TYR A 542 -16.67 -26.35 8.06
CA TYR A 542 -15.22 -26.36 7.92
C TYR A 542 -14.70 -27.77 7.79
N ILE A 543 -15.08 -28.62 8.74
CA ILE A 543 -14.69 -30.02 8.71
C ILE A 543 -15.08 -30.67 7.38
N VAL A 544 -16.33 -30.48 6.96
CA VAL A 544 -16.82 -31.03 5.70
C VAL A 544 -15.95 -30.60 4.51
N GLY A 545 -15.63 -29.31 4.46
CA GLY A 545 -14.81 -28.75 3.40
C GLY A 545 -13.37 -29.24 3.43
N GLN A 546 -12.90 -29.67 4.60
CA GLN A 546 -11.54 -30.18 4.70
C GLN A 546 -11.44 -31.66 4.35
N TYR A 547 -12.57 -32.30 4.05
CA TYR A 547 -12.57 -33.74 3.76
C TYR A 547 -13.23 -34.05 2.43
N PRO A 548 -12.58 -33.67 1.31
CA PRO A 548 -13.17 -33.82 -0.03
C PRO A 548 -13.24 -35.28 -0.50
N ARG A 549 -12.33 -36.14 -0.01
CA ARG A 549 -12.37 -37.56 -0.34
C ARG A 549 -13.71 -38.17 0.06
N PHE A 550 -14.15 -37.81 1.26
CA PHE A 550 -15.42 -38.25 1.81
C PHE A 550 -16.59 -37.79 0.94
N LEU A 551 -16.58 -36.53 0.54
CA LEU A 551 -17.64 -35.97 -0.28
C LEU A 551 -17.70 -36.62 -1.67
N ARG A 552 -16.53 -36.85 -2.25
CA ARG A 552 -16.45 -37.45 -3.58
C ARG A 552 -16.95 -38.89 -3.53
N ALA A 553 -16.68 -39.56 -2.42
CA ALA A 553 -17.08 -40.96 -2.27
C ALA A 553 -18.60 -41.13 -2.22
N HIS A 554 -19.31 -40.12 -1.73
CA HIS A 554 -20.76 -40.23 -1.54
C HIS A 554 -21.51 -39.02 -2.10
N TRP A 555 -22.15 -39.21 -3.25
CA TRP A 555 -22.76 -38.09 -3.98
C TRP A 555 -23.98 -37.47 -3.30
N LYS A 556 -24.86 -38.31 -2.77
CA LYS A 556 -26.08 -37.83 -2.13
C LYS A 556 -25.75 -36.88 -0.99
N PHE A 557 -24.73 -37.26 -0.23
CA PHE A 557 -24.29 -36.45 0.90
C PHE A 557 -23.70 -35.12 0.43
N LEU A 558 -22.90 -35.18 -0.63
CA LEU A 558 -22.30 -33.97 -1.19
C LEU A 558 -23.38 -32.99 -1.65
N LYS A 559 -24.35 -33.51 -2.38
CA LYS A 559 -25.50 -32.75 -2.85
C LYS A 559 -26.22 -32.09 -1.68
N THR A 560 -26.47 -32.89 -0.64
CA THR A 560 -27.08 -32.41 0.60
C THR A 560 -26.31 -31.23 1.18
N VAL A 561 -25.01 -31.42 1.32
CA VAL A 561 -24.11 -30.40 1.86
C VAL A 561 -24.22 -29.10 1.07
N VAL A 562 -23.96 -29.18 -0.24
CA VAL A 562 -24.05 -28.00 -1.11
C VAL A 562 -25.41 -27.28 -1.00
N ASN A 563 -26.49 -28.06 -0.99
CA ASN A 563 -27.83 -27.47 -0.80
C ASN A 563 -27.92 -26.72 0.53
N LYS A 564 -27.30 -27.28 1.56
CA LYS A 564 -27.27 -26.63 2.86
C LYS A 564 -26.50 -25.30 2.77
N LEU A 565 -25.40 -25.32 2.02
CA LEU A 565 -24.61 -24.11 1.78
C LEU A 565 -25.50 -23.03 1.20
N PHE A 566 -26.23 -23.42 0.14
CA PHE A 566 -27.13 -22.49 -0.53
C PHE A 566 -28.16 -21.96 0.45
N GLU A 567 -28.62 -22.82 1.36
CA GLU A 567 -29.62 -22.41 2.35
C GLU A 567 -29.05 -21.39 3.33
N PHE A 568 -27.80 -21.62 3.73
CA PHE A 568 -27.13 -20.77 4.72
C PHE A 568 -26.65 -19.46 4.10
N MET A 569 -26.67 -19.39 2.77
CA MET A 569 -26.32 -18.13 2.08
C MET A 569 -27.42 -17.06 2.23
N HIS A 570 -28.49 -17.39 2.96
CA HIS A 570 -29.52 -16.43 3.26
C HIS A 570 -29.54 -16.06 4.74
N GLU A 571 -28.86 -16.88 5.54
CA GLU A 571 -28.81 -16.69 6.98
C GLU A 571 -28.33 -15.29 7.36
N THR A 572 -29.11 -14.62 8.21
CA THR A 572 -28.86 -13.24 8.56
C THR A 572 -27.70 -13.07 9.53
N HIS A 573 -27.37 -14.13 10.25
CA HIS A 573 -26.25 -14.07 11.20
C HIS A 573 -24.95 -13.83 10.45
N ASP A 574 -24.14 -12.91 10.97
CA ASP A 574 -22.84 -12.62 10.35
C ASP A 574 -21.90 -13.81 10.56
N GLY A 575 -21.14 -14.14 9.53
CA GLY A 575 -20.24 -15.27 9.59
C GLY A 575 -20.77 -16.46 8.83
N VAL A 576 -22.06 -16.75 8.99
CA VAL A 576 -22.66 -17.92 8.36
C VAL A 576 -22.65 -17.82 6.84
N GLN A 577 -22.92 -16.63 6.33
CA GLN A 577 -22.87 -16.42 4.88
C GLN A 577 -21.43 -16.52 4.38
N ASP A 578 -20.54 -15.80 5.05
CA ASP A 578 -19.12 -15.85 4.74
C ASP A 578 -18.61 -17.28 4.74
N MET A 579 -18.94 -18.02 5.80
CA MET A 579 -18.50 -19.40 5.93
C MET A 579 -19.10 -20.27 4.83
N ALA A 580 -20.36 -20.01 4.50
CA ALA A 580 -21.05 -20.79 3.48
C ALA A 580 -20.35 -20.63 2.14
N CYS A 581 -20.00 -19.39 1.80
CA CYS A 581 -19.30 -19.12 0.56
C CYS A 581 -17.88 -19.71 0.56
N ASP A 582 -17.13 -19.46 1.64
CA ASP A 582 -15.76 -19.98 1.76
C ASP A 582 -15.70 -21.52 1.62
N THR A 583 -16.66 -22.17 2.28
CA THR A 583 -16.77 -23.62 2.21
C THR A 583 -17.13 -24.02 0.79
N PHE A 584 -18.06 -23.28 0.18
CA PHE A 584 -18.52 -23.60 -1.16
C PHE A 584 -17.41 -23.54 -2.20
N ILE A 585 -16.53 -22.54 -2.09
CA ILE A 585 -15.44 -22.44 -3.05
C ILE A 585 -14.42 -23.55 -2.81
N LYS A 586 -14.21 -23.94 -1.53
CA LYS A 586 -13.37 -25.12 -1.28
C LYS A 586 -13.93 -26.40 -1.94
N ILE A 587 -15.20 -26.69 -1.66
CA ILE A 587 -15.86 -27.89 -2.16
C ILE A 587 -15.90 -27.89 -3.68
N ALA A 588 -16.08 -26.69 -4.24
CA ALA A 588 -16.11 -26.53 -5.69
C ALA A 588 -14.76 -26.86 -6.30
N GLN A 589 -13.69 -26.32 -5.73
CA GLN A 589 -12.36 -26.62 -6.23
C GLN A 589 -12.02 -28.10 -6.12
N LYS A 590 -12.35 -28.70 -4.98
CA LYS A 590 -11.88 -30.05 -4.68
C LYS A 590 -12.84 -31.16 -5.13
N CYS A 591 -14.01 -30.79 -5.63
CA CYS A 591 -14.98 -31.76 -6.13
C CYS A 591 -15.62 -31.28 -7.44
N ARG A 592 -14.86 -30.57 -8.26
CA ARG A 592 -15.38 -29.92 -9.46
C ARG A 592 -16.03 -30.90 -10.45
N ARG A 593 -15.40 -32.05 -10.66
CA ARG A 593 -15.90 -33.02 -11.63
C ARG A 593 -17.31 -33.53 -11.27
N HIS A 594 -17.59 -33.63 -9.97
CA HIS A 594 -18.88 -34.17 -9.54
C HIS A 594 -20.02 -33.21 -9.85
N PHE A 595 -19.71 -32.03 -10.38
CA PHE A 595 -20.77 -31.11 -10.73
C PHE A 595 -21.01 -31.10 -12.24
N VAL A 596 -20.04 -31.59 -13.01
CA VAL A 596 -20.18 -31.55 -14.46
C VAL A 596 -20.78 -32.85 -14.97
N GLN A 597 -20.31 -33.95 -14.40
CA GLN A 597 -20.76 -35.27 -14.82
C GLN A 597 -22.11 -35.57 -14.20
N VAL A 598 -22.86 -36.46 -14.86
CA VAL A 598 -24.16 -36.87 -14.37
C VAL A 598 -24.00 -37.95 -13.31
N GLN A 599 -24.55 -37.71 -12.12
CA GLN A 599 -24.42 -38.63 -11.01
C GLN A 599 -25.58 -39.64 -11.00
N VAL A 600 -25.32 -40.79 -10.37
CA VAL A 600 -26.32 -41.85 -10.25
C VAL A 600 -27.56 -41.35 -9.51
N GLY A 601 -28.71 -41.41 -10.17
CA GLY A 601 -29.95 -40.94 -9.59
C GLY A 601 -30.27 -39.52 -10.00
N GLU A 602 -29.51 -38.99 -10.94
CA GLU A 602 -29.71 -37.64 -11.43
C GLU A 602 -29.87 -37.64 -12.94
N VAL A 603 -30.74 -36.77 -13.46
CA VAL A 603 -30.96 -36.67 -14.89
C VAL A 603 -30.08 -35.59 -15.50
N MET A 604 -29.68 -34.63 -14.67
CA MET A 604 -28.91 -33.48 -15.13
C MET A 604 -27.74 -33.22 -14.18
N PRO A 605 -26.61 -32.76 -14.71
CA PRO A 605 -25.50 -32.37 -13.82
C PRO A 605 -25.89 -31.20 -12.93
N PHE A 606 -25.35 -31.18 -11.71
CA PHE A 606 -25.74 -30.20 -10.69
C PHE A 606 -25.53 -28.76 -11.15
N ILE A 607 -24.49 -28.56 -11.98
CA ILE A 607 -24.12 -27.24 -12.48
C ILE A 607 -25.30 -26.57 -13.19
N ASP A 608 -26.09 -27.35 -13.92
CA ASP A 608 -27.23 -26.82 -14.64
C ASP A 608 -28.28 -26.30 -13.66
N GLU A 609 -28.51 -27.04 -12.59
CA GLU A 609 -29.44 -26.64 -11.54
C GLU A 609 -29.01 -25.33 -10.90
N ILE A 610 -27.75 -25.29 -10.48
CA ILE A 610 -27.17 -24.09 -9.90
C ILE A 610 -27.35 -22.88 -10.81
N LEU A 611 -26.96 -23.04 -12.07
CA LEU A 611 -27.05 -21.97 -13.04
C LEU A 611 -28.49 -21.54 -13.25
N ASN A 612 -29.42 -22.48 -13.13
CA ASN A 612 -30.83 -22.19 -13.29
C ASN A 612 -31.41 -21.49 -12.07
N ASN A 613 -30.68 -21.52 -10.94
CA ASN A 613 -31.17 -20.83 -9.74
C ASN A 613 -30.23 -19.79 -9.13
N ILE A 614 -29.27 -19.32 -9.92
CA ILE A 614 -28.22 -18.40 -9.43
C ILE A 614 -28.71 -17.23 -8.58
N ASN A 615 -29.61 -16.42 -9.13
CA ASN A 615 -30.03 -15.19 -8.45
C ASN A 615 -30.79 -15.47 -7.17
N THR A 616 -31.60 -16.51 -7.18
CA THR A 616 -32.36 -16.87 -5.99
C THR A 616 -31.38 -17.33 -4.93
N ILE A 617 -30.30 -17.98 -5.37
CA ILE A 617 -29.25 -18.41 -4.45
C ILE A 617 -28.50 -17.24 -3.83
N ILE A 618 -28.15 -16.23 -4.65
CA ILE A 618 -27.24 -15.19 -4.20
C ILE A 618 -27.89 -13.84 -3.89
N CYS A 619 -29.21 -13.80 -3.76
CA CYS A 619 -29.93 -12.52 -3.62
C CYS A 619 -29.59 -11.79 -2.30
N ASP A 620 -29.25 -12.54 -1.26
CA ASP A 620 -29.01 -11.94 0.05
C ASP A 620 -27.52 -11.75 0.35
N LEU A 621 -26.67 -12.28 -0.52
CA LEU A 621 -25.23 -12.13 -0.35
C LEU A 621 -24.76 -10.71 -0.68
N GLN A 622 -23.71 -10.28 -0.01
CA GLN A 622 -23.06 -9.02 -0.33
C GLN A 622 -22.19 -9.22 -1.58
N PRO A 623 -21.76 -8.12 -2.23
CA PRO A 623 -20.96 -8.19 -3.47
C PRO A 623 -19.76 -9.15 -3.44
N GLN A 624 -18.88 -8.99 -2.48
CA GLN A 624 -17.68 -9.82 -2.38
C GLN A 624 -18.01 -11.31 -2.30
N GLN A 625 -19.02 -11.63 -1.51
CA GLN A 625 -19.51 -13.00 -1.39
C GLN A 625 -20.01 -13.52 -2.73
N VAL A 626 -20.62 -12.63 -3.51
CA VAL A 626 -21.12 -13.00 -4.83
C VAL A 626 -19.96 -13.36 -5.72
N HIS A 627 -18.92 -12.54 -5.68
CA HIS A 627 -17.69 -12.84 -6.44
C HIS A 627 -17.12 -14.19 -6.07
N THR A 628 -17.06 -14.47 -4.77
CA THR A 628 -16.61 -15.77 -4.30
C THR A 628 -17.44 -16.89 -4.92
N PHE A 629 -18.76 -16.70 -4.90
CA PHE A 629 -19.70 -17.64 -5.50
C PHE A 629 -19.38 -17.91 -6.98
N TYR A 630 -19.27 -16.83 -7.74
CA TYR A 630 -18.98 -16.93 -9.16
C TYR A 630 -17.65 -17.63 -9.45
N GLU A 631 -16.67 -17.37 -8.60
CA GLU A 631 -15.38 -18.03 -8.71
C GLU A 631 -15.54 -19.54 -8.51
N ALA A 632 -16.24 -19.88 -7.45
CA ALA A 632 -16.53 -21.28 -7.10
C ALA A 632 -17.20 -22.02 -8.25
N VAL A 633 -18.28 -21.44 -8.81
CA VAL A 633 -18.96 -22.06 -9.94
C VAL A 633 -18.04 -22.12 -11.17
N GLY A 634 -17.24 -21.08 -11.33
CA GLY A 634 -16.26 -21.01 -12.39
C GLY A 634 -15.34 -22.22 -12.43
N TYR A 635 -14.92 -22.70 -11.25
CA TYR A 635 -14.14 -23.95 -11.20
C TYR A 635 -14.93 -25.14 -11.77
N MET A 636 -16.20 -25.24 -11.38
CA MET A 636 -17.07 -26.31 -11.89
C MET A 636 -17.13 -26.28 -13.41
N ILE A 637 -17.30 -25.08 -13.97
CA ILE A 637 -17.39 -24.95 -15.42
C ILE A 637 -16.05 -25.30 -16.08
N GLY A 638 -14.95 -24.91 -15.43
CA GLY A 638 -13.64 -25.30 -15.88
C GLY A 638 -13.49 -26.81 -15.95
N ALA A 639 -14.21 -27.52 -15.09
CA ALA A 639 -14.13 -28.98 -15.04
C ALA A 639 -14.79 -29.65 -16.25
N GLN A 640 -15.66 -28.94 -16.96
CA GLN A 640 -16.33 -29.51 -18.14
C GLN A 640 -15.44 -29.47 -19.38
N THR A 641 -15.17 -30.63 -19.94
CA THR A 641 -14.16 -30.76 -21.00
C THR A 641 -14.70 -30.55 -22.42
N ASP A 642 -15.94 -30.95 -22.66
CA ASP A 642 -16.52 -30.81 -24.00
C ASP A 642 -16.73 -29.33 -24.33
N GLN A 643 -15.97 -28.84 -25.31
CA GLN A 643 -15.89 -27.41 -25.62
C GLN A 643 -17.24 -26.74 -25.82
N THR A 644 -18.15 -27.42 -26.52
CA THR A 644 -19.47 -26.86 -26.82
C THR A 644 -20.29 -26.68 -25.54
N VAL A 645 -20.51 -27.80 -24.86
CA VAL A 645 -21.24 -27.81 -23.59
C VAL A 645 -20.66 -26.76 -22.65
N GLN A 646 -19.34 -26.68 -22.61
CA GLN A 646 -18.65 -25.72 -21.76
C GLN A 646 -18.94 -24.29 -22.20
N GLU A 647 -19.03 -24.06 -23.50
CA GLU A 647 -19.32 -22.73 -24.02
C GLU A 647 -20.71 -22.28 -23.60
N HIS A 648 -21.68 -23.19 -23.71
CA HIS A 648 -23.04 -22.89 -23.30
C HIS A 648 -23.13 -22.65 -21.80
N LEU A 649 -22.38 -23.45 -21.04
CA LEU A 649 -22.32 -23.28 -19.60
C LEU A 649 -21.77 -21.91 -19.23
N ILE A 650 -20.69 -21.49 -19.89
CA ILE A 650 -20.11 -20.17 -19.67
C ILE A 650 -21.11 -19.08 -20.05
N GLU A 651 -21.86 -19.33 -21.11
CA GLU A 651 -22.84 -18.35 -21.57
C GLU A 651 -23.94 -18.12 -20.54
N LYS A 652 -24.49 -19.19 -19.96
CA LYS A 652 -25.54 -19.02 -18.96
C LYS A 652 -24.96 -18.46 -17.67
N TYR A 653 -23.76 -18.92 -17.36
CA TYR A 653 -22.97 -18.50 -16.21
C TYR A 653 -22.84 -16.97 -16.10
N MET A 654 -22.56 -16.33 -17.23
CA MET A 654 -22.31 -14.90 -17.25
C MET A 654 -23.53 -14.08 -17.69
N LEU A 655 -24.71 -14.69 -17.64
CA LEU A 655 -25.92 -14.04 -18.11
C LEU A 655 -26.25 -12.78 -17.32
N LEU A 656 -26.48 -12.94 -16.02
CA LEU A 656 -26.86 -11.84 -15.14
C LEU A 656 -25.91 -10.64 -15.21
N PRO A 657 -24.58 -10.86 -15.08
CA PRO A 657 -23.71 -9.67 -15.16
C PRO A 657 -23.70 -9.03 -16.55
N ASN A 658 -23.80 -9.85 -17.60
CA ASN A 658 -23.85 -9.35 -18.96
C ASN A 658 -25.10 -8.53 -19.23
N GLN A 659 -26.19 -8.80 -18.53
CA GLN A 659 -27.40 -8.00 -18.71
C GLN A 659 -27.15 -6.56 -18.28
N VAL A 660 -26.60 -6.40 -17.08
CA VAL A 660 -26.31 -5.07 -16.54
C VAL A 660 -25.24 -4.39 -17.40
N TRP A 661 -24.22 -5.14 -17.75
CA TRP A 661 -23.13 -4.63 -18.59
C TRP A 661 -23.67 -4.09 -19.89
N ASP A 662 -24.54 -4.87 -20.54
CA ASP A 662 -25.16 -4.47 -21.80
C ASP A 662 -26.01 -3.22 -21.62
N SER A 663 -26.80 -3.17 -20.55
CA SER A 663 -27.62 -2.00 -20.24
C SER A 663 -26.76 -0.74 -20.16
N ILE A 664 -25.69 -0.82 -19.39
CA ILE A 664 -24.78 0.31 -19.20
C ILE A 664 -24.09 0.73 -20.50
N ILE A 665 -23.65 -0.25 -21.27
CA ILE A 665 -22.99 0.03 -22.55
C ILE A 665 -23.97 0.73 -23.51
N GLN A 666 -25.24 0.30 -23.46
CA GLN A 666 -26.29 0.92 -24.27
C GLN A 666 -26.50 2.37 -23.85
N GLN A 667 -26.62 2.59 -22.55
CA GLN A 667 -26.77 3.94 -22.00
C GLN A 667 -25.60 4.82 -22.41
N ALA A 668 -24.41 4.25 -22.45
CA ALA A 668 -23.19 4.97 -22.82
C ALA A 668 -23.18 5.31 -24.32
N THR A 669 -23.64 4.35 -25.12
CA THR A 669 -23.81 4.56 -26.55
C THR A 669 -24.74 5.75 -26.80
N LYS A 670 -25.83 5.82 -26.05
CA LYS A 670 -26.74 6.96 -26.18
C LYS A 670 -26.16 8.23 -25.57
N ASN A 671 -25.40 8.11 -24.49
CA ASN A 671 -24.77 9.26 -23.85
C ASN A 671 -23.57 8.85 -22.99
N VAL A 672 -22.41 9.45 -23.27
CA VAL A 672 -21.18 9.07 -22.60
C VAL A 672 -21.12 9.52 -21.14
N ASP A 673 -21.90 10.54 -20.79
CA ASP A 673 -21.76 11.19 -19.49
C ASP A 673 -22.26 10.35 -18.31
N ILE A 674 -22.91 9.21 -18.59
CA ILE A 674 -23.26 8.31 -17.51
C ILE A 674 -22.01 7.60 -16.99
N LEU A 675 -20.91 7.72 -17.73
CA LEU A 675 -19.62 7.22 -17.24
C LEU A 675 -19.03 8.22 -16.26
N LYS A 676 -19.81 9.27 -15.96
CA LYS A 676 -19.46 10.19 -14.88
C LYS A 676 -20.44 10.05 -13.72
N ASP A 677 -21.39 9.14 -13.90
CA ASP A 677 -22.34 8.83 -12.83
C ASP A 677 -21.71 7.85 -11.86
N PRO A 678 -21.58 8.26 -10.59
CA PRO A 678 -20.96 7.47 -9.52
C PRO A 678 -21.45 6.03 -9.46
N GLU A 679 -22.76 5.85 -9.34
CA GLU A 679 -23.33 4.51 -9.18
C GLU A 679 -23.13 3.65 -10.41
N THR A 680 -23.10 4.28 -11.57
CA THR A 680 -22.83 3.58 -12.82
C THR A 680 -21.41 3.01 -12.83
N VAL A 681 -20.44 3.86 -12.48
CA VAL A 681 -19.04 3.43 -12.40
C VAL A 681 -18.88 2.32 -11.37
N LYS A 682 -19.57 2.45 -10.24
CA LYS A 682 -19.60 1.40 -9.23
C LYS A 682 -20.07 0.08 -9.84
N GLN A 683 -21.18 0.13 -10.57
CA GLN A 683 -21.73 -1.06 -11.21
C GLN A 683 -20.72 -1.70 -12.16
N LEU A 684 -20.06 -0.85 -12.94
CA LEU A 684 -19.03 -1.31 -13.88
C LEU A 684 -17.92 -2.04 -13.14
N GLY A 685 -17.39 -1.41 -12.10
CA GLY A 685 -16.36 -1.99 -11.26
C GLY A 685 -16.76 -3.36 -10.73
N SER A 686 -17.98 -3.46 -10.20
CA SER A 686 -18.49 -4.72 -9.67
C SER A 686 -18.56 -5.82 -10.72
N ILE A 687 -19.17 -5.49 -11.86
CA ILE A 687 -19.27 -6.43 -12.99
C ILE A 687 -17.90 -6.92 -13.44
N LEU A 688 -16.96 -6.00 -13.55
CA LEU A 688 -15.61 -6.37 -13.95
C LEU A 688 -14.95 -7.27 -12.91
N LYS A 689 -15.14 -6.98 -11.63
CA LYS A 689 -14.60 -7.87 -10.58
C LYS A 689 -15.15 -9.28 -10.73
N THR A 690 -16.43 -9.38 -11.04
CA THR A 690 -17.05 -10.66 -11.29
C THR A 690 -16.38 -11.36 -12.46
N ASN A 691 -16.14 -10.61 -13.54
CA ASN A 691 -15.49 -11.17 -14.72
C ASN A 691 -14.08 -11.68 -14.43
N VAL A 692 -13.32 -10.91 -13.65
CA VAL A 692 -11.98 -11.31 -13.24
C VAL A 692 -12.00 -12.61 -12.43
N ARG A 693 -12.80 -12.66 -11.37
CA ARG A 693 -12.90 -13.86 -10.55
C ARG A 693 -13.28 -15.10 -11.37
N ALA A 694 -14.32 -14.93 -12.17
CA ALA A 694 -14.77 -15.98 -13.08
C ALA A 694 -13.64 -16.45 -13.99
N CYS A 695 -12.88 -15.49 -14.51
CA CYS A 695 -11.81 -15.80 -15.44
C CYS A 695 -10.70 -16.59 -14.77
N LYS A 696 -10.41 -16.24 -13.53
CA LYS A 696 -9.42 -16.95 -12.74
C LYS A 696 -9.82 -18.41 -12.64
N ALA A 697 -11.11 -18.67 -12.42
CA ALA A 697 -11.54 -20.06 -12.28
C ALA A 697 -11.64 -20.84 -13.60
N VAL A 698 -12.28 -20.26 -14.61
CA VAL A 698 -12.52 -20.95 -15.86
C VAL A 698 -11.23 -21.18 -16.66
N GLY A 699 -10.41 -20.15 -16.71
CA GLY A 699 -9.16 -20.23 -17.46
C GLY A 699 -9.32 -19.78 -18.90
N HIS A 700 -8.62 -20.46 -19.80
CA HIS A 700 -8.64 -20.12 -21.22
C HIS A 700 -10.04 -20.08 -21.84
N PRO A 701 -10.87 -21.14 -21.65
CA PRO A 701 -12.15 -21.13 -22.36
C PRO A 701 -13.06 -19.94 -22.00
N PHE A 702 -12.65 -19.12 -21.04
CA PHE A 702 -13.37 -17.90 -20.69
C PHE A 702 -13.30 -16.86 -21.82
N VAL A 703 -12.46 -17.14 -22.82
CA VAL A 703 -12.25 -16.23 -23.94
C VAL A 703 -13.58 -15.84 -24.59
N ILE A 704 -14.49 -16.81 -24.72
CA ILE A 704 -15.80 -16.58 -25.31
C ILE A 704 -16.52 -15.42 -24.62
N GLN A 705 -16.41 -15.34 -23.30
CA GLN A 705 -16.96 -14.21 -22.57
C GLN A 705 -16.10 -12.97 -22.78
N LEU A 706 -14.78 -13.14 -22.64
CA LEU A 706 -13.86 -12.01 -22.78
C LEU A 706 -14.07 -11.32 -24.12
N GLY A 707 -13.97 -12.11 -25.18
CA GLY A 707 -14.17 -11.61 -26.53
C GLY A 707 -15.51 -10.93 -26.72
N ARG A 708 -16.50 -11.35 -25.93
CA ARG A 708 -17.84 -10.78 -26.03
C ARG A 708 -17.89 -9.34 -25.54
N ILE A 709 -17.11 -9.02 -24.50
CA ILE A 709 -17.20 -7.68 -23.91
C ILE A 709 -15.99 -6.83 -24.26
N TYR A 710 -14.94 -7.52 -24.69
CA TYR A 710 -13.61 -6.96 -24.86
C TYR A 710 -13.57 -5.53 -25.39
N LEU A 711 -13.98 -5.35 -26.63
CA LEU A 711 -13.91 -4.04 -27.27
C LEU A 711 -14.73 -3.00 -26.51
N ASP A 712 -15.95 -3.37 -26.12
CA ASP A 712 -16.76 -2.50 -25.28
C ASP A 712 -15.98 -2.10 -24.05
N MET A 713 -15.42 -3.11 -23.38
CA MET A 713 -14.62 -2.88 -22.18
C MET A 713 -13.51 -1.89 -22.50
N LEU A 714 -12.79 -2.12 -23.59
CA LEU A 714 -11.67 -1.26 -23.91
C LEU A 714 -12.19 0.18 -24.01
N ASN A 715 -13.31 0.33 -24.71
CA ASN A 715 -13.89 1.64 -24.88
C ASN A 715 -14.15 2.32 -23.54
N VAL A 716 -14.81 1.62 -22.63
CA VAL A 716 -15.16 2.29 -21.38
C VAL A 716 -13.86 2.67 -20.66
N TYR A 717 -12.88 1.78 -20.72
CA TYR A 717 -11.58 2.05 -20.14
C TYR A 717 -11.09 3.39 -20.64
N LYS A 718 -11.00 3.49 -21.96
CA LYS A 718 -10.55 4.70 -22.63
C LYS A 718 -11.27 5.90 -22.06
N CYS A 719 -12.60 5.83 -22.07
CA CYS A 719 -13.40 6.96 -21.62
C CYS A 719 -13.00 7.35 -20.23
N LEU A 720 -13.07 6.39 -19.32
CA LEU A 720 -12.79 6.67 -17.93
C LEU A 720 -11.39 7.24 -17.78
N SER A 721 -10.44 6.66 -18.51
CA SER A 721 -9.08 7.15 -18.50
C SER A 721 -9.09 8.63 -18.80
N GLU A 722 -9.63 8.97 -19.97
CA GLU A 722 -9.71 10.34 -20.41
C GLU A 722 -10.36 11.20 -19.34
N ASN A 723 -11.48 10.70 -18.79
CA ASN A 723 -12.18 11.43 -17.74
C ASN A 723 -11.21 11.78 -16.65
N ILE A 724 -10.60 10.75 -16.08
CA ILE A 724 -9.65 10.90 -14.98
C ILE A 724 -8.60 11.94 -15.35
N SER A 725 -8.07 11.81 -16.56
CA SER A 725 -6.97 12.65 -16.98
C SER A 725 -7.39 14.11 -16.87
N ALA A 726 -8.56 14.42 -17.41
CA ALA A 726 -9.03 15.80 -17.41
C ALA A 726 -9.24 16.28 -15.98
N ALA A 727 -9.77 15.39 -15.13
CA ALA A 727 -10.00 15.72 -13.73
C ALA A 727 -8.71 16.17 -13.07
N ILE A 728 -7.58 15.63 -13.52
CA ILE A 728 -6.29 16.10 -13.05
C ILE A 728 -6.05 17.50 -13.59
N GLN A 729 -6.08 17.61 -14.91
CA GLN A 729 -5.84 18.87 -15.60
C GLN A 729 -6.62 20.03 -15.02
N ALA A 730 -7.85 19.75 -14.59
CA ALA A 730 -8.72 20.79 -14.05
C ALA A 730 -8.40 21.08 -12.59
N ASN A 731 -8.13 20.04 -11.80
CA ASN A 731 -8.01 20.22 -10.36
C ASN A 731 -6.70 19.71 -9.76
N GLY A 732 -5.69 19.50 -10.61
CA GLY A 732 -4.37 19.10 -10.14
C GLY A 732 -4.33 17.71 -9.53
N GLU A 733 -3.47 17.54 -8.53
CA GLU A 733 -3.24 16.24 -7.91
C GLU A 733 -4.36 15.86 -6.94
N MET A 734 -4.69 16.78 -6.04
CA MET A 734 -5.67 16.58 -4.96
C MET A 734 -6.91 15.80 -5.41
N VAL A 735 -7.39 16.12 -6.60
CA VAL A 735 -8.62 15.57 -7.16
C VAL A 735 -8.65 14.03 -7.20
N THR A 736 -7.50 13.40 -6.99
CA THR A 736 -7.42 11.95 -7.04
C THR A 736 -7.75 11.31 -5.69
N LYS A 737 -8.28 12.09 -4.76
CA LYS A 737 -8.56 11.58 -3.41
C LYS A 737 -10.04 11.33 -3.12
N GLN A 738 -10.93 11.95 -3.89
CA GLN A 738 -12.36 11.84 -3.65
C GLN A 738 -12.99 10.62 -4.35
N PRO A 739 -14.10 10.08 -3.81
CA PRO A 739 -14.77 8.84 -4.23
C PRO A 739 -14.84 8.53 -5.72
N LEU A 740 -15.20 9.51 -6.55
CA LEU A 740 -15.54 9.23 -7.96
C LEU A 740 -14.35 8.77 -8.80
N ILE A 741 -13.33 9.62 -8.89
CA ILE A 741 -12.08 9.28 -9.59
C ILE A 741 -11.52 7.97 -9.07
N ARG A 742 -11.66 7.79 -7.77
CA ARG A 742 -11.30 6.55 -7.09
C ARG A 742 -12.00 5.32 -7.72
N SER A 743 -13.33 5.35 -7.79
CA SER A 743 -14.08 4.22 -8.35
C SER A 743 -13.80 4.01 -9.85
N MET A 744 -13.48 5.11 -10.55
CA MET A 744 -13.09 5.02 -11.96
C MET A 744 -11.77 4.28 -12.13
N ARG A 745 -10.78 4.71 -11.34
CA ARG A 745 -9.46 4.08 -11.35
C ARG A 745 -9.62 2.61 -11.02
N THR A 746 -10.55 2.31 -10.11
CA THR A 746 -10.93 0.93 -9.82
C THR A 746 -11.34 0.18 -11.10
N VAL A 747 -12.24 0.79 -11.88
CA VAL A 747 -12.64 0.14 -13.15
C VAL A 747 -11.46 -0.10 -14.10
N LYS A 748 -10.59 0.91 -14.26
CA LYS A 748 -9.38 0.74 -15.07
C LYS A 748 -8.55 -0.47 -14.60
N ARG A 749 -8.28 -0.51 -13.31
CA ARG A 749 -7.46 -1.57 -12.72
C ARG A 749 -8.06 -2.96 -12.88
N GLU A 750 -9.38 -3.08 -12.72
CA GLU A 750 -10.03 -4.37 -12.90
C GLU A 750 -10.00 -4.77 -14.38
N THR A 751 -10.04 -3.78 -15.27
CA THR A 751 -9.93 -4.06 -16.69
C THR A 751 -8.56 -4.69 -16.99
N LEU A 752 -7.52 -4.02 -16.52
CA LEU A 752 -6.16 -4.52 -16.70
C LEU A 752 -5.98 -5.92 -16.09
N LYS A 753 -6.46 -6.08 -14.85
CA LYS A 753 -6.40 -7.37 -14.17
C LYS A 753 -7.12 -8.47 -14.96
N LEU A 754 -8.26 -8.15 -15.55
CA LEU A 754 -8.99 -9.13 -16.34
C LEU A 754 -8.16 -9.53 -17.54
N ILE A 755 -7.66 -8.52 -18.27
CA ILE A 755 -6.85 -8.77 -19.46
C ILE A 755 -5.64 -9.66 -19.18
N SER A 756 -4.74 -9.20 -18.32
CA SER A 756 -3.55 -9.97 -18.00
C SER A 756 -3.90 -11.31 -17.36
N GLY A 757 -4.99 -11.32 -16.59
CA GLY A 757 -5.48 -12.52 -15.95
C GLY A 757 -5.82 -13.60 -16.95
N TRP A 758 -6.58 -13.25 -17.98
CA TRP A 758 -6.92 -14.22 -19.01
C TRP A 758 -5.70 -14.59 -19.86
N VAL A 759 -4.87 -13.60 -20.19
CA VAL A 759 -3.71 -13.85 -21.03
C VAL A 759 -2.78 -14.87 -20.37
N SER A 760 -2.59 -14.72 -19.05
CA SER A 760 -1.73 -15.62 -18.28
C SER A 760 -2.15 -17.09 -18.39
N ARG A 761 -3.45 -17.34 -18.51
CA ARG A 761 -3.96 -18.70 -18.55
C ARG A 761 -4.44 -19.08 -19.95
N SER A 762 -3.89 -18.41 -20.96
CA SER A 762 -4.28 -18.65 -22.35
C SER A 762 -3.30 -19.59 -23.04
N ASN A 763 -3.80 -20.74 -23.50
CA ASN A 763 -2.94 -21.73 -24.14
C ASN A 763 -2.99 -21.63 -25.67
N ASP A 764 -2.82 -20.42 -26.19
CA ASP A 764 -2.72 -20.19 -27.64
C ASP A 764 -2.18 -18.79 -27.92
N PRO A 765 -0.85 -18.66 -27.97
CA PRO A 765 -0.20 -17.35 -28.16
C PRO A 765 -0.54 -16.72 -29.51
N GLN A 766 -0.78 -17.55 -30.52
CA GLN A 766 -1.11 -17.06 -31.86
C GLN A 766 -2.36 -16.18 -31.85
N MET A 767 -3.49 -16.79 -31.47
CA MET A 767 -4.78 -16.10 -31.41
C MET A 767 -4.71 -14.84 -30.55
N VAL A 768 -4.06 -14.94 -29.40
CA VAL A 768 -3.91 -13.79 -28.51
C VAL A 768 -3.20 -12.66 -29.24
N ALA A 769 -2.10 -13.02 -29.90
CA ALA A 769 -1.26 -12.06 -30.60
C ALA A 769 -2.01 -11.35 -31.72
N GLU A 770 -2.76 -12.11 -32.52
CA GLU A 770 -3.44 -11.53 -33.67
C GLU A 770 -4.73 -10.78 -33.30
N ASN A 771 -5.51 -11.36 -32.39
CA ASN A 771 -6.80 -10.80 -32.00
C ASN A 771 -6.72 -9.78 -30.87
N PHE A 772 -6.28 -10.23 -29.69
CA PHE A 772 -6.48 -9.45 -28.47
C PHE A 772 -5.43 -8.38 -28.22
N VAL A 773 -4.30 -8.47 -28.89
CA VAL A 773 -3.20 -7.53 -28.63
C VAL A 773 -3.34 -6.20 -29.38
N PRO A 774 -3.64 -6.22 -30.70
CA PRO A 774 -3.73 -4.94 -31.42
C PRO A 774 -4.70 -3.87 -30.85
N PRO A 775 -5.88 -4.26 -30.33
CA PRO A 775 -6.73 -3.18 -29.81
C PRO A 775 -6.13 -2.46 -28.61
N LEU A 776 -5.35 -3.18 -27.81
CA LEU A 776 -4.66 -2.60 -26.66
C LEU A 776 -3.78 -1.42 -27.07
N LEU A 777 -3.22 -1.49 -28.29
CA LEU A 777 -2.25 -0.51 -28.73
C LEU A 777 -2.80 0.90 -28.67
N ASP A 778 -4.03 1.09 -29.15
CA ASP A 778 -4.63 2.42 -29.13
C ASP A 778 -5.56 2.61 -27.93
N ALA A 779 -6.19 1.53 -27.49
CA ALA A 779 -7.16 1.63 -26.39
C ALA A 779 -6.50 1.94 -25.04
N VAL A 780 -5.35 1.31 -24.77
CA VAL A 780 -4.73 1.42 -23.46
C VAL A 780 -3.34 2.06 -23.47
N LEU A 781 -2.53 1.68 -24.45
CA LEU A 781 -1.15 2.14 -24.53
C LEU A 781 -1.03 3.58 -25.04
N ILE A 782 -1.62 3.87 -26.18
CA ILE A 782 -1.59 5.22 -26.72
C ILE A 782 -2.39 6.14 -25.79
N ASP A 783 -3.38 5.57 -25.12
CA ASP A 783 -4.12 6.29 -24.08
C ASP A 783 -3.19 6.64 -22.92
N TYR A 784 -2.34 5.69 -22.53
CA TYR A 784 -1.34 5.90 -21.50
C TYR A 784 -0.39 7.03 -21.88
N GLN A 785 0.07 6.99 -23.13
CA GLN A 785 0.93 8.03 -23.68
C GLN A 785 0.23 9.37 -23.67
N ARG A 786 -1.08 9.33 -23.91
CA ARG A 786 -1.89 10.53 -24.06
C ARG A 786 -2.18 11.19 -22.70
N ASN A 787 -2.30 10.36 -21.68
CA ASN A 787 -2.65 10.84 -20.34
C ASN A 787 -1.67 11.82 -19.74
N VAL A 788 -2.17 12.63 -18.81
CA VAL A 788 -1.36 13.47 -17.94
C VAL A 788 -0.54 12.55 -17.03
N PRO A 789 0.73 12.93 -16.76
CA PRO A 789 1.64 12.19 -15.87
C PRO A 789 0.97 11.55 -14.66
N ALA A 790 0.21 12.32 -13.89
CA ALA A 790 -0.44 11.79 -12.68
C ALA A 790 -1.62 10.88 -13.02
N ALA A 791 -2.11 10.95 -14.24
CA ALA A 791 -3.26 10.15 -14.65
C ALA A 791 -2.85 8.76 -15.10
N ARG A 792 -1.60 8.63 -15.53
CA ARG A 792 -1.09 7.36 -16.05
C ARG A 792 -1.19 6.25 -15.02
N GLU A 793 -1.88 5.17 -15.39
CA GLU A 793 -1.98 3.99 -14.54
C GLU A 793 -0.74 3.12 -14.74
N PRO A 794 0.07 2.98 -13.68
CA PRO A 794 1.30 2.18 -13.75
C PRO A 794 0.98 0.73 -14.08
N GLU A 795 -0.18 0.27 -13.64
CA GLU A 795 -0.58 -1.12 -13.82
C GLU A 795 -0.72 -1.50 -15.29
N VAL A 796 -0.65 -0.49 -16.17
CA VAL A 796 -0.55 -0.73 -17.60
C VAL A 796 0.75 -1.47 -17.92
N LEU A 797 1.86 -0.83 -17.56
CA LEU A 797 3.20 -1.39 -17.78
C LEU A 797 3.29 -2.86 -17.36
N SER A 798 2.98 -3.09 -16.08
CA SER A 798 3.01 -4.43 -15.50
C SER A 798 2.22 -5.41 -16.35
N THR A 799 1.01 -5.03 -16.74
CA THR A 799 0.16 -5.95 -17.51
C THR A 799 0.86 -6.30 -18.81
N MET A 800 1.40 -5.29 -19.49
CA MET A 800 2.13 -5.53 -20.73
C MET A 800 3.22 -6.56 -20.50
N ALA A 801 3.96 -6.40 -19.40
CA ALA A 801 5.03 -7.33 -19.05
C ALA A 801 4.50 -8.75 -19.07
N ILE A 802 3.40 -8.96 -18.35
CA ILE A 802 2.78 -10.28 -18.30
C ILE A 802 2.54 -10.80 -19.69
N ILE A 803 1.91 -9.98 -20.53
CA ILE A 803 1.60 -10.37 -21.89
C ILE A 803 2.86 -10.78 -22.63
N VAL A 804 3.90 -9.96 -22.51
CA VAL A 804 5.17 -10.30 -23.16
C VAL A 804 5.66 -11.65 -22.64
N ASN A 805 5.67 -11.81 -21.31
CA ASN A 805 6.11 -13.04 -20.69
C ASN A 805 5.33 -14.25 -21.20
N LYS A 806 4.09 -14.02 -21.64
CA LYS A 806 3.25 -15.12 -22.09
C LYS A 806 3.40 -15.35 -23.59
N LEU A 807 3.75 -14.30 -24.32
CA LEU A 807 3.77 -14.40 -25.78
C LEU A 807 5.19 -14.59 -26.32
N GLY A 808 6.06 -13.63 -26.04
CA GLY A 808 7.43 -13.69 -26.50
C GLY A 808 7.55 -13.62 -28.00
N GLY A 809 7.86 -14.76 -28.62
CA GLY A 809 8.08 -14.83 -30.06
C GLY A 809 6.89 -14.39 -30.89
N HIS A 810 5.69 -14.52 -30.33
CA HIS A 810 4.47 -14.17 -31.06
C HIS A 810 4.17 -12.67 -30.98
N ILE A 811 4.98 -11.93 -30.21
CA ILE A 811 4.71 -10.51 -30.02
C ILE A 811 5.96 -9.65 -30.22
N THR A 812 7.08 -10.29 -30.52
CA THR A 812 8.34 -9.59 -30.74
C THR A 812 8.17 -8.47 -31.76
N ALA A 813 7.52 -8.79 -32.87
CA ALA A 813 7.30 -7.83 -33.95
C ALA A 813 6.56 -6.58 -33.48
N GLU A 814 5.78 -6.71 -32.41
CA GLU A 814 4.98 -5.60 -31.94
C GLU A 814 5.66 -4.79 -30.86
N ILE A 815 6.79 -5.29 -30.35
CA ILE A 815 7.53 -4.60 -29.30
C ILE A 815 7.88 -3.13 -29.67
N PRO A 816 8.31 -2.88 -30.92
CA PRO A 816 8.59 -1.49 -31.28
C PRO A 816 7.45 -0.49 -30.99
N GLN A 817 6.29 -0.68 -31.61
CA GLN A 817 5.17 0.27 -31.44
C GLN A 817 4.73 0.43 -29.96
N ILE A 818 4.77 -0.66 -29.22
CA ILE A 818 4.51 -0.62 -27.79
C ILE A 818 5.47 0.38 -27.11
N PHE A 819 6.74 0.22 -27.42
CA PHE A 819 7.76 1.13 -26.91
C PHE A 819 7.53 2.59 -27.35
N ASP A 820 6.86 2.77 -28.49
CA ASP A 820 6.49 4.11 -28.95
C ASP A 820 5.55 4.76 -27.97
N ALA A 821 4.59 3.98 -27.46
CA ALA A 821 3.61 4.57 -26.55
C ALA A 821 4.13 4.78 -25.12
N VAL A 822 4.81 3.78 -24.58
CA VAL A 822 5.08 3.81 -23.14
C VAL A 822 6.51 4.22 -22.75
N PHE A 823 7.50 3.82 -23.54
CA PHE A 823 8.90 3.91 -23.08
C PHE A 823 9.34 5.36 -22.83
N GLU A 824 9.45 6.10 -23.92
CA GLU A 824 9.88 7.49 -23.93
C GLU A 824 9.21 8.35 -22.85
N CYS A 825 7.89 8.30 -22.78
CA CYS A 825 7.15 9.19 -21.89
C CYS A 825 7.24 8.73 -20.43
N THR A 826 7.41 7.42 -20.22
CA THR A 826 7.57 6.90 -18.87
C THR A 826 8.94 7.30 -18.28
N LEU A 827 9.98 7.21 -19.10
CA LEU A 827 11.32 7.62 -18.68
C LEU A 827 11.33 9.00 -18.06
N ASN A 828 10.75 9.98 -18.76
CA ASN A 828 10.76 11.37 -18.32
C ASN A 828 10.13 11.58 -16.95
N MET A 829 9.29 10.64 -16.53
CA MET A 829 8.70 10.68 -15.21
C MET A 829 9.71 10.23 -14.15
N ILE A 830 10.60 9.31 -14.54
CA ILE A 830 11.47 8.64 -13.59
C ILE A 830 12.96 8.80 -13.89
N ASN A 831 13.38 9.97 -14.39
CA ASN A 831 14.79 10.20 -14.64
C ASN A 831 15.27 11.54 -14.12
N LYS A 832 14.51 12.13 -13.21
CA LYS A 832 14.87 13.40 -12.60
C LYS A 832 15.27 13.18 -11.14
N ASP A 833 14.96 11.99 -10.63
CA ASP A 833 15.34 11.58 -9.29
C ASP A 833 15.17 10.08 -9.16
N PHE A 834 15.22 9.57 -7.94
CA PHE A 834 15.06 8.14 -7.69
C PHE A 834 13.82 7.83 -6.86
N GLU A 835 13.04 8.86 -6.55
CA GLU A 835 11.96 8.71 -5.57
C GLU A 835 10.56 8.80 -6.19
N GLU A 836 10.34 9.80 -7.03
CA GLU A 836 9.01 10.08 -7.58
C GLU A 836 8.51 8.96 -8.49
N TYR A 837 7.21 8.69 -8.40
CA TYR A 837 6.55 7.67 -9.23
C TYR A 837 7.12 6.26 -9.10
N PRO A 838 7.15 5.71 -7.87
CA PRO A 838 7.81 4.43 -7.61
C PRO A 838 7.21 3.24 -8.36
N GLU A 839 5.88 3.14 -8.38
CA GLU A 839 5.19 2.05 -9.04
C GLU A 839 5.52 2.00 -10.52
N HIS A 840 5.79 3.18 -11.08
CA HIS A 840 6.18 3.27 -12.48
C HIS A 840 7.60 2.76 -12.68
N ARG A 841 8.53 3.13 -11.81
CA ARG A 841 9.90 2.62 -11.91
C ARG A 841 9.86 1.08 -11.87
N THR A 842 9.20 0.57 -10.85
CA THR A 842 9.02 -0.87 -10.68
C THR A 842 8.45 -1.54 -11.93
N ASN A 843 7.22 -1.18 -12.28
CA ASN A 843 6.52 -1.81 -13.39
C ASN A 843 7.22 -1.64 -14.74
N PHE A 844 7.84 -0.48 -14.93
CA PHE A 844 8.55 -0.18 -16.16
C PHE A 844 9.73 -1.12 -16.33
N PHE A 845 10.56 -1.24 -15.29
CA PHE A 845 11.71 -2.10 -15.43
C PHE A 845 11.30 -3.56 -15.43
N LEU A 846 10.13 -3.85 -14.86
CA LEU A 846 9.53 -5.18 -15.00
C LEU A 846 9.26 -5.49 -16.48
N LEU A 847 8.61 -4.55 -17.16
CA LEU A 847 8.31 -4.69 -18.57
C LEU A 847 9.59 -4.82 -19.41
N LEU A 848 10.54 -3.93 -19.15
CA LEU A 848 11.82 -3.96 -19.85
C LEU A 848 12.51 -5.30 -19.66
N GLN A 849 12.47 -5.83 -18.45
CA GLN A 849 12.99 -7.15 -18.17
C GLN A 849 12.31 -8.21 -19.01
N ALA A 850 10.99 -8.15 -19.07
CA ALA A 850 10.20 -9.10 -19.85
C ALA A 850 10.59 -9.07 -21.32
N VAL A 851 10.75 -7.87 -21.86
CA VAL A 851 11.09 -7.69 -23.26
C VAL A 851 12.49 -8.23 -23.56
N ASN A 852 13.45 -7.88 -22.70
CA ASN A 852 14.82 -8.33 -22.90
C ASN A 852 14.93 -9.84 -22.79
N SER A 853 14.12 -10.43 -21.92
CA SER A 853 14.20 -11.87 -21.67
C SER A 853 13.47 -12.71 -22.72
N HIS A 854 12.36 -12.20 -23.25
CA HIS A 854 11.55 -12.99 -24.18
C HIS A 854 11.55 -12.47 -25.62
N CYS A 855 11.93 -11.21 -25.80
CA CYS A 855 11.89 -10.59 -27.13
C CYS A 855 13.15 -9.80 -27.44
N PHE A 856 14.32 -10.39 -27.21
CA PHE A 856 15.60 -9.73 -27.49
C PHE A 856 15.83 -9.30 -28.97
N PRO A 857 15.35 -10.12 -29.93
CA PRO A 857 15.54 -9.67 -31.31
C PRO A 857 15.00 -8.26 -31.58
N ALA A 858 14.02 -7.83 -30.81
CA ALA A 858 13.47 -6.48 -30.96
C ALA A 858 14.55 -5.43 -30.73
N PHE A 859 15.42 -5.70 -29.75
CA PHE A 859 16.58 -4.85 -29.50
C PHE A 859 17.52 -4.92 -30.68
N LEU A 860 17.63 -6.10 -31.28
CA LEU A 860 18.44 -6.19 -32.51
C LEU A 860 17.80 -5.50 -33.71
N ALA A 861 16.53 -5.11 -33.57
CA ALA A 861 15.75 -4.57 -34.69
C ALA A 861 15.41 -3.08 -34.52
N ILE A 862 15.97 -2.45 -33.49
CA ILE A 862 15.73 -1.04 -33.24
C ILE A 862 16.99 -0.21 -33.41
N PRO A 863 16.85 1.07 -33.77
CA PRO A 863 17.97 2.00 -33.95
C PRO A 863 18.97 2.00 -32.78
N PRO A 864 20.25 2.22 -33.08
CA PRO A 864 21.34 2.24 -32.09
C PRO A 864 21.17 3.36 -31.07
N THR A 865 20.83 4.54 -31.56
CA THR A 865 20.61 5.72 -30.72
C THR A 865 19.56 5.45 -29.64
N GLN A 866 18.58 4.62 -29.96
CA GLN A 866 17.54 4.24 -29.01
C GLN A 866 18.02 3.15 -28.06
N PHE A 867 18.84 2.25 -28.58
CA PHE A 867 19.42 1.17 -27.76
C PHE A 867 20.30 1.74 -26.67
N LYS A 868 20.96 2.85 -26.99
CA LYS A 868 21.70 3.61 -25.99
C LYS A 868 20.78 4.03 -24.84
N LEU A 869 19.58 4.47 -25.21
CA LEU A 869 18.59 4.89 -24.22
C LEU A 869 18.10 3.72 -23.36
N VAL A 870 17.92 2.56 -23.99
CA VAL A 870 17.55 1.34 -23.25
C VAL A 870 18.62 0.96 -22.24
N LEU A 871 19.86 0.86 -22.70
CA LEU A 871 21.01 0.54 -21.86
C LEU A 871 21.11 1.51 -20.69
N ASP A 872 20.97 2.80 -21.00
CA ASP A 872 20.97 3.82 -19.97
C ASP A 872 19.85 3.61 -18.97
N SER A 873 18.68 3.18 -19.45
CA SER A 873 17.57 2.89 -18.57
C SER A 873 17.95 1.77 -17.60
N ILE A 874 18.63 0.75 -18.11
CA ILE A 874 19.09 -0.37 -17.26
C ILE A 874 20.06 0.10 -16.17
N ILE A 875 21.10 0.82 -16.59
CA ILE A 875 22.07 1.38 -15.65
C ILE A 875 21.36 2.19 -14.58
N TRP A 876 20.53 3.12 -15.03
CA TRP A 876 19.69 3.93 -14.18
C TRP A 876 18.92 3.08 -13.18
N ALA A 877 18.43 1.92 -13.63
CA ALA A 877 17.70 1.01 -12.76
C ALA A 877 18.60 0.50 -11.65
N PHE A 878 19.79 -0.01 -11.97
CA PHE A 878 20.61 -0.56 -10.88
C PHE A 878 21.29 0.54 -10.06
N LYS A 879 21.06 1.80 -10.42
CA LYS A 879 21.56 2.90 -9.61
C LYS A 879 20.61 3.26 -8.46
N HIS A 880 19.46 2.58 -8.42
CA HIS A 880 18.40 2.92 -7.46
C HIS A 880 18.67 2.48 -6.02
N THR A 881 18.16 3.25 -5.07
CA THR A 881 18.17 2.85 -3.67
C THR A 881 17.00 1.94 -3.36
N MET A 882 15.95 2.01 -4.17
CA MET A 882 14.85 1.06 -4.09
C MET A 882 15.39 -0.31 -4.45
N ARG A 883 15.26 -1.27 -3.53
CA ARG A 883 15.90 -2.57 -3.67
C ARG A 883 15.46 -3.34 -4.92
N ASN A 884 14.16 -3.47 -5.12
CA ASN A 884 13.62 -4.30 -6.20
C ASN A 884 13.97 -3.76 -7.58
N VAL A 885 14.02 -2.45 -7.70
CA VAL A 885 14.33 -1.83 -8.97
C VAL A 885 15.76 -2.13 -9.35
N ALA A 886 16.69 -1.88 -8.42
CA ALA A 886 18.10 -2.17 -8.64
C ALA A 886 18.33 -3.65 -8.93
N ASP A 887 17.63 -4.50 -8.19
CA ASP A 887 17.70 -5.94 -8.38
C ASP A 887 17.34 -6.31 -9.82
N THR A 888 16.17 -5.88 -10.25
CA THR A 888 15.70 -6.16 -11.59
C THR A 888 16.68 -5.60 -12.62
N GLY A 889 17.22 -4.41 -12.36
CA GLY A 889 18.19 -3.81 -13.24
C GLY A 889 19.40 -4.70 -13.47
N LEU A 890 20.00 -5.17 -12.38
CA LEU A 890 21.15 -6.07 -12.47
C LEU A 890 20.80 -7.35 -13.23
N GLN A 891 19.65 -7.94 -12.90
CA GLN A 891 19.18 -9.13 -13.61
C GLN A 891 19.11 -8.89 -15.12
N ILE A 892 18.46 -7.79 -15.52
CA ILE A 892 18.36 -7.42 -16.92
C ILE A 892 19.73 -7.29 -17.57
N LEU A 893 20.65 -6.62 -16.88
CA LEU A 893 21.99 -6.42 -17.43
C LEU A 893 22.67 -7.76 -17.70
N PHE A 894 22.56 -8.66 -16.73
CA PHE A 894 23.14 -10.01 -16.85
C PHE A 894 22.57 -10.77 -18.05
N THR A 895 21.25 -10.90 -18.07
CA THR A 895 20.59 -11.64 -19.14
C THR A 895 20.81 -10.98 -20.49
N LEU A 896 21.07 -9.68 -20.48
CA LEU A 896 21.36 -8.95 -21.70
C LEU A 896 22.73 -9.30 -22.22
N LEU A 897 23.71 -9.37 -21.32
CA LEU A 897 25.05 -9.78 -21.70
C LEU A 897 24.99 -11.17 -22.30
N GLN A 898 24.24 -12.06 -21.67
CA GLN A 898 24.06 -13.41 -22.21
C GLN A 898 23.41 -13.38 -23.60
N ASN A 899 22.35 -12.60 -23.74
CA ASN A 899 21.65 -12.43 -25.01
C ASN A 899 22.55 -11.97 -26.13
N VAL A 900 23.43 -11.02 -25.81
CA VAL A 900 24.39 -10.51 -26.77
C VAL A 900 25.41 -11.58 -27.13
N ALA A 901 25.83 -12.34 -26.12
CA ALA A 901 26.75 -13.46 -26.33
C ALA A 901 26.13 -14.49 -27.26
N GLN A 902 24.80 -14.56 -27.28
CA GLN A 902 24.09 -15.48 -28.16
C GLN A 902 24.18 -15.05 -29.64
N GLU A 903 23.98 -13.75 -29.89
CA GLU A 903 24.00 -13.22 -31.25
C GLU A 903 25.41 -12.76 -31.63
N GLU A 904 26.14 -13.61 -32.34
CA GLU A 904 27.57 -13.38 -32.59
C GLU A 904 27.84 -12.20 -33.51
N ALA A 905 26.84 -11.80 -34.30
CA ALA A 905 27.01 -10.68 -35.21
C ALA A 905 27.15 -9.37 -34.45
N ALA A 906 26.23 -9.13 -33.52
CA ALA A 906 26.20 -7.89 -32.75
C ALA A 906 27.22 -7.89 -31.62
N ALA A 907 27.61 -9.08 -31.18
CA ALA A 907 28.43 -9.26 -29.98
C ALA A 907 29.65 -8.34 -29.92
N GLN A 908 30.50 -8.42 -30.95
CA GLN A 908 31.75 -7.67 -30.97
C GLN A 908 31.51 -6.17 -30.97
N SER A 909 30.55 -5.72 -31.78
CA SER A 909 30.20 -4.31 -31.84
C SER A 909 29.70 -3.80 -30.49
N PHE A 910 28.89 -4.62 -29.82
CA PHE A 910 28.33 -4.28 -28.52
C PHE A 910 29.43 -4.13 -27.48
N TYR A 911 30.31 -5.14 -27.43
CA TYR A 911 31.45 -5.11 -26.52
C TYR A 911 32.26 -3.83 -26.73
N GLN A 912 32.70 -3.65 -27.97
CA GLN A 912 33.46 -2.48 -28.38
C GLN A 912 32.79 -1.17 -28.01
N THR A 913 31.47 -1.18 -27.98
CA THR A 913 30.71 0.03 -27.75
C THR A 913 30.52 0.37 -26.26
N TYR A 914 30.05 -0.59 -25.49
CA TYR A 914 29.61 -0.29 -24.13
C TYR A 914 30.42 -0.92 -22.99
N PHE A 915 31.33 -1.86 -23.29
CA PHE A 915 31.97 -2.65 -22.24
C PHE A 915 32.54 -1.82 -21.08
N CYS A 916 33.31 -0.79 -21.41
CA CYS A 916 33.97 0.03 -20.40
C CYS A 916 32.99 0.91 -19.63
N ASP A 917 31.98 1.43 -20.33
CA ASP A 917 30.94 2.25 -19.69
C ASP A 917 30.19 1.42 -18.65
N ILE A 918 29.80 0.22 -19.05
CA ILE A 918 29.14 -0.71 -18.15
C ILE A 918 30.02 -0.98 -16.94
N LEU A 919 31.27 -1.36 -17.20
CA LEU A 919 32.22 -1.64 -16.12
C LEU A 919 32.34 -0.50 -15.13
N GLN A 920 32.52 0.72 -15.62
CA GLN A 920 32.75 1.85 -14.73
C GLN A 920 31.48 2.20 -13.93
N HIS A 921 30.31 2.13 -14.56
CA HIS A 921 29.06 2.37 -13.83
C HIS A 921 28.86 1.34 -12.72
N ILE A 922 29.02 0.08 -13.08
CA ILE A 922 28.93 -1.02 -12.12
C ILE A 922 29.91 -0.82 -10.96
N PHE A 923 31.16 -0.50 -11.28
CA PHE A 923 32.16 -0.24 -10.24
C PHE A 923 31.75 0.92 -9.36
N SER A 924 31.07 1.91 -9.95
CA SER A 924 30.58 3.04 -9.17
C SER A 924 29.50 2.60 -8.21
N VAL A 925 28.79 1.54 -8.57
CA VAL A 925 27.74 0.99 -7.69
C VAL A 925 28.32 0.08 -6.59
N VAL A 926 29.27 -0.77 -6.97
CA VAL A 926 29.89 -1.73 -6.07
C VAL A 926 30.65 -1.07 -4.93
N THR A 927 31.34 0.02 -5.24
CA THR A 927 32.11 0.75 -4.24
C THR A 927 31.21 1.61 -3.37
N ASP A 928 29.90 1.56 -3.63
CA ASP A 928 28.93 2.30 -2.84
C ASP A 928 28.31 1.43 -1.75
N THR A 929 28.22 1.97 -0.54
CA THR A 929 27.72 1.23 0.61
C THR A 929 26.22 0.96 0.51
N SER A 930 25.51 1.79 -0.25
CA SER A 930 24.05 1.71 -0.33
C SER A 930 23.55 0.68 -1.33
N HIS A 931 24.47 -0.10 -1.90
CA HIS A 931 24.10 -1.07 -2.93
C HIS A 931 24.59 -2.47 -2.63
N THR A 932 25.11 -2.66 -1.42
CA THR A 932 25.69 -3.94 -1.01
C THR A 932 24.72 -5.10 -1.18
N ALA A 933 23.44 -4.81 -1.13
CA ALA A 933 22.39 -5.81 -1.29
C ALA A 933 22.50 -6.56 -2.62
N GLY A 934 23.01 -5.89 -3.65
CA GLY A 934 23.13 -6.52 -4.95
C GLY A 934 24.51 -7.14 -5.21
N LEU A 935 25.28 -7.30 -4.14
CA LEU A 935 26.63 -7.83 -4.21
C LEU A 935 26.72 -9.12 -5.02
N THR A 936 25.92 -10.12 -4.64
CA THR A 936 25.87 -11.41 -5.33
C THR A 936 25.72 -11.23 -6.84
N MET A 937 24.87 -10.28 -7.24
CA MET A 937 24.68 -10.03 -8.66
C MET A 937 25.90 -9.35 -9.26
N HIS A 938 26.38 -8.29 -8.58
CA HIS A 938 27.55 -7.54 -9.04
C HIS A 938 28.67 -8.47 -9.43
N ALA A 939 29.13 -9.26 -8.46
CA ALA A 939 30.14 -10.29 -8.68
C ALA A 939 29.81 -11.09 -9.93
N SER A 940 28.61 -11.70 -9.92
CA SER A 940 28.18 -12.56 -11.03
C SER A 940 28.35 -11.88 -12.39
N ILE A 941 28.10 -10.57 -12.43
CA ILE A 941 28.29 -9.85 -13.67
C ILE A 941 29.78 -9.74 -13.97
N LEU A 942 30.52 -9.11 -13.06
CA LEU A 942 31.93 -8.80 -13.30
C LEU A 942 32.71 -10.06 -13.64
N ALA A 943 32.56 -11.07 -12.80
CA ALA A 943 33.10 -12.40 -13.05
C ALA A 943 32.88 -12.76 -14.51
N TYR A 944 31.60 -12.88 -14.88
CA TYR A 944 31.21 -13.20 -16.24
C TYR A 944 31.98 -12.34 -17.23
N MET A 945 31.88 -11.03 -17.04
CA MET A 945 32.47 -10.07 -17.98
C MET A 945 33.96 -10.35 -18.08
N PHE A 946 34.60 -10.49 -16.93
CA PHE A 946 36.04 -10.66 -16.92
C PHE A 946 36.39 -12.00 -17.56
N ASN A 947 35.54 -13.01 -17.34
CA ASN A 947 35.78 -14.30 -17.95
C ASN A 947 35.77 -14.15 -19.46
N LEU A 948 34.85 -13.32 -19.95
CA LEU A 948 34.70 -13.08 -21.37
C LEU A 948 35.98 -12.51 -21.95
N VAL A 949 36.71 -11.77 -21.12
CA VAL A 949 37.90 -11.09 -21.59
C VAL A 949 39.05 -12.08 -21.70
N GLU A 950 38.99 -13.18 -20.96
CA GLU A 950 40.08 -14.14 -21.04
C GLU A 950 40.15 -14.79 -22.44
N GLU A 951 39.02 -15.12 -23.06
CA GLU A 951 39.09 -15.80 -24.37
C GLU A 951 37.99 -15.53 -25.40
N GLY A 952 36.92 -14.83 -25.04
CA GLY A 952 35.76 -14.71 -25.91
C GLY A 952 35.52 -13.39 -26.64
N LYS A 953 36.46 -12.46 -26.57
CA LYS A 953 36.30 -11.15 -27.21
C LYS A 953 37.42 -10.90 -28.22
N ILE A 954 37.10 -11.04 -29.51
CA ILE A 954 38.12 -11.04 -30.55
C ILE A 954 38.69 -9.66 -30.88
N SER A 955 37.83 -8.64 -30.97
CA SER A 955 38.27 -7.30 -31.30
C SER A 955 39.01 -6.67 -30.12
N THR A 956 39.81 -5.64 -30.42
CA THR A 956 40.61 -4.99 -29.40
C THR A 956 40.12 -3.57 -29.15
N SER A 957 40.17 -3.13 -27.89
CA SER A 957 39.56 -1.87 -27.47
C SER A 957 40.21 -0.61 -28.04
N LEU A 958 41.54 -0.53 -27.99
CA LEU A 958 42.22 0.68 -28.45
C LEU A 958 42.94 0.47 -29.79
N ASN A 959 43.22 1.58 -30.48
CA ASN A 959 43.91 1.55 -31.76
C ASN A 959 45.23 0.78 -31.71
N PRO A 960 46.09 1.06 -30.71
CA PRO A 960 47.28 0.20 -30.66
C PRO A 960 46.93 -1.18 -30.12
N GLY A 961 46.27 -2.00 -30.94
CA GLY A 961 45.81 -3.31 -30.50
C GLY A 961 46.92 -4.22 -30.02
N ASN A 962 48.09 -4.13 -30.65
CA ASN A 962 49.23 -4.97 -30.31
C ASN A 962 49.86 -4.65 -28.94
N PRO A 963 50.17 -3.36 -28.67
CA PRO A 963 50.67 -3.12 -27.32
C PRO A 963 49.57 -3.20 -26.27
N VAL A 964 48.32 -3.28 -26.72
CA VAL A 964 47.17 -3.22 -25.84
C VAL A 964 46.31 -4.47 -26.00
N ASN A 965 46.75 -5.57 -25.41
CA ASN A 965 45.96 -6.81 -25.38
C ASN A 965 44.77 -6.64 -24.46
N ASN A 966 43.72 -7.44 -24.67
CA ASN A 966 42.48 -7.33 -23.89
C ASN A 966 42.69 -7.33 -22.39
N GLN A 967 43.30 -8.39 -21.86
CA GLN A 967 43.50 -8.52 -20.42
C GLN A 967 44.39 -7.42 -19.86
N ILE A 968 45.51 -7.16 -20.53
CA ILE A 968 46.44 -6.11 -20.11
C ILE A 968 45.73 -4.76 -20.03
N PHE A 969 45.05 -4.42 -21.11
CA PHE A 969 44.31 -3.17 -21.19
C PHE A 969 43.29 -3.04 -20.09
N LEU A 970 42.55 -4.11 -19.84
CA LEU A 970 41.59 -4.10 -18.74
C LEU A 970 42.31 -3.76 -17.46
N GLN A 971 43.29 -4.57 -17.11
CA GLN A 971 44.01 -4.40 -15.86
C GLN A 971 44.45 -2.95 -15.66
N GLU A 972 45.13 -2.37 -16.64
CA GLU A 972 45.60 -1.00 -16.48
C GLU A 972 44.45 0.01 -16.44
N TYR A 973 43.37 -0.28 -17.16
CA TYR A 973 42.21 0.61 -17.22
C TYR A 973 41.46 0.67 -15.91
N VAL A 974 41.08 -0.50 -15.41
CA VAL A 974 40.43 -0.64 -14.11
C VAL A 974 41.31 -0.06 -13.02
N ALA A 975 42.62 -0.35 -13.10
CA ALA A 975 43.57 0.17 -12.12
C ALA A 975 43.58 1.69 -12.11
N ASN A 976 43.69 2.31 -13.28
CA ASN A 976 43.73 3.75 -13.38
C ASN A 976 42.41 4.39 -12.94
N LEU A 977 41.32 3.72 -13.30
CA LEU A 977 39.96 4.17 -12.96
C LEU A 977 39.75 4.21 -11.45
N LEU A 978 40.13 3.13 -10.77
CA LEU A 978 39.99 3.05 -9.32
C LEU A 978 40.99 3.95 -8.61
N LYS A 979 42.17 4.14 -9.20
CA LYS A 979 43.17 5.02 -8.63
C LYS A 979 42.71 6.47 -8.67
N SER A 980 42.11 6.87 -9.78
CA SER A 980 41.61 8.24 -9.93
C SER A 980 40.31 8.46 -9.14
N ALA A 981 39.49 7.41 -9.05
CA ALA A 981 38.27 7.47 -8.25
C ALA A 981 38.59 7.55 -6.77
N PHE A 982 39.52 6.68 -6.32
CA PHE A 982 39.95 6.67 -4.93
C PHE A 982 41.44 6.88 -4.84
N PRO A 983 41.86 8.16 -4.80
CA PRO A 983 43.27 8.54 -4.82
C PRO A 983 44.04 8.12 -3.57
N HIS A 984 43.31 7.88 -2.47
CA HIS A 984 43.96 7.54 -1.20
C HIS A 984 44.35 6.07 -1.13
N LEU A 985 43.98 5.32 -2.17
CA LEU A 985 44.36 3.91 -2.25
C LEU A 985 45.84 3.78 -2.61
N GLN A 986 46.40 2.61 -2.30
CA GLN A 986 47.79 2.33 -2.64
C GLN A 986 47.84 1.56 -3.96
N ASP A 987 48.97 1.65 -4.67
CA ASP A 987 49.11 0.95 -5.94
C ASP A 987 48.94 -0.56 -5.72
N ALA A 988 49.59 -1.08 -4.68
CA ALA A 988 49.55 -2.50 -4.37
C ALA A 988 48.11 -2.98 -4.14
N GLN A 989 47.37 -2.23 -3.33
CA GLN A 989 45.94 -2.50 -3.10
C GLN A 989 45.18 -2.71 -4.40
N VAL A 990 45.35 -1.76 -5.32
CA VAL A 990 44.57 -1.75 -6.54
C VAL A 990 44.98 -2.87 -7.47
N LYS A 991 46.29 -3.06 -7.64
CA LYS A 991 46.79 -4.12 -8.52
C LYS A 991 46.29 -5.47 -8.01
N LEU A 992 46.31 -5.62 -6.69
CA LEU A 992 45.90 -6.87 -6.05
C LEU A 992 44.42 -7.13 -6.24
N PHE A 993 43.63 -6.06 -6.11
CA PHE A 993 42.19 -6.14 -6.34
C PHE A 993 41.88 -6.53 -7.79
N VAL A 994 42.57 -5.90 -8.72
CA VAL A 994 42.32 -6.11 -10.15
C VAL A 994 42.76 -7.51 -10.61
N THR A 995 43.87 -8.01 -10.09
CA THR A 995 44.24 -9.39 -10.42
C THR A 995 43.25 -10.33 -9.74
N GLY A 996 42.73 -9.91 -8.60
CA GLY A 996 41.71 -10.67 -7.90
C GLY A 996 40.46 -10.80 -8.74
N LEU A 997 40.22 -9.81 -9.60
CA LEU A 997 39.07 -9.83 -10.51
C LEU A 997 39.17 -10.94 -11.55
N PHE A 998 40.38 -11.21 -12.04
CA PHE A 998 40.59 -12.25 -13.05
C PHE A 998 40.77 -13.63 -12.41
N SER A 999 41.46 -13.66 -11.27
CA SER A 999 41.77 -14.92 -10.61
C SER A 999 40.52 -15.61 -10.07
N LEU A 1000 39.52 -14.80 -9.69
CA LEU A 1000 38.33 -15.33 -9.05
C LEU A 1000 37.09 -15.26 -9.93
N ASN A 1001 37.28 -15.15 -11.24
CA ASN A 1001 36.14 -14.98 -12.14
C ASN A 1001 35.38 -16.28 -12.39
N GLN A 1002 35.71 -17.32 -11.64
CA GLN A 1002 35.01 -18.59 -11.73
C GLN A 1002 34.68 -19.11 -10.33
N ASP A 1003 34.84 -18.23 -9.35
CA ASP A 1003 34.51 -18.54 -7.95
C ASP A 1003 33.71 -17.38 -7.37
N ILE A 1004 32.39 -17.44 -7.53
CA ILE A 1004 31.51 -16.32 -7.18
C ILE A 1004 31.51 -15.92 -5.70
N PRO A 1005 31.42 -16.89 -4.77
CA PRO A 1005 31.46 -16.43 -3.37
C PRO A 1005 32.79 -15.78 -3.02
N ALA A 1006 33.89 -16.31 -3.55
CA ALA A 1006 35.19 -15.75 -3.34
C ALA A 1006 35.26 -14.34 -3.90
N PHE A 1007 34.72 -14.17 -5.12
CA PHE A 1007 34.66 -12.88 -5.78
C PHE A 1007 33.88 -11.87 -4.93
N LYS A 1008 32.79 -12.35 -4.36
CA LYS A 1008 31.94 -11.56 -3.50
C LYS A 1008 32.73 -11.07 -2.30
N GLU A 1009 33.48 -11.99 -1.70
CA GLU A 1009 34.28 -11.67 -0.53
C GLU A 1009 35.37 -10.68 -0.89
N HIS A 1010 35.94 -10.86 -2.07
CA HIS A 1010 36.97 -9.96 -2.60
C HIS A 1010 36.41 -8.55 -2.70
N LEU A 1011 35.18 -8.46 -3.19
CA LEU A 1011 34.51 -7.18 -3.35
C LEU A 1011 34.25 -6.55 -1.99
N ARG A 1012 33.85 -7.35 -1.01
CA ARG A 1012 33.63 -6.85 0.34
C ARG A 1012 34.93 -6.30 0.92
N ASP A 1013 36.04 -7.02 0.68
CA ASP A 1013 37.37 -6.59 1.09
C ASP A 1013 37.69 -5.22 0.53
N PHE A 1014 37.54 -5.07 -0.78
CA PHE A 1014 37.83 -3.79 -1.43
C PHE A 1014 36.96 -2.69 -0.85
N LEU A 1015 35.71 -3.04 -0.57
CA LEU A 1015 34.75 -2.10 -0.02
C LEU A 1015 35.21 -1.59 1.34
N VAL A 1016 35.83 -2.47 2.13
CA VAL A 1016 36.40 -2.06 3.41
C VAL A 1016 37.67 -1.22 3.22
N GLN A 1017 38.51 -1.62 2.28
CA GLN A 1017 39.77 -0.91 2.03
C GLN A 1017 39.56 0.52 1.56
N ILE A 1018 38.55 0.75 0.73
CA ILE A 1018 38.33 2.09 0.17
C ILE A 1018 37.72 3.06 1.18
N LYS A 1019 37.38 2.57 2.36
CA LYS A 1019 36.73 3.39 3.38
C LYS A 1019 37.72 3.90 4.44
N GLU A 1020 38.95 3.42 4.39
CA GLU A 1020 39.97 3.85 5.36
C GLU A 1020 41.29 4.23 4.69
N PHE A 1021 41.95 5.26 5.24
CA PHE A 1021 43.19 5.78 4.70
C PHE A 1021 44.41 5.05 5.27
N ALA A 1022 44.87 4.03 4.55
CA ALA A 1022 46.12 3.37 4.93
C ALA A 1022 47.25 4.38 4.78
N GLY A 1023 47.28 5.00 3.61
CA GLY A 1023 48.28 6.02 3.33
C GLY A 1023 49.47 5.45 2.60
N GLU A 1024 50.66 5.74 3.11
CA GLU A 1024 51.88 5.40 2.41
C GLU A 1024 52.61 4.21 3.03
N ASP A 1025 53.01 3.29 2.16
CA ASP A 1025 53.89 2.16 2.51
C ASP A 1025 53.55 1.40 3.79
N THR A 1026 52.31 1.52 4.26
CA THR A 1026 51.91 0.71 5.41
C THR A 1026 51.25 -0.57 4.88
N SER A 1027 51.96 -1.68 5.03
CA SER A 1027 51.52 -2.91 4.40
C SER A 1027 51.03 -3.97 5.38
N ASP A 1028 49.74 -3.90 5.70
CA ASP A 1028 49.08 -4.94 6.49
C ASP A 1028 47.89 -5.45 5.67
N LEU A 1029 48.18 -5.73 4.41
CA LEU A 1029 47.24 -6.22 3.43
C LEU A 1029 47.53 -7.69 3.19
N PHE A 1030 48.58 -8.17 3.85
CA PHE A 1030 49.00 -9.56 3.80
C PHE A 1030 49.03 -10.09 2.39
N LEU A 1031 49.96 -9.57 1.60
CA LEU A 1031 50.04 -9.89 0.19
C LEU A 1031 50.33 -11.37 -0.01
N GLU A 1032 51.09 -11.99 0.90
CA GLU A 1032 51.45 -13.39 0.70
C GLU A 1032 50.23 -14.29 0.77
N GLU A 1033 49.50 -14.28 1.89
CA GLU A 1033 48.28 -15.08 2.01
C GLU A 1033 47.30 -14.77 0.87
N ARG A 1034 47.16 -13.48 0.56
CA ARG A 1034 46.24 -13.02 -0.49
C ARG A 1034 46.59 -13.57 -1.87
N GLU A 1035 47.79 -13.28 -2.34
CA GLU A 1035 48.28 -13.71 -3.64
C GLU A 1035 48.36 -15.24 -3.72
N ILE A 1036 48.57 -15.88 -2.58
CA ILE A 1036 48.53 -17.33 -2.50
C ILE A 1036 47.13 -17.83 -2.79
N ALA A 1037 46.14 -17.25 -2.12
CA ALA A 1037 44.74 -17.63 -2.32
C ALA A 1037 44.31 -17.40 -3.76
N LEU A 1038 44.66 -16.25 -4.29
CA LEU A 1038 44.39 -15.92 -5.68
C LEU A 1038 45.02 -16.94 -6.60
N ARG A 1039 46.21 -17.39 -6.22
CA ARG A 1039 46.94 -18.38 -7.00
C ARG A 1039 46.23 -19.73 -7.00
N GLN A 1040 45.81 -20.18 -5.83
CA GLN A 1040 45.12 -21.47 -5.69
C GLN A 1040 43.81 -21.47 -6.45
N ALA A 1041 43.06 -20.37 -6.32
CA ALA A 1041 41.82 -20.21 -7.06
C ALA A 1041 42.09 -20.20 -8.55
N ASP A 1042 43.22 -19.62 -8.93
CA ASP A 1042 43.60 -19.54 -10.33
C ASP A 1042 43.92 -20.93 -10.88
N GLU A 1043 44.47 -21.78 -10.02
CA GLU A 1043 44.81 -23.15 -10.41
C GLU A 1043 43.55 -23.96 -10.75
N GLU A 1044 42.52 -23.81 -9.92
CA GLU A 1044 41.24 -24.46 -10.18
C GLU A 1044 40.38 -23.64 -11.13
N GLN B 1 4.68 13.34 31.52
CA GLN B 1 3.66 13.18 30.50
C GLN B 1 3.46 11.71 30.15
N VAL B 2 3.86 10.84 31.09
CA VAL B 2 3.88 9.38 30.91
C VAL B 2 4.28 9.00 29.47
N GLN B 3 5.40 9.58 29.03
CA GLN B 3 5.92 9.30 27.70
C GLN B 3 7.21 8.49 27.76
N PHE B 4 7.51 7.76 26.71
CA PHE B 4 8.68 6.90 26.65
C PHE B 4 9.51 7.17 25.40
N LYS B 5 10.82 6.94 25.50
CA LYS B 5 11.67 7.04 24.31
C LYS B 5 11.82 5.68 23.63
N LEU B 6 11.36 5.65 22.38
CA LEU B 6 11.45 4.46 21.54
C LEU B 6 12.42 4.73 20.42
N VAL B 7 13.38 3.84 20.23
CA VAL B 7 14.31 3.99 19.12
C VAL B 7 14.03 2.93 18.07
N LEU B 8 13.88 3.40 16.83
CA LEU B 8 13.50 2.52 15.73
C LEU B 8 14.68 2.32 14.78
N VAL B 9 15.21 1.10 14.74
CA VAL B 9 16.37 0.84 13.92
C VAL B 9 16.12 -0.27 12.91
N GLY B 10 17.02 -0.39 11.94
CA GLY B 10 16.92 -1.40 10.90
C GLY B 10 17.56 -0.92 9.63
N ASP B 11 17.66 -1.80 8.64
CA ASP B 11 18.28 -1.45 7.38
C ASP B 11 17.43 -0.46 6.59
N GLY B 12 18.00 0.12 5.55
CA GLY B 12 17.27 1.02 4.69
C GLY B 12 16.21 0.29 3.89
N GLY B 13 15.16 1.01 3.50
CA GLY B 13 14.10 0.45 2.69
C GLY B 13 13.41 -0.69 3.39
N THR B 14 13.29 -0.57 4.70
CA THR B 14 12.75 -1.65 5.52
C THR B 14 11.28 -1.37 5.87
N GLY B 15 10.98 -0.13 6.19
CA GLY B 15 9.61 0.28 6.41
C GLY B 15 9.42 1.10 7.66
N LYS B 16 10.52 1.46 8.30
CA LYS B 16 10.48 2.23 9.55
C LYS B 16 9.64 3.52 9.42
N THR B 17 10.06 4.39 8.51
CA THR B 17 9.44 5.69 8.35
C THR B 17 7.98 5.57 7.91
N THR B 18 7.72 4.67 6.95
CA THR B 18 6.38 4.43 6.46
C THR B 18 5.48 3.95 7.58
N PHE B 19 6.04 3.06 8.40
CA PHE B 19 5.35 2.51 9.57
C PHE B 19 4.92 3.62 10.54
N VAL B 20 5.88 4.45 10.93
CA VAL B 20 5.60 5.56 11.84
C VAL B 20 4.58 6.55 11.24
N LYS B 21 4.78 6.91 9.98
CA LYS B 21 3.90 7.87 9.30
C LYS B 21 2.47 7.34 9.27
N ARG B 22 2.32 6.07 8.94
CA ARG B 22 1.00 5.46 8.93
C ARG B 22 0.39 5.48 10.32
N HIS B 23 1.21 5.25 11.35
CA HIS B 23 0.72 5.37 12.71
C HIS B 23 0.34 6.81 13.07
N LEU B 24 0.89 7.78 12.33
CA LEU B 24 0.57 9.18 12.57
C LEU B 24 -0.63 9.65 11.75
N THR B 25 -0.40 9.90 10.47
CA THR B 25 -1.43 10.37 9.55
C THR B 25 -2.50 9.31 9.35
N GLY B 26 -2.08 8.14 8.87
CA GLY B 26 -3.00 7.07 8.55
C GLY B 26 -2.79 6.63 7.12
N GLU B 27 -2.00 7.40 6.38
CA GLU B 27 -1.72 7.09 4.98
C GLU B 27 -0.58 6.09 4.86
N PHE B 28 -0.32 5.66 3.64
CA PHE B 28 0.77 4.73 3.37
C PHE B 28 1.65 5.28 2.26
N GLU B 29 2.91 5.60 2.60
CA GLU B 29 3.83 6.17 1.63
C GLU B 29 4.33 5.11 0.65
N LYS B 30 4.24 5.43 -0.64
CA LYS B 30 4.69 4.52 -1.69
C LYS B 30 6.17 4.74 -2.01
N LYS B 31 6.65 5.96 -1.76
CA LYS B 31 8.01 6.34 -2.14
C LYS B 31 9.04 5.96 -1.08
N TYR B 32 10.28 5.76 -1.53
CA TYR B 32 11.41 5.56 -0.62
C TYR B 32 12.28 6.79 -0.58
N VAL B 33 11.97 7.70 0.33
CA VAL B 33 12.80 8.88 0.57
C VAL B 33 13.53 8.65 1.90
N ALA B 34 14.81 8.26 1.79
CA ALA B 34 15.58 7.76 2.93
C ALA B 34 15.71 8.79 4.06
N THR B 35 15.53 8.30 5.28
CA THR B 35 15.68 9.14 6.46
C THR B 35 17.12 9.59 6.58
N LEU B 36 17.33 10.82 7.03
CA LEU B 36 18.68 11.33 7.27
C LEU B 36 18.93 11.49 8.76
N GLY B 37 19.94 10.80 9.26
CA GLY B 37 20.25 10.81 10.68
C GLY B 37 19.07 10.29 11.47
N VAL B 38 18.26 11.21 12.00
CA VAL B 38 17.10 10.83 12.78
C VAL B 38 15.94 11.80 12.59
N GLU B 39 14.72 11.25 12.57
CA GLU B 39 13.50 12.03 12.67
C GLU B 39 12.72 11.56 13.88
N VAL B 40 12.44 12.47 14.81
CA VAL B 40 11.67 12.07 15.99
C VAL B 40 10.23 12.51 15.86
N HIS B 41 9.32 11.56 15.97
CA HIS B 41 7.90 11.87 15.92
C HIS B 41 7.20 11.42 17.19
N PRO B 42 6.53 12.35 17.88
CA PRO B 42 5.64 12.01 18.99
C PRO B 42 4.43 11.24 18.47
N LEU B 43 4.07 10.17 19.17
CA LEU B 43 3.02 9.26 18.72
C LEU B 43 2.21 8.76 19.91
N VAL B 44 0.93 9.13 20.00
CA VAL B 44 0.15 8.76 21.18
C VAL B 44 -0.82 7.59 20.95
N PHE B 45 -0.99 6.80 22.01
CA PHE B 45 -2.01 5.76 22.05
C PHE B 45 -2.87 5.97 23.29
N HIS B 46 -4.15 5.62 23.19
CA HIS B 46 -5.03 5.72 24.34
C HIS B 46 -5.27 4.33 24.93
N THR B 47 -4.82 4.14 26.17
CA THR B 47 -4.96 2.86 26.84
C THR B 47 -6.10 2.90 27.86
N ASN B 48 -6.53 1.72 28.30
CA ASN B 48 -7.59 1.60 29.30
C ASN B 48 -7.20 2.25 30.63
N ARG B 49 -5.89 2.47 30.81
CA ARG B 49 -5.39 3.12 32.01
C ARG B 49 -4.92 4.54 31.73
N GLY B 50 -5.45 5.15 30.68
CA GLY B 50 -5.10 6.51 30.33
C GLY B 50 -4.20 6.58 29.10
N PRO B 51 -3.79 7.79 28.71
CA PRO B 51 -2.99 7.98 27.50
C PRO B 51 -1.52 7.59 27.68
N ILE B 52 -0.83 7.34 26.57
CA ILE B 52 0.61 7.05 26.62
C ILE B 52 1.29 7.57 25.36
N LYS B 53 2.44 8.20 25.52
CA LYS B 53 3.14 8.80 24.39
C LYS B 53 4.46 8.11 24.11
N PHE B 54 4.66 7.73 22.85
CA PHE B 54 5.92 7.18 22.37
C PHE B 54 6.64 8.23 21.54
N ASN B 55 7.82 8.65 21.99
CA ASN B 55 8.65 9.51 21.16
C ASN B 55 9.53 8.67 20.27
N VAL B 56 9.08 8.45 19.04
CA VAL B 56 9.74 7.52 18.13
C VAL B 56 10.92 8.16 17.42
N TRP B 57 12.11 7.64 17.68
CA TRP B 57 13.31 8.09 17.00
C TRP B 57 13.54 7.24 15.75
N ASP B 58 12.86 7.63 14.67
CA ASP B 58 13.02 7.01 13.36
C ASP B 58 14.43 7.29 12.83
N THR B 59 15.33 6.33 13.01
CA THR B 59 16.72 6.49 12.59
C THR B 59 16.95 6.05 11.16
N ALA B 60 18.03 6.54 10.57
CA ALA B 60 18.42 6.16 9.21
C ALA B 60 19.17 4.83 9.19
N GLY B 61 18.78 3.96 8.27
CA GLY B 61 19.37 2.64 8.16
C GLY B 61 20.42 2.52 7.06
N LEU B 62 20.64 3.60 6.31
CA LEU B 62 21.70 3.62 5.32
C LEU B 62 22.99 4.10 5.98
N GLU B 63 24.07 3.35 5.77
CA GLU B 63 25.34 3.66 6.41
C GLU B 63 25.76 5.06 6.02
N LYS B 64 25.50 5.40 4.77
CA LYS B 64 25.81 6.72 4.22
C LYS B 64 25.15 7.85 5.02
N PHE B 65 23.92 7.60 5.48
CA PHE B 65 23.16 8.61 6.20
C PHE B 65 23.01 8.27 7.67
N GLY B 66 23.88 7.40 8.17
CA GLY B 66 23.79 6.90 9.53
C GLY B 66 23.66 7.99 10.58
N GLY B 67 24.39 9.08 10.40
CA GLY B 67 24.35 10.19 11.32
C GLY B 67 25.13 9.95 12.58
N LEU B 68 24.48 10.13 13.73
CA LEU B 68 25.10 9.95 15.03
C LEU B 68 25.10 8.50 15.46
N ARG B 69 24.38 7.68 14.71
CA ARG B 69 24.29 6.27 15.00
C ARG B 69 23.84 5.99 16.43
N ASP B 70 24.69 5.30 17.20
CA ASP B 70 24.32 4.93 18.55
C ASP B 70 24.07 6.16 19.40
N GLY B 71 24.67 7.29 19.06
CA GLY B 71 24.39 8.53 19.78
C GLY B 71 22.90 8.73 20.03
N TYR B 72 22.07 8.29 19.07
CA TYR B 72 20.61 8.39 19.18
C TYR B 72 19.99 7.49 20.25
N TYR B 73 20.73 6.46 20.65
CA TYR B 73 20.27 5.41 21.55
C TYR B 73 20.35 5.81 23.03
N ILE B 74 21.06 6.89 23.33
CA ILE B 74 21.23 7.31 24.71
C ILE B 74 19.90 7.66 25.37
N GLN B 75 19.66 7.07 26.54
CA GLN B 75 18.44 7.26 27.34
C GLN B 75 17.18 6.73 26.65
N ALA B 76 17.35 5.80 25.72
CA ALA B 76 16.21 5.13 25.11
C ALA B 76 15.57 4.20 26.13
N GLN B 77 14.25 4.05 26.05
CA GLN B 77 13.53 3.23 27.02
C GLN B 77 12.99 1.96 26.39
N CYS B 78 12.92 1.93 25.07
CA CYS B 78 12.50 0.73 24.35
C CYS B 78 12.93 0.81 22.89
N ALA B 79 12.83 -0.30 22.16
CA ALA B 79 13.31 -0.29 20.80
C ALA B 79 12.59 -1.23 19.85
N ILE B 80 12.59 -0.86 18.58
CA ILE B 80 12.08 -1.73 17.52
C ILE B 80 13.13 -1.94 16.46
N ILE B 81 13.69 -3.15 16.41
CA ILE B 81 14.55 -3.52 15.30
C ILE B 81 13.65 -4.03 14.20
N MET B 82 13.90 -3.61 12.97
CA MET B 82 13.02 -4.00 11.87
C MET B 82 13.80 -4.53 10.67
N PHE B 83 13.22 -5.51 9.97
CA PHE B 83 13.80 -5.99 8.73
C PHE B 83 12.71 -6.26 7.67
N ASP B 84 13.15 -6.62 6.47
CA ASP B 84 12.23 -6.86 5.36
C ASP B 84 12.21 -8.34 5.00
N VAL B 85 11.04 -8.95 5.06
CA VAL B 85 10.94 -10.38 4.75
C VAL B 85 11.08 -10.66 3.26
N THR B 86 11.30 -9.62 2.47
CA THR B 86 11.56 -9.79 1.04
C THR B 86 13.05 -9.61 0.73
N SER B 87 13.83 -9.26 1.75
CA SER B 87 15.27 -9.09 1.60
C SER B 87 16.03 -9.77 2.74
N ARG B 88 16.63 -10.90 2.43
CA ARG B 88 17.34 -11.71 3.43
C ARG B 88 18.50 -10.95 4.08
N VAL B 89 19.09 -10.04 3.32
CA VAL B 89 20.19 -9.23 3.80
C VAL B 89 19.78 -8.39 4.99
N THR B 90 18.60 -7.79 4.90
CA THR B 90 18.11 -6.92 5.96
C THR B 90 17.95 -7.68 7.26
N TYR B 91 17.72 -9.00 7.14
CA TYR B 91 17.57 -9.85 8.30
C TYR B 91 18.93 -10.26 8.85
N LYS B 92 19.85 -10.61 7.96
CA LYS B 92 21.19 -10.96 8.37
C LYS B 92 21.90 -9.79 9.03
N ASN B 93 21.36 -8.59 8.86
CA ASN B 93 21.94 -7.38 9.44
C ASN B 93 21.37 -7.05 10.80
N VAL B 94 20.31 -7.75 11.19
CA VAL B 94 19.67 -7.51 12.49
C VAL B 94 20.63 -7.64 13.70
N PRO B 95 21.50 -8.67 13.73
CA PRO B 95 22.41 -8.76 14.88
C PRO B 95 23.33 -7.54 15.05
N ASN B 96 23.56 -6.81 13.96
CA ASN B 96 24.40 -5.62 14.01
C ASN B 96 23.67 -4.49 14.72
N TRP B 97 22.43 -4.27 14.30
CA TRP B 97 21.58 -3.25 14.91
C TRP B 97 21.39 -3.58 16.38
N HIS B 98 21.21 -4.87 16.65
CA HIS B 98 21.01 -5.34 18.02
C HIS B 98 22.25 -5.09 18.88
N ARG B 99 23.45 -5.39 18.37
CA ARG B 99 24.66 -5.21 19.18
C ARG B 99 24.89 -3.73 19.48
N ASP B 100 24.74 -2.89 18.46
CA ASP B 100 24.99 -1.47 18.62
C ASP B 100 23.99 -0.91 19.60
N LEU B 101 22.78 -1.46 19.57
CA LEU B 101 21.69 -1.01 20.42
C LEU B 101 21.85 -1.41 21.88
N VAL B 102 22.11 -2.69 22.12
CA VAL B 102 22.19 -3.21 23.48
C VAL B 102 23.49 -2.82 24.15
N ARG B 103 24.44 -2.30 23.39
CA ARG B 103 25.64 -1.73 24.02
C ARG B 103 25.34 -0.41 24.71
N VAL B 104 24.43 0.39 24.13
CA VAL B 104 24.03 1.65 24.73
C VAL B 104 22.89 1.44 25.71
N CYS B 105 21.98 0.54 25.35
CA CYS B 105 20.82 0.25 26.19
C CYS B 105 20.87 -1.19 26.68
N GLU B 106 21.45 -1.38 27.86
CA GLU B 106 21.68 -2.70 28.41
C GLU B 106 20.38 -3.45 28.69
N ASN B 107 19.43 -2.80 29.35
CA ASN B 107 18.20 -3.48 29.73
C ASN B 107 16.92 -2.72 29.34
N ILE B 108 16.50 -2.87 28.09
CA ILE B 108 15.26 -2.27 27.60
C ILE B 108 14.45 -3.29 26.81
N PRO B 109 13.12 -3.14 26.79
CA PRO B 109 12.30 -4.01 25.95
C PRO B 109 12.49 -3.75 24.46
N ILE B 110 12.65 -4.83 23.70
CA ILE B 110 12.92 -4.72 22.27
C ILE B 110 12.06 -5.67 21.47
N VAL B 111 11.54 -5.15 20.36
CA VAL B 111 10.71 -5.93 19.45
C VAL B 111 11.33 -5.98 18.05
N LEU B 112 11.42 -7.19 17.53
CA LEU B 112 11.89 -7.43 16.18
C LEU B 112 10.70 -7.59 15.25
N CYS B 113 10.67 -6.78 14.19
CA CYS B 113 9.53 -6.82 13.27
C CYS B 113 9.93 -7.21 11.87
N GLY B 114 9.28 -8.28 11.38
CA GLY B 114 9.42 -8.68 9.99
C GLY B 114 8.37 -7.95 9.19
N ASN B 115 8.80 -6.94 8.45
CA ASN B 115 7.88 -6.09 7.72
C ASN B 115 7.65 -6.57 6.29
N LYS B 116 6.59 -6.03 5.67
CA LYS B 116 6.23 -6.31 4.27
C LYS B 116 5.78 -7.75 4.05
N VAL B 117 5.09 -8.31 5.04
CA VAL B 117 4.58 -9.68 4.92
C VAL B 117 3.40 -9.75 3.94
N ASP B 118 2.99 -8.59 3.44
CA ASP B 118 1.92 -8.50 2.45
C ASP B 118 2.40 -8.96 1.08
N ILE B 119 3.67 -8.67 0.78
CA ILE B 119 4.28 -9.10 -0.48
C ILE B 119 4.35 -10.62 -0.54
N LYS B 120 3.95 -11.18 -1.68
CA LYS B 120 3.82 -12.63 -1.81
C LYS B 120 5.15 -13.38 -1.77
N ASP B 121 6.09 -12.96 -2.62
CA ASP B 121 7.40 -13.60 -2.64
C ASP B 121 8.15 -13.34 -1.34
N ARG B 122 7.86 -14.16 -0.33
CA ARG B 122 8.55 -14.05 0.95
C ARG B 122 9.89 -14.78 0.89
N LYS B 123 10.97 -14.04 1.12
CA LYS B 123 12.32 -14.58 1.04
C LYS B 123 12.80 -15.06 2.41
N VAL B 124 12.64 -14.22 3.42
CA VAL B 124 12.89 -14.61 4.80
C VAL B 124 11.69 -15.35 5.36
N LYS B 125 11.73 -16.68 5.28
CA LYS B 125 10.63 -17.51 5.78
C LYS B 125 10.51 -17.39 7.30
N ALA B 126 9.32 -17.66 7.83
CA ALA B 126 9.09 -17.62 9.27
C ALA B 126 9.95 -18.65 9.97
N LYS B 127 10.24 -19.74 9.25
CA LYS B 127 11.11 -20.80 9.71
C LYS B 127 12.53 -20.30 10.03
N SER B 128 13.00 -19.31 9.30
CA SER B 128 14.37 -18.82 9.42
C SER B 128 14.55 -17.77 10.50
N ILE B 129 13.45 -17.24 11.03
CA ILE B 129 13.54 -16.12 11.97
C ILE B 129 13.64 -16.62 13.40
N VAL B 130 14.84 -16.56 13.98
CA VAL B 130 15.10 -17.11 15.30
C VAL B 130 16.05 -16.28 16.17
N PHE B 131 16.55 -15.18 15.62
CA PHE B 131 17.55 -14.37 16.31
C PHE B 131 17.08 -13.87 17.68
N HIS B 132 15.80 -13.54 17.76
CA HIS B 132 15.23 -12.98 18.98
C HIS B 132 15.20 -13.98 20.15
N ARG B 133 15.12 -15.27 19.82
CA ARG B 133 14.99 -16.31 20.83
C ARG B 133 16.06 -16.25 21.93
N LYS B 134 17.33 -16.37 21.56
CA LYS B 134 18.40 -16.35 22.54
C LYS B 134 18.62 -14.95 23.11
N LYS B 135 18.14 -13.93 22.40
CA LYS B 135 18.30 -12.55 22.84
C LYS B 135 17.12 -12.09 23.66
N ASN B 136 16.15 -13.00 23.85
CA ASN B 136 14.93 -12.72 24.59
C ASN B 136 14.14 -11.52 24.06
N LEU B 137 14.27 -11.25 22.76
CA LEU B 137 13.50 -10.19 22.10
C LEU B 137 12.11 -10.70 21.77
N GLN B 138 11.15 -9.79 21.62
CA GLN B 138 9.81 -10.21 21.19
C GLN B 138 9.73 -10.12 19.67
N TYR B 139 9.10 -11.08 19.01
CA TYR B 139 8.99 -11.00 17.54
C TYR B 139 7.55 -10.79 17.03
N TYR B 140 7.43 -10.04 15.92
CA TYR B 140 6.15 -9.87 15.21
C TYR B 140 6.30 -9.79 13.69
N ASP B 141 5.49 -10.55 12.97
CA ASP B 141 5.25 -10.33 11.54
C ASP B 141 4.36 -9.11 11.41
N ILE B 142 4.79 -8.09 10.67
CA ILE B 142 3.93 -6.94 10.45
C ILE B 142 3.90 -6.49 9.00
N SER B 143 2.93 -5.65 8.68
CA SER B 143 2.81 -5.05 7.35
C SER B 143 2.28 -3.63 7.48
N ALA B 144 3.09 -2.66 7.07
CA ALA B 144 2.66 -1.27 7.14
C ALA B 144 1.72 -0.92 5.97
N LYS B 145 1.50 -1.89 5.09
CA LYS B 145 0.70 -1.66 3.90
C LYS B 145 -0.72 -2.23 4.08
N SER B 146 -0.81 -3.51 4.39
CA SER B 146 -2.10 -4.15 4.61
C SER B 146 -2.51 -4.06 6.07
N ASN B 147 -1.69 -3.36 6.86
CA ASN B 147 -1.96 -3.11 8.29
C ASN B 147 -1.94 -4.36 9.18
N TYR B 148 -1.23 -5.40 8.77
CA TYR B 148 -1.20 -6.66 9.51
C TYR B 148 -0.37 -6.54 10.79
N ASN B 149 -0.97 -6.93 11.91
CA ASN B 149 -0.34 -6.82 13.24
C ASN B 149 0.24 -5.44 13.49
N PHE B 150 -0.49 -4.42 13.07
CA PHE B 150 0.01 -3.06 13.02
C PHE B 150 0.37 -2.45 14.38
N GLU B 151 -0.38 -2.78 15.43
CA GLU B 151 -0.16 -2.13 16.73
C GLU B 151 0.45 -3.07 17.77
N LYS B 152 0.69 -4.31 17.39
CA LYS B 152 1.25 -5.30 18.31
C LYS B 152 2.59 -4.87 18.93
N PRO B 153 3.53 -4.30 18.14
CA PRO B 153 4.79 -3.87 18.76
C PRO B 153 4.59 -2.83 19.86
N PHE B 154 3.84 -1.77 19.54
CA PHE B 154 3.62 -0.69 20.48
C PHE B 154 2.82 -1.18 21.68
N LEU B 155 1.92 -2.13 21.44
CA LEU B 155 1.09 -2.68 22.50
C LEU B 155 1.94 -3.48 23.50
N TRP B 156 2.79 -4.35 22.96
CA TRP B 156 3.69 -5.18 23.78
C TRP B 156 4.66 -4.31 24.56
N LEU B 157 5.22 -3.31 23.88
CA LEU B 157 6.13 -2.39 24.54
C LEU B 157 5.42 -1.61 25.66
N ALA B 158 4.20 -1.14 25.39
CA ALA B 158 3.44 -0.40 26.37
C ALA B 158 3.19 -1.26 27.61
N ARG B 159 2.79 -2.50 27.38
CA ARG B 159 2.58 -3.45 28.47
C ARG B 159 3.84 -3.64 29.29
N LYS B 160 4.97 -3.83 28.61
CA LYS B 160 6.25 -4.05 29.29
C LYS B 160 6.67 -2.85 30.13
N LEU B 161 6.55 -1.64 29.58
CA LEU B 161 7.00 -0.43 30.26
C LEU B 161 6.10 -0.06 31.43
N ILE B 162 4.79 -0.16 31.21
CA ILE B 162 3.82 0.21 32.23
C ILE B 162 3.72 -0.87 33.31
N GLY B 163 3.86 -2.13 32.90
CA GLY B 163 3.84 -3.23 33.85
C GLY B 163 2.49 -3.89 33.96
N ASP B 164 1.56 -3.45 33.12
CA ASP B 164 0.24 -4.05 33.09
C ASP B 164 0.10 -4.91 31.83
N PRO B 165 0.25 -6.24 32.00
CA PRO B 165 0.16 -7.14 30.85
C PRO B 165 -1.23 -7.21 30.22
N ASN B 166 -2.25 -6.72 30.92
CA ASN B 166 -3.60 -6.73 30.40
C ASN B 166 -4.01 -5.35 29.89
N LEU B 167 -3.02 -4.51 29.61
CA LEU B 167 -3.25 -3.20 29.03
C LEU B 167 -3.76 -3.35 27.60
N GLU B 168 -4.66 -2.45 27.19
CA GLU B 168 -5.26 -2.53 25.86
C GLU B 168 -5.48 -1.13 25.27
N PHE B 169 -5.39 -1.03 23.94
CA PHE B 169 -5.60 0.23 23.25
C PHE B 169 -7.08 0.52 22.97
N VAL B 170 -7.45 1.80 23.03
CA VAL B 170 -8.82 2.25 22.84
C VAL B 170 -8.88 3.31 21.75
N ALA B 171 -10.07 3.57 21.23
CA ALA B 171 -10.28 4.49 20.11
C ALA B 171 -9.74 5.91 20.35
N MET B 172 -10.26 6.59 21.36
CA MET B 172 -9.83 7.96 21.65
C MET B 172 -10.22 8.37 23.08
N GLY C 1 -26.62 -46.83 4.97
CA GLY C 1 -27.52 -46.83 6.10
C GLY C 1 -27.18 -45.74 7.08
N SER C 2 -25.95 -45.78 7.61
CA SER C 2 -25.47 -44.75 8.51
C SER C 2 -25.20 -43.47 7.72
N MET C 3 -24.85 -43.65 6.45
CA MET C 3 -24.60 -42.51 5.56
C MET C 3 -25.92 -41.87 5.11
N GLU C 4 -26.92 -42.71 4.84
CA GLU C 4 -28.26 -42.20 4.53
C GLU C 4 -28.81 -41.50 5.75
N GLU C 5 -28.58 -42.09 6.93
CA GLU C 5 -28.96 -41.48 8.20
C GLU C 5 -28.32 -40.10 8.33
N LEU C 6 -27.03 -40.03 8.01
CA LEU C 6 -26.28 -38.78 8.14
C LEU C 6 -26.77 -37.70 7.20
N SER C 7 -26.88 -38.04 5.92
CA SER C 7 -27.34 -37.09 4.91
C SER C 7 -28.75 -36.61 5.22
N GLN C 8 -29.60 -37.55 5.60
CA GLN C 8 -30.99 -37.25 5.93
C GLN C 8 -31.08 -36.32 7.13
N ALA C 9 -30.28 -36.60 8.16
CA ALA C 9 -30.26 -35.78 9.36
C ALA C 9 -29.76 -34.38 9.06
N LEU C 10 -28.75 -34.31 8.19
CA LEU C 10 -28.12 -33.05 7.83
C LEU C 10 -29.09 -32.17 7.05
N ALA C 11 -29.85 -32.78 6.15
CA ALA C 11 -30.84 -32.03 5.38
C ALA C 11 -32.03 -31.62 6.25
N SER C 12 -32.48 -32.54 7.10
CA SER C 12 -33.72 -32.36 7.85
C SER C 12 -33.59 -31.39 9.03
N SER C 13 -32.62 -31.63 9.91
CA SER C 13 -32.50 -30.84 11.13
C SER C 13 -31.12 -30.24 11.33
N PHE C 14 -30.77 -29.28 10.47
CA PHE C 14 -29.53 -28.52 10.59
C PHE C 14 -29.85 -27.06 10.32
N SER C 15 -30.22 -26.31 11.35
CA SER C 15 -30.70 -24.95 11.13
C SER C 15 -30.18 -23.99 12.18
N VAL C 16 -29.85 -22.78 11.74
CA VAL C 16 -29.41 -21.74 12.66
C VAL C 16 -30.57 -20.82 13.03
N SER C 17 -31.23 -20.26 12.01
CA SER C 17 -32.36 -19.34 12.20
C SER C 17 -33.57 -20.09 12.78
N GLN C 18 -33.77 -21.31 12.31
CA GLN C 18 -34.73 -22.23 12.92
C GLN C 18 -36.20 -21.86 12.68
N ASP C 19 -36.45 -21.10 11.62
CA ASP C 19 -37.82 -20.70 11.29
C ASP C 19 -38.53 -21.76 10.45
N LEU C 20 -39.86 -21.79 10.56
CA LEU C 20 -40.68 -22.78 9.86
C LEU C 20 -40.96 -22.40 8.41
N ASN C 21 -40.91 -23.39 7.52
CA ASN C 21 -41.17 -23.20 6.10
C ASN C 21 -40.40 -22.02 5.51
N SER C 22 -39.11 -21.95 5.83
CA SER C 22 -38.27 -20.84 5.39
C SER C 22 -38.14 -20.80 3.88
N THR C 23 -38.10 -19.59 3.33
CA THR C 23 -37.90 -19.41 1.90
C THR C 23 -36.42 -19.51 1.53
N ALA C 24 -35.58 -19.58 2.56
CA ALA C 24 -34.15 -19.81 2.35
C ALA C 24 -33.93 -21.22 1.80
N ALA C 25 -34.83 -22.13 2.18
CA ALA C 25 -34.82 -23.49 1.68
C ALA C 25 -35.94 -23.64 0.65
N PRO C 26 -35.82 -24.65 -0.23
CA PRO C 26 -36.88 -24.90 -1.22
C PRO C 26 -38.20 -25.33 -0.57
N HIS C 27 -39.26 -25.37 -1.37
CA HIS C 27 -40.60 -25.71 -0.91
C HIS C 27 -40.62 -27.08 -0.22
N PRO C 28 -41.25 -27.16 0.97
CA PRO C 28 -41.29 -28.39 1.76
C PRO C 28 -42.09 -29.52 1.13
N ARG C 29 -42.69 -29.28 -0.04
CA ARG C 29 -43.43 -30.34 -0.74
C ARG C 29 -42.46 -31.41 -1.23
N LEU C 30 -41.17 -31.09 -1.19
CA LEU C 30 -40.12 -32.00 -1.61
C LEU C 30 -39.46 -32.64 -0.40
N LYS C 34 -38.99 -34.28 4.76
CA LYS C 34 -39.71 -33.29 5.57
C LYS C 34 -38.83 -32.79 6.72
N SER C 35 -38.56 -31.49 6.75
CA SER C 35 -37.87 -30.90 7.89
C SER C 35 -38.76 -30.97 9.11
N LYS C 36 -38.14 -30.88 10.27
CA LYS C 36 -38.89 -30.60 11.49
C LYS C 36 -39.24 -29.11 11.51
N TYR C 37 -38.67 -28.37 10.56
CA TYR C 37 -38.96 -26.96 10.44
C TYR C 37 -39.93 -26.73 9.28
N SER C 38 -40.47 -27.86 8.81
CA SER C 38 -41.53 -27.86 7.80
C SER C 38 -42.88 -28.16 8.43
N SER C 39 -43.83 -27.24 8.29
CA SER C 39 -45.15 -27.40 8.88
C SER C 39 -46.28 -27.08 7.90
N LEU C 40 -47.44 -27.68 8.13
CA LEU C 40 -48.61 -27.43 7.29
C LEU C 40 -49.66 -26.65 8.07
N GLU C 41 -49.34 -26.34 9.32
CA GLU C 41 -50.32 -25.71 10.22
C GLU C 41 -50.10 -24.20 10.36
N GLN C 42 -50.14 -23.49 9.24
CA GLN C 42 -49.99 -22.04 9.25
C GLN C 42 -51.21 -21.31 9.82
N SER C 43 -52.39 -21.87 9.57
CA SER C 43 -53.68 -21.24 9.87
C SER C 43 -53.83 -20.62 11.27
N GLU C 44 -53.90 -21.50 12.25
CA GLU C 44 -54.05 -21.08 13.65
C GLU C 44 -52.95 -20.12 14.04
N ARG C 45 -51.73 -20.43 13.61
CA ARG C 45 -50.57 -19.59 13.91
C ARG C 45 -50.79 -18.15 13.45
N ARG C 46 -51.33 -18.00 12.24
CA ARG C 46 -51.69 -16.68 11.73
C ARG C 46 -52.66 -16.00 12.67
N ARG C 47 -53.73 -16.71 13.01
CA ARG C 47 -54.73 -16.11 13.91
C ARG C 47 -54.14 -15.61 15.23
N ARG C 48 -53.38 -16.46 15.88
CA ARG C 48 -52.73 -16.15 17.16
C ARG C 48 -51.79 -14.94 17.05
N LEU C 49 -51.00 -14.93 15.98
CA LEU C 49 -50.11 -13.81 15.67
C LEU C 49 -50.89 -12.48 15.60
N LEU C 50 -51.98 -12.51 14.86
CA LEU C 50 -52.83 -11.31 14.73
C LEU C 50 -53.45 -10.91 16.07
N GLU C 51 -53.80 -11.90 16.89
CA GLU C 51 -54.32 -11.62 18.22
C GLU C 51 -53.33 -10.81 19.04
N LEU C 52 -52.04 -11.19 18.92
CA LEU C 52 -50.97 -10.49 19.64
C LEU C 52 -50.69 -9.06 19.19
N GLN C 53 -50.70 -8.84 17.87
CA GLN C 53 -50.53 -7.48 17.33
C GLN C 53 -51.46 -6.45 17.96
N LYS C 54 -52.69 -6.88 18.21
CA LYS C 54 -53.78 -6.02 18.69
C LYS C 54 -53.40 -5.23 19.94
N SER C 55 -52.65 -5.86 20.84
CA SER C 55 -52.20 -5.22 22.07
C SER C 55 -50.73 -4.85 21.98
N LYS C 56 -50.44 -3.79 21.22
CA LYS C 56 -49.05 -3.41 20.90
C LYS C 56 -48.23 -3.02 22.13
N ARG C 57 -47.28 -3.88 22.49
CA ARG C 57 -46.45 -3.66 23.67
C ARG C 57 -44.96 -3.59 23.30
N LEU C 58 -44.68 -2.73 22.33
CA LEU C 58 -43.35 -2.47 21.75
C LEU C 58 -43.28 -1.00 21.34
N ASP C 59 -42.07 -0.43 21.36
CA ASP C 59 -41.83 1.00 21.10
C ASP C 59 -41.24 1.27 19.71
N TYR C 60 -42.09 1.60 18.74
CA TYR C 60 -41.67 1.73 17.33
C TYR C 60 -40.98 3.05 16.98
N VAL C 61 -41.54 4.16 17.47
CA VAL C 61 -41.01 5.50 17.22
C VAL C 61 -39.52 5.57 17.55
N ASN C 62 -39.20 5.18 18.79
CA ASN C 62 -37.81 5.11 19.24
C ASN C 62 -36.95 4.25 18.33
N HIS C 63 -37.51 3.14 17.85
CA HIS C 63 -36.77 2.23 16.98
C HIS C 63 -36.41 2.88 15.65
N ALA C 64 -37.39 3.54 15.04
CA ALA C 64 -37.15 4.31 13.82
C ALA C 64 -36.09 5.38 14.07
N ARG C 65 -36.11 5.93 15.29
CA ARG C 65 -35.11 6.92 15.68
C ARG C 65 -33.70 6.31 15.71
N ARG C 66 -33.59 5.13 16.32
CA ARG C 66 -32.30 4.43 16.40
C ARG C 66 -31.78 4.10 15.01
N LEU C 67 -32.66 3.62 14.14
CA LEU C 67 -32.28 3.32 12.77
C LEU C 67 -31.80 4.56 12.04
N ALA C 68 -32.52 5.65 12.20
CA ALA C 68 -32.22 6.89 11.49
C ALA C 68 -30.93 7.56 11.94
N GLU C 69 -30.64 7.51 13.24
CA GLU C 69 -29.49 8.23 13.76
C GLU C 69 -28.40 7.33 14.34
N ASP C 70 -28.57 6.02 14.19
CA ASP C 70 -27.59 5.03 14.63
C ASP C 70 -27.22 5.17 16.10
N ASP C 71 -28.20 5.00 16.98
CA ASP C 71 -27.97 5.10 18.42
C ASP C 71 -28.73 4.01 19.19
N TRP C 72 -27.99 3.23 19.98
CA TRP C 72 -28.57 2.10 20.70
C TRP C 72 -28.24 2.18 22.19
N THR C 73 -29.11 1.63 23.03
CA THR C 73 -28.96 1.74 24.47
C THR C 73 -29.80 0.71 25.23
N GLY C 74 -29.22 0.13 26.28
CA GLY C 74 -29.96 -0.76 27.17
C GLY C 74 -29.65 -2.23 27.00
N MET C 75 -30.67 -3.06 27.20
CA MET C 75 -30.54 -4.51 27.01
C MET C 75 -30.44 -4.87 25.53
N LYS C 95 -39.07 -9.32 21.71
CA LYS C 95 -39.51 -9.85 20.42
C LYS C 95 -39.23 -8.86 19.30
N LEU C 96 -37.99 -8.38 19.23
CA LEU C 96 -37.58 -7.37 18.26
C LEU C 96 -36.06 -7.36 18.14
N PRO C 97 -35.54 -6.97 16.96
CA PRO C 97 -34.09 -6.91 16.75
C PRO C 97 -33.53 -5.49 16.73
N LYS C 98 -32.21 -5.38 16.80
CA LYS C 98 -31.51 -4.10 16.71
C LYS C 98 -30.32 -4.22 15.75
N HIS C 99 -29.84 -3.06 15.26
CA HIS C 99 -28.58 -2.93 14.50
C HIS C 99 -28.57 -3.18 12.99
N TYR C 100 -29.67 -2.89 12.30
CA TYR C 100 -29.75 -2.96 10.82
C TYR C 100 -29.91 -4.35 10.24
N ALA C 101 -29.73 -5.37 11.07
CA ALA C 101 -29.85 -6.73 10.59
C ALA C 101 -31.17 -7.28 11.11
N ASN C 102 -31.85 -8.06 10.28
CA ASN C 102 -33.12 -8.67 10.66
C ASN C 102 -34.26 -7.66 10.81
N GLN C 103 -34.23 -6.59 10.01
CA GLN C 103 -35.23 -5.53 10.16
C GLN C 103 -36.44 -5.73 9.25
N LEU C 104 -36.34 -6.65 8.31
CA LEU C 104 -37.38 -6.86 7.33
C LEU C 104 -38.36 -7.97 7.71
N MET C 105 -39.62 -7.81 7.30
CA MET C 105 -40.64 -8.83 7.51
C MET C 105 -40.54 -9.88 6.42
N LEU C 106 -40.23 -11.11 6.82
CA LEU C 106 -39.99 -12.20 5.88
C LEU C 106 -41.15 -13.19 5.88
N SER C 107 -41.42 -13.78 4.73
CA SER C 107 -42.56 -14.67 4.57
C SER C 107 -42.20 -16.15 4.70
N GLU C 108 -43.19 -16.97 5.04
CA GLU C 108 -43.04 -18.42 4.89
C GLU C 108 -43.46 -18.84 3.48
N TRP C 109 -43.22 -20.10 3.14
CA TRP C 109 -43.79 -20.67 1.92
C TRP C 109 -45.31 -20.72 2.07
N LEU C 110 -46.03 -20.42 0.99
CA LEU C 110 -47.49 -20.51 1.03
C LEU C 110 -47.92 -21.96 0.86
N ILE C 111 -48.33 -22.58 1.98
CA ILE C 111 -48.68 -24.00 1.96
C ILE C 111 -50.11 -24.23 2.42
N ASP C 112 -50.44 -23.74 3.61
CA ASP C 112 -51.80 -23.86 4.13
C ASP C 112 -52.61 -22.65 3.73
N VAL C 113 -53.24 -22.72 2.56
CA VAL C 113 -53.99 -21.60 2.00
C VAL C 113 -55.21 -21.25 2.87
N PRO C 114 -55.32 -19.97 3.26
CA PRO C 114 -56.46 -19.47 4.03
C PRO C 114 -57.73 -19.43 3.19
N SER C 115 -58.86 -19.79 3.79
CA SER C 115 -60.13 -19.84 3.07
C SER C 115 -60.80 -18.47 2.99
N ASP C 116 -60.26 -17.51 3.73
CA ASP C 116 -60.74 -16.14 3.64
C ASP C 116 -59.77 -15.31 2.80
N LEU C 117 -59.20 -15.98 1.81
CA LEU C 117 -58.15 -15.43 0.96
C LEU C 117 -58.56 -14.18 0.17
N GLY C 118 -59.58 -14.34 -0.68
CA GLY C 118 -59.97 -13.30 -1.61
C GLY C 118 -60.41 -11.97 -1.01
N GLN C 119 -60.74 -11.98 0.28
CA GLN C 119 -61.28 -10.79 0.91
C GLN C 119 -60.33 -10.19 1.96
N GLU C 120 -59.34 -10.96 2.37
CA GLU C 120 -58.45 -10.54 3.45
C GLU C 120 -56.97 -10.59 3.08
N TRP C 121 -56.66 -11.13 1.91
CA TRP C 121 -55.26 -11.27 1.51
C TRP C 121 -54.93 -10.53 0.22
N ILE C 122 -53.93 -9.66 0.31
CA ILE C 122 -53.41 -8.94 -0.85
C ILE C 122 -52.30 -9.77 -1.50
N VAL C 123 -51.99 -9.46 -2.74
CA VAL C 123 -50.88 -10.11 -3.44
C VAL C 123 -50.00 -9.06 -4.10
N VAL C 124 -48.68 -9.22 -3.93
CA VAL C 124 -47.74 -8.34 -4.58
C VAL C 124 -46.86 -9.16 -5.51
N VAL C 125 -46.75 -8.72 -6.76
CA VAL C 125 -45.89 -9.39 -7.72
C VAL C 125 -44.45 -8.88 -7.59
N CYS C 126 -43.56 -9.76 -7.13
CA CYS C 126 -42.19 -9.39 -6.81
C CYS C 126 -41.20 -9.66 -7.95
N PRO C 127 -40.47 -8.61 -8.37
CA PRO C 127 -39.44 -8.60 -9.40
C PRO C 127 -38.20 -9.37 -8.98
N VAL C 128 -37.42 -9.84 -9.95
CA VAL C 128 -36.13 -10.46 -9.67
C VAL C 128 -35.15 -9.39 -9.21
N GLY C 129 -34.63 -9.55 -8.00
CA GLY C 129 -33.68 -8.60 -7.47
C GLY C 129 -33.16 -8.95 -6.09
N LYS C 130 -32.56 -7.98 -5.42
CA LYS C 130 -31.97 -8.20 -4.12
C LYS C 130 -32.71 -7.41 -3.07
N ARG C 131 -33.20 -8.09 -2.04
CA ARG C 131 -33.94 -7.44 -0.97
C ARG C 131 -33.07 -6.41 -0.27
N ALA C 132 -33.66 -5.30 0.13
CA ALA C 132 -32.88 -4.24 0.75
C ALA C 132 -33.70 -3.40 1.73
N LEU C 133 -33.12 -3.18 2.90
CA LEU C 133 -33.61 -2.18 3.82
C LEU C 133 -33.09 -0.81 3.36
N ILE C 134 -33.99 0.16 3.29
CA ILE C 134 -33.62 1.50 2.84
C ILE C 134 -33.75 2.50 3.97
N VAL C 135 -32.66 3.17 4.30
CA VAL C 135 -32.68 4.21 5.34
C VAL C 135 -32.18 5.53 4.77
N ALA C 136 -33.11 6.47 4.61
CA ALA C 136 -32.76 7.82 4.17
C ALA C 136 -32.77 8.75 5.37
N SER C 137 -31.62 9.38 5.61
CA SER C 137 -31.43 10.25 6.77
C SER C 137 -30.16 11.11 6.65
N ARG C 138 -30.16 12.24 7.35
CA ARG C 138 -28.99 13.10 7.51
C ARG C 138 -28.22 13.47 6.26
N GLY C 139 -28.81 13.31 5.08
CA GLY C 139 -28.13 13.81 3.93
C GLY C 139 -27.96 12.76 2.87
N SER C 140 -28.34 11.55 3.20
CA SER C 140 -27.95 10.43 2.38
C SER C 140 -28.85 9.22 2.60
N THR C 141 -28.87 8.34 1.62
CA THR C 141 -29.68 7.13 1.69
C THR C 141 -28.78 5.90 1.63
N SER C 142 -29.07 4.93 2.48
CA SER C 142 -28.26 3.71 2.54
C SER C 142 -29.09 2.44 2.42
N ALA C 143 -28.53 1.44 1.74
CA ALA C 143 -29.21 0.17 1.55
C ALA C 143 -28.50 -0.96 2.30
N TYR C 144 -29.28 -1.86 2.89
CA TYR C 144 -28.75 -2.94 3.70
C TYR C 144 -29.33 -4.29 3.29
N THR C 145 -28.53 -5.35 3.42
CA THR C 145 -29.03 -6.70 3.20
C THR C 145 -29.86 -7.12 4.41
N LYS C 146 -30.43 -8.32 4.35
CA LYS C 146 -31.09 -8.89 5.52
C LYS C 146 -30.08 -9.05 6.64
N SER C 147 -28.82 -9.28 6.27
CA SER C 147 -27.75 -9.53 7.23
C SER C 147 -27.19 -8.25 7.86
N GLY C 148 -27.66 -7.10 7.38
CA GLY C 148 -27.25 -5.83 7.96
C GLY C 148 -26.08 -5.19 7.25
N TYR C 149 -25.55 -5.85 6.23
CA TYR C 149 -24.43 -5.32 5.46
C TYR C 149 -24.89 -4.14 4.62
N CYS C 150 -24.24 -2.98 4.82
CA CYS C 150 -24.51 -1.82 4.00
C CYS C 150 -23.90 -1.99 2.63
N VAL C 151 -24.74 -2.26 1.63
CA VAL C 151 -24.28 -2.50 0.27
C VAL C 151 -23.95 -1.21 -0.46
N ASN C 152 -24.72 -0.16 -0.21
CA ASN C 152 -24.48 1.10 -0.90
C ASN C 152 -24.99 2.33 -0.16
N ARG C 153 -24.34 3.46 -0.42
CA ARG C 153 -24.79 4.76 0.08
C ARG C 153 -24.88 5.72 -1.10
N PHE C 154 -26.07 6.29 -1.28
CA PHE C 154 -26.31 7.17 -2.42
C PHE C 154 -27.22 8.34 -2.05
N SER C 155 -27.28 9.33 -2.93
CA SER C 155 -28.15 10.49 -2.72
C SER C 155 -29.52 10.20 -3.31
N SER C 156 -30.58 10.47 -2.54
CA SER C 156 -31.94 10.17 -3.01
C SER C 156 -32.94 11.28 -2.72
N LEU C 157 -33.94 11.40 -3.59
CA LEU C 157 -35.00 12.39 -3.42
C LEU C 157 -35.91 12.07 -2.24
N LEU C 158 -35.79 10.84 -1.76
CA LEU C 158 -36.52 10.39 -0.58
C LEU C 158 -36.24 11.32 0.59
N PRO C 159 -37.24 11.53 1.48
CA PRO C 159 -36.93 12.44 2.59
C PRO C 159 -35.76 11.95 3.42
N GLY C 160 -34.84 12.87 3.72
CA GLY C 160 -33.62 12.56 4.46
C GLY C 160 -32.56 11.95 3.59
N GLY C 161 -32.88 11.78 2.32
CA GLY C 161 -31.94 11.20 1.39
C GLY C 161 -31.11 12.22 0.65
N ASN C 162 -31.44 13.49 0.78
CA ASN C 162 -30.68 14.54 0.09
C ASN C 162 -29.85 15.25 1.12
N ARG C 163 -28.92 16.12 0.70
CA ARG C 163 -28.24 16.94 1.68
C ARG C 163 -29.33 17.81 2.30
N ARG C 164 -30.06 18.49 1.43
CA ARG C 164 -31.17 19.36 1.80
C ARG C 164 -32.33 18.57 2.40
N ALA C 168 -32.03 16.96 8.48
CA ALA C 168 -31.70 16.45 9.81
C ALA C 168 -32.94 16.03 10.62
N LYS C 169 -34.10 15.99 9.98
CA LYS C 169 -35.27 15.42 10.66
C LYS C 169 -36.18 14.66 9.70
N ASP C 170 -35.85 14.67 8.43
CA ASP C 170 -36.69 14.01 7.47
C ASP C 170 -36.29 12.55 7.25
N TYR C 171 -36.48 11.66 8.21
CA TYR C 171 -36.00 10.30 7.94
C TYR C 171 -37.08 9.32 7.57
N THR C 172 -36.65 8.41 6.64
CA THR C 172 -37.54 7.52 5.95
C THR C 172 -36.97 6.10 5.93
N ILE C 173 -37.82 5.13 6.28
CA ILE C 173 -37.41 3.73 6.26
C ILE C 173 -38.32 2.94 5.33
N LEU C 174 -37.73 2.39 4.27
CA LEU C 174 -38.46 1.67 3.23
C LEU C 174 -38.00 0.22 3.08
N ASP C 175 -38.92 -0.63 2.63
CA ASP C 175 -38.61 -2.02 2.30
C ASP C 175 -38.57 -2.11 0.79
N CYS C 176 -37.46 -2.59 0.24
CA CYS C 176 -37.33 -2.59 -1.22
C CYS C 176 -36.76 -3.87 -1.80
N ILE C 177 -36.95 -4.02 -3.11
CA ILE C 177 -36.31 -5.05 -3.89
C ILE C 177 -35.55 -4.37 -5.04
N TYR C 178 -34.23 -4.45 -5.00
CA TYR C 178 -33.41 -3.75 -5.98
C TYR C 178 -33.22 -4.57 -7.24
N ASN C 179 -33.71 -4.00 -8.35
CA ASN C 179 -33.53 -4.58 -9.69
C ASN C 179 -32.33 -3.93 -10.37
N GLU C 180 -31.31 -4.74 -10.65
CA GLU C 180 -30.06 -4.24 -11.23
C GLU C 180 -30.28 -3.72 -12.64
N VAL C 181 -31.01 -4.50 -13.43
CA VAL C 181 -31.25 -4.16 -14.83
C VAL C 181 -31.89 -2.79 -14.99
N ASN C 182 -32.99 -2.56 -14.28
CA ASN C 182 -33.69 -1.28 -14.32
C ASN C 182 -33.05 -0.25 -13.41
N GLN C 183 -32.04 -0.69 -12.65
CA GLN C 183 -31.39 0.15 -11.65
C GLN C 183 -32.46 0.81 -10.78
N THR C 184 -33.40 0.00 -10.31
CA THR C 184 -34.59 0.52 -9.66
C THR C 184 -34.88 -0.16 -8.33
N TYR C 185 -35.05 0.64 -7.29
CA TYR C 185 -35.46 0.10 -5.99
C TYR C 185 -36.98 0.00 -5.95
N TYR C 186 -37.49 -1.20 -6.23
CA TYR C 186 -38.94 -1.42 -6.19
C TYR C 186 -39.44 -1.50 -4.76
N VAL C 187 -40.12 -0.45 -4.32
CA VAL C 187 -40.60 -0.36 -2.95
C VAL C 187 -41.71 -1.38 -2.68
N LEU C 188 -41.42 -2.32 -1.81
CA LEU C 188 -42.37 -3.37 -1.46
C LEU C 188 -43.22 -2.96 -0.26
N ASP C 189 -42.62 -2.18 0.64
CA ASP C 189 -43.31 -1.78 1.86
C ASP C 189 -42.65 -0.55 2.50
N VAL C 190 -43.41 0.16 3.31
CA VAL C 190 -42.90 1.32 4.04
C VAL C 190 -43.02 1.06 5.54
N MET C 191 -42.03 1.54 6.30
CA MET C 191 -42.08 1.38 7.75
C MET C 191 -41.89 2.73 8.44
N CYS C 192 -41.41 3.70 7.68
CA CYS C 192 -41.30 5.06 8.21
C CYS C 192 -41.27 6.10 7.10
N TRP C 193 -42.01 7.18 7.29
CA TRP C 193 -41.98 8.28 6.33
C TRP C 193 -41.98 9.62 7.04
N ARG C 194 -40.85 10.32 6.93
CA ARG C 194 -40.65 11.62 7.58
C ARG C 194 -41.04 11.60 9.05
N GLY C 195 -40.39 10.72 9.82
CA GLY C 195 -40.63 10.66 11.24
C GLY C 195 -41.68 9.66 11.67
N HIS C 196 -42.80 9.62 10.95
CA HIS C 196 -43.92 8.79 11.35
C HIS C 196 -43.71 7.32 10.98
N PRO C 197 -43.68 6.45 12.00
CA PRO C 197 -43.54 5.00 11.80
C PRO C 197 -44.82 4.37 11.29
N PHE C 198 -44.73 3.18 10.73
CA PHE C 198 -45.91 2.48 10.24
C PHE C 198 -45.87 0.99 10.58
N TYR C 199 -45.01 0.63 11.53
CA TYR C 199 -45.04 -0.71 12.11
C TYR C 199 -46.37 -0.89 12.82
N ASP C 200 -46.90 0.23 13.31
CA ASP C 200 -48.13 0.27 14.08
C ASP C 200 -49.37 0.12 13.21
N CYS C 201 -49.21 0.34 11.91
CA CYS C 201 -50.33 0.30 10.97
C CYS C 201 -50.45 -1.04 10.28
N GLN C 202 -51.50 -1.19 9.46
CA GLN C 202 -51.78 -2.43 8.75
C GLN C 202 -51.14 -2.44 7.37
N THR C 203 -51.12 -3.60 6.72
CA THR C 203 -50.50 -3.72 5.40
C THR C 203 -51.22 -2.90 4.33
N ASP C 204 -52.55 -2.97 4.32
CA ASP C 204 -53.35 -2.30 3.30
C ASP C 204 -53.21 -0.78 3.39
N PHE C 205 -53.30 -0.26 4.61
CA PHE C 205 -53.15 1.17 4.83
C PHE C 205 -51.75 1.64 4.46
N ARG C 206 -50.75 0.81 4.74
CA ARG C 206 -49.38 1.13 4.36
C ARG C 206 -49.20 1.12 2.86
N PHE C 207 -49.88 0.20 2.20
CA PHE C 207 -49.81 0.10 0.75
C PHE C 207 -50.44 1.33 0.11
N TYR C 208 -51.59 1.77 0.63
CA TYR C 208 -52.21 2.98 0.10
C TYR C 208 -51.35 4.21 0.37
N TRP C 209 -50.93 4.37 1.63
CA TRP C 209 -50.14 5.52 2.04
C TRP C 209 -48.85 5.65 1.24
N MET C 210 -48.15 4.54 1.10
CA MET C 210 -46.94 4.46 0.29
C MET C 210 -47.25 4.77 -1.17
N HIS C 211 -48.27 4.11 -1.72
CA HIS C 211 -48.66 4.31 -3.11
C HIS C 211 -49.22 5.69 -3.40
N SER C 212 -49.41 6.50 -2.36
CA SER C 212 -49.89 7.86 -2.54
C SER C 212 -48.74 8.83 -2.39
N LYS C 213 -47.87 8.57 -1.42
CA LYS C 213 -46.73 9.45 -1.19
C LYS C 213 -45.67 9.33 -2.27
N LEU C 214 -45.58 8.15 -2.89
CA LEU C 214 -44.55 7.89 -3.90
C LEU C 214 -44.76 8.62 -5.22
N PRO C 215 -45.96 8.54 -5.83
CA PRO C 215 -46.06 9.19 -7.14
C PRO C 215 -46.12 10.70 -7.02
N GLU C 216 -46.39 11.20 -5.81
CA GLU C 216 -46.58 12.62 -5.59
C GLU C 216 -45.30 13.35 -5.16
N GLU C 217 -44.14 12.77 -5.48
CA GLU C 217 -42.87 13.43 -5.18
C GLU C 217 -42.02 13.58 -6.45
N GLU C 218 -42.70 13.62 -7.60
CA GLU C 218 -42.06 13.87 -8.90
C GLU C 218 -40.76 13.07 -9.18
N GLY C 219 -39.66 13.80 -9.33
CA GLY C 219 -38.40 13.25 -9.80
C GLY C 219 -37.90 11.98 -9.12
N LEU C 220 -38.58 11.56 -8.05
CA LEU C 220 -38.17 10.41 -7.27
C LEU C 220 -38.19 9.17 -8.14
N GLY C 221 -39.09 9.15 -9.12
CA GLY C 221 -39.16 7.99 -9.99
C GLY C 221 -38.32 8.16 -11.25
N GLU C 222 -37.39 9.10 -11.21
CA GLU C 222 -36.59 9.46 -12.38
C GLU C 222 -35.10 9.58 -12.05
N LYS C 223 -34.26 9.28 -13.03
CA LYS C 223 -32.80 9.28 -12.82
C LYS C 223 -32.20 10.69 -12.82
N THR C 224 -32.28 11.36 -11.67
CA THR C 224 -31.69 12.68 -11.51
C THR C 224 -30.29 12.54 -10.94
N LYS C 225 -29.51 13.62 -10.97
CA LYS C 225 -28.20 13.63 -10.34
C LYS C 225 -28.38 13.52 -8.83
N LEU C 226 -29.42 14.15 -8.32
CA LEU C 226 -29.73 14.15 -6.90
C LEU C 226 -30.29 12.81 -6.47
N ASN C 227 -30.76 12.03 -7.44
CA ASN C 227 -31.38 10.73 -7.19
C ASN C 227 -31.17 9.80 -8.37
N PRO C 228 -30.04 9.08 -8.38
CA PRO C 228 -29.69 8.17 -9.48
C PRO C 228 -30.54 6.92 -9.51
N PHE C 229 -31.04 6.49 -8.35
CA PHE C 229 -31.81 5.26 -8.27
C PHE C 229 -33.31 5.54 -8.19
N LYS C 230 -34.02 5.08 -9.21
CA LYS C 230 -35.47 5.25 -9.28
C LYS C 230 -36.17 4.40 -8.21
N PHE C 231 -36.99 5.06 -7.40
CA PHE C 231 -37.81 4.36 -6.42
C PHE C 231 -39.23 4.22 -6.96
N VAL C 232 -39.69 2.98 -7.09
CA VAL C 232 -41.00 2.70 -7.67
C VAL C 232 -41.84 1.82 -6.75
N GLY C 233 -43.08 2.21 -6.52
CA GLY C 233 -43.99 1.42 -5.71
C GLY C 233 -44.41 0.15 -6.43
N LEU C 234 -44.52 -0.94 -5.69
CA LEU C 234 -44.95 -2.22 -6.26
C LEU C 234 -46.46 -2.38 -6.17
N LYS C 235 -47.10 -2.55 -7.32
CA LYS C 235 -48.55 -2.66 -7.38
C LYS C 235 -49.04 -3.90 -6.66
N ASN C 236 -50.08 -3.74 -5.85
CA ASN C 236 -50.69 -4.87 -5.15
C ASN C 236 -52.13 -5.10 -5.64
N PHE C 237 -52.62 -6.32 -5.48
CA PHE C 237 -53.92 -6.72 -6.02
C PHE C 237 -54.72 -7.57 -5.04
N PRO C 238 -56.04 -7.59 -5.20
CA PRO C 238 -56.84 -8.54 -4.40
C PRO C 238 -56.66 -9.97 -4.88
N CYS C 239 -57.08 -10.95 -4.08
CA CYS C 239 -56.87 -12.35 -4.43
C CYS C 239 -58.16 -13.07 -4.81
N THR C 240 -59.02 -12.40 -5.58
CA THR C 240 -60.20 -13.06 -6.13
C THR C 240 -59.75 -13.92 -7.31
N PRO C 241 -60.36 -15.11 -7.45
CA PRO C 241 -60.01 -16.09 -8.50
C PRO C 241 -59.91 -15.49 -9.91
N GLU C 242 -60.54 -14.34 -10.11
CA GLU C 242 -60.45 -13.61 -11.38
C GLU C 242 -59.19 -12.75 -11.40
N SER C 243 -58.99 -12.00 -10.34
CA SER C 243 -57.85 -11.11 -10.19
C SER C 243 -56.53 -11.88 -10.29
N LEU C 244 -56.54 -13.13 -9.85
CA LEU C 244 -55.34 -13.96 -9.88
C LEU C 244 -55.01 -14.37 -11.31
N CYS C 245 -56.04 -14.74 -12.07
CA CYS C 245 -55.87 -15.05 -13.48
C CYS C 245 -55.36 -13.82 -14.21
N ASP C 246 -55.90 -12.66 -13.82
CA ASP C 246 -55.46 -11.38 -14.37
C ASP C 246 -53.97 -11.12 -14.13
N VAL C 247 -53.56 -11.13 -12.87
CA VAL C 247 -52.17 -10.83 -12.53
C VAL C 247 -51.23 -11.89 -13.08
N LEU C 248 -51.73 -13.10 -13.29
CA LEU C 248 -50.94 -14.14 -13.91
C LEU C 248 -50.76 -13.85 -15.39
N SER C 249 -51.77 -13.24 -15.99
CA SER C 249 -51.77 -12.95 -17.42
C SER C 249 -50.92 -11.72 -17.76
N MET C 250 -51.20 -10.62 -17.08
CA MET C 250 -50.62 -9.32 -17.41
C MET C 250 -49.09 -9.31 -17.41
N ASP C 251 -48.52 -8.43 -18.24
CA ASP C 251 -47.08 -8.27 -18.34
C ASP C 251 -46.55 -7.33 -17.26
N PHE C 252 -45.26 -7.43 -16.98
CA PHE C 252 -44.61 -6.55 -16.00
C PHE C 252 -43.32 -5.97 -16.56
N PRO C 253 -42.94 -4.77 -16.09
CA PRO C 253 -41.71 -4.11 -16.55
C PRO C 253 -40.44 -4.74 -15.98
N PHE C 254 -40.58 -5.92 -15.40
CA PHE C 254 -39.45 -6.64 -14.83
C PHE C 254 -39.67 -8.14 -14.90
N GLU C 255 -38.58 -8.91 -14.78
CA GLU C 255 -38.70 -10.35 -14.71
C GLU C 255 -39.33 -10.72 -13.38
N VAL C 256 -40.49 -11.36 -13.43
CA VAL C 256 -41.22 -11.71 -12.21
C VAL C 256 -40.51 -12.81 -11.43
N ASP C 257 -40.11 -12.51 -10.20
CA ASP C 257 -39.48 -13.52 -9.36
C ASP C 257 -40.54 -14.37 -8.69
N GLY C 258 -41.56 -13.74 -8.15
CA GLY C 258 -42.62 -14.51 -7.51
C GLY C 258 -43.80 -13.72 -6.97
N LEU C 259 -44.57 -14.34 -6.08
CA LEU C 259 -45.76 -13.71 -5.52
C LEU C 259 -45.73 -13.70 -3.99
N LEU C 260 -46.01 -12.54 -3.40
CA LEU C 260 -46.09 -12.39 -1.96
C LEU C 260 -47.53 -12.09 -1.51
N PHE C 261 -48.14 -13.03 -0.80
CA PHE C 261 -49.51 -12.85 -0.35
C PHE C 261 -49.56 -12.33 1.07
N TYR C 262 -49.77 -11.02 1.22
CA TYR C 262 -49.89 -10.39 2.53
C TYR C 262 -51.29 -10.57 3.12
N HIS C 263 -51.41 -10.50 4.44
CA HIS C 263 -52.71 -10.36 5.07
C HIS C 263 -52.99 -8.88 5.27
N LYS C 264 -54.23 -8.45 5.02
CA LYS C 264 -54.55 -7.04 4.95
C LYS C 264 -54.29 -6.27 6.25
N GLN C 265 -54.42 -6.93 7.39
CA GLN C 265 -54.34 -6.22 8.67
C GLN C 265 -52.97 -6.34 9.34
N THR C 266 -52.10 -7.17 8.80
CA THR C 266 -50.82 -7.50 9.41
C THR C 266 -49.92 -6.27 9.66
N HIS C 267 -49.53 -6.06 10.91
CA HIS C 267 -48.51 -5.06 11.23
C HIS C 267 -47.19 -5.47 10.62
N TYR C 268 -46.28 -4.53 10.42
CA TYR C 268 -44.96 -4.91 9.94
C TYR C 268 -44.12 -5.45 11.08
N SER C 269 -43.93 -6.77 11.08
CA SER C 269 -43.15 -7.44 12.13
C SER C 269 -41.89 -8.09 11.54
N PRO C 270 -40.72 -7.50 11.81
CA PRO C 270 -39.42 -8.00 11.34
C PRO C 270 -39.21 -9.46 11.68
N GLY C 271 -38.63 -10.22 10.74
CA GLY C 271 -38.42 -11.63 10.92
C GLY C 271 -39.44 -12.46 10.19
N SER C 272 -39.29 -13.78 10.26
CA SER C 272 -40.19 -14.71 9.58
C SER C 272 -41.63 -14.62 10.12
N THR C 273 -42.60 -14.88 9.25
CA THR C 273 -44.02 -14.87 9.63
C THR C 273 -44.88 -15.60 8.59
N PRO C 274 -46.01 -16.15 9.05
CA PRO C 274 -47.02 -16.76 8.16
C PRO C 274 -48.09 -15.75 7.72
N LEU C 275 -48.07 -14.54 8.29
CA LEU C 275 -49.04 -13.51 7.95
C LEU C 275 -48.79 -12.97 6.54
N VAL C 276 -47.66 -13.35 5.97
CA VAL C 276 -47.40 -13.15 4.55
C VAL C 276 -46.81 -14.44 3.99
N GLY C 277 -47.34 -14.88 2.85
CA GLY C 277 -46.88 -16.10 2.22
C GLY C 277 -46.12 -15.80 0.94
N TRP C 278 -45.51 -16.82 0.38
CA TRP C 278 -44.68 -16.66 -0.81
C TRP C 278 -44.86 -17.85 -1.76
N LEU C 279 -44.81 -17.58 -3.06
CA LEU C 279 -45.00 -18.65 -4.02
C LEU C 279 -44.33 -18.34 -5.35
N ARG C 280 -43.83 -19.38 -6.02
CA ARG C 280 -43.29 -19.22 -7.37
C ARG C 280 -44.45 -19.08 -8.35
N PRO C 281 -44.22 -18.36 -9.46
CA PRO C 281 -45.28 -18.15 -10.45
C PRO C 281 -45.95 -19.44 -10.92
N TYR C 282 -45.15 -20.44 -11.29
CA TYR C 282 -45.68 -21.68 -11.83
C TYR C 282 -46.49 -22.47 -10.80
N MET C 283 -46.22 -22.24 -9.53
CA MET C 283 -46.90 -22.97 -8.47
C MET C 283 -48.36 -22.54 -8.30
N VAL C 284 -48.66 -21.30 -8.67
CA VAL C 284 -49.99 -20.74 -8.45
C VAL C 284 -51.08 -21.54 -9.16
N SER C 285 -50.73 -22.10 -10.31
CA SER C 285 -51.65 -22.92 -11.09
C SER C 285 -52.24 -24.09 -10.29
N ASP C 286 -51.52 -24.50 -9.24
CA ASP C 286 -51.98 -25.59 -8.39
C ASP C 286 -52.40 -25.09 -7.01
N VAL C 287 -52.83 -23.83 -6.94
CA VAL C 287 -53.37 -23.28 -5.70
C VAL C 287 -54.71 -22.59 -5.98
N LEU C 288 -55.74 -23.40 -6.21
CA LEU C 288 -57.11 -22.92 -6.38
C LEU C 288 -57.26 -21.86 -7.47
N GLY C 289 -56.70 -22.13 -8.65
CA GLY C 289 -56.84 -21.20 -9.76
C GLY C 289 -55.87 -21.48 -10.90
N LYS D 1 12.93 34.38 -25.59
CA LYS D 1 11.97 35.37 -26.07
C LYS D 1 10.57 35.23 -25.47
N LEU D 2 9.89 36.37 -25.32
CA LEU D 2 8.51 36.40 -24.86
C LEU D 2 7.55 36.37 -26.04
N VAL D 3 6.85 35.25 -26.19
CA VAL D 3 5.86 35.10 -27.26
C VAL D 3 4.45 35.32 -26.71
N ILE D 4 3.82 36.42 -27.12
CA ILE D 4 2.53 36.81 -26.56
C ILE D 4 1.34 36.35 -27.37
N TRP D 5 0.33 35.79 -26.72
CA TRP D 5 -0.93 35.47 -27.39
C TRP D 5 -2.01 36.48 -26.99
N ILE D 6 -2.63 37.11 -27.99
CA ILE D 6 -3.68 38.10 -27.74
C ILE D 6 -4.72 38.10 -28.86
N ASN D 7 -5.94 38.52 -28.53
CA ASN D 7 -7.04 38.57 -29.49
C ASN D 7 -6.78 39.52 -30.66
N GLY D 8 -7.50 39.30 -31.77
CA GLY D 8 -7.28 40.05 -32.99
C GLY D 8 -8.07 41.34 -33.11
N ASP D 9 -9.20 41.42 -32.43
CA ASP D 9 -10.04 42.61 -32.49
C ASP D 9 -9.46 43.73 -31.62
N LYS D 10 -8.71 43.34 -30.59
CA LYS D 10 -8.04 44.30 -29.73
C LYS D 10 -6.84 44.91 -30.45
N GLY D 11 -6.18 45.85 -29.79
CA GLY D 11 -5.01 46.49 -30.36
C GLY D 11 -3.77 45.62 -30.25
N TYR D 12 -3.68 44.58 -31.07
CA TYR D 12 -2.51 43.72 -31.07
C TYR D 12 -1.38 44.37 -31.86
N ASN D 13 -1.65 45.54 -32.42
CA ASN D 13 -0.65 46.33 -33.13
C ASN D 13 0.11 47.23 -32.16
N GLY D 14 -0.59 47.75 -31.16
CA GLY D 14 0.01 48.63 -30.17
C GLY D 14 0.89 47.91 -29.17
N LEU D 15 0.49 46.70 -28.80
CA LEU D 15 1.26 45.87 -27.89
C LEU D 15 2.63 45.60 -28.48
N ALA D 16 2.68 45.49 -29.81
CA ALA D 16 3.93 45.37 -30.53
C ALA D 16 4.72 46.67 -30.47
N GLU D 17 3.99 47.79 -30.54
CA GLU D 17 4.61 49.11 -30.48
C GLU D 17 5.30 49.33 -29.13
N VAL D 18 4.78 48.68 -28.10
CA VAL D 18 5.45 48.67 -26.79
C VAL D 18 6.58 47.63 -26.79
N GLY D 19 6.31 46.50 -27.44
CA GLY D 19 7.27 45.41 -27.53
C GLY D 19 8.57 45.81 -28.18
N LYS D 20 8.52 46.83 -29.05
CA LYS D 20 9.73 47.37 -29.67
C LYS D 20 10.54 48.16 -28.65
N LYS D 21 9.86 48.86 -27.75
CA LYS D 21 10.52 49.56 -26.67
C LYS D 21 11.20 48.57 -25.74
N PHE D 22 10.51 47.46 -25.49
CA PHE D 22 11.12 46.42 -24.68
C PHE D 22 12.35 45.97 -25.47
N GLU D 23 12.18 45.61 -26.73
CA GLU D 23 13.26 45.02 -27.53
C GLU D 23 14.51 45.90 -27.61
N LYS D 24 14.32 47.22 -27.60
CA LYS D 24 15.44 48.16 -27.66
C LYS D 24 16.20 48.18 -26.36
N ASP D 25 15.47 48.21 -25.24
CA ASP D 25 16.16 48.29 -23.96
C ASP D 25 16.47 46.95 -23.29
N THR D 26 16.10 45.84 -23.92
CA THR D 26 16.30 44.54 -23.30
C THR D 26 17.04 43.53 -24.20
N GLY D 27 16.86 43.63 -25.52
CA GLY D 27 17.46 42.66 -26.41
C GLY D 27 16.53 41.50 -26.70
N ILE D 28 15.48 41.36 -25.90
CA ILE D 28 14.48 40.32 -26.10
C ILE D 28 13.50 40.72 -27.19
N LYS D 29 13.25 39.81 -28.12
CA LYS D 29 12.28 40.04 -29.19
C LYS D 29 10.86 39.82 -28.66
N VAL D 30 9.93 40.67 -29.09
CA VAL D 30 8.54 40.55 -28.65
C VAL D 30 7.63 40.26 -29.84
N THR D 31 7.28 38.98 -30.00
CA THR D 31 6.40 38.57 -31.08
C THR D 31 4.96 38.39 -30.58
N VAL D 32 4.13 39.38 -30.90
CA VAL D 32 2.75 39.36 -30.46
C VAL D 32 1.89 38.57 -31.44
N GLU D 33 1.65 37.31 -31.14
CA GLU D 33 0.89 36.40 -32.00
C GLU D 33 -0.62 36.58 -31.82
N HIS D 34 -1.37 35.90 -32.68
CA HIS D 34 -2.82 35.90 -32.63
C HIS D 34 -3.38 34.64 -33.27
N PRO D 35 -3.22 33.49 -32.60
CA PRO D 35 -3.59 32.18 -33.16
C PRO D 35 -5.09 31.90 -33.09
N ASP D 36 -5.48 30.69 -33.49
CA ASP D 36 -6.88 30.30 -33.53
C ASP D 36 -7.43 29.97 -32.14
N LYS D 37 -8.16 30.93 -31.57
CA LYS D 37 -8.88 30.77 -30.29
C LYS D 37 -8.01 30.45 -29.07
N LEU D 38 -7.22 31.44 -28.64
CA LEU D 38 -6.28 31.26 -27.53
C LEU D 38 -6.84 30.68 -26.24
N GLU D 39 -8.10 30.99 -25.93
CA GLU D 39 -8.71 30.58 -24.66
C GLU D 39 -8.90 29.07 -24.59
N GLU D 40 -8.93 28.44 -25.75
CA GLU D 40 -9.06 26.99 -25.83
C GLU D 40 -7.69 26.32 -25.95
N LYS D 41 -6.80 26.93 -26.73
CA LYS D 41 -5.49 26.35 -26.99
C LYS D 41 -4.55 26.40 -25.78
N PHE D 42 -4.59 27.51 -25.05
CA PHE D 42 -3.64 27.72 -23.94
C PHE D 42 -3.60 26.60 -22.88
N PRO D 43 -4.77 26.14 -22.40
CA PRO D 43 -4.65 25.09 -21.37
C PRO D 43 -4.24 23.73 -21.94
N GLN D 44 -4.45 23.52 -23.23
CA GLN D 44 -4.16 22.23 -23.86
C GLN D 44 -2.71 22.10 -24.30
N VAL D 45 -2.16 23.18 -24.85
CA VAL D 45 -0.79 23.16 -25.37
C VAL D 45 0.24 22.98 -24.25
N ALA D 46 -0.18 23.25 -23.02
CA ALA D 46 0.71 23.12 -21.86
C ALA D 46 1.01 21.67 -21.53
N ALA D 47 0.31 20.75 -22.18
CA ALA D 47 0.53 19.32 -21.98
C ALA D 47 1.84 18.86 -22.60
N THR D 48 2.22 19.49 -23.71
CA THR D 48 3.43 19.11 -24.43
C THR D 48 4.41 20.28 -24.58
N GLY D 49 4.56 21.05 -23.51
CA GLY D 49 5.58 22.08 -23.46
C GLY D 49 5.25 23.41 -24.10
N ASP D 50 4.72 23.36 -25.32
CA ASP D 50 4.47 24.57 -26.10
C ASP D 50 3.46 25.50 -25.42
N GLY D 51 3.46 26.77 -25.80
CA GLY D 51 2.56 27.75 -25.21
C GLY D 51 3.22 29.10 -25.04
N PRO D 52 2.40 30.15 -24.87
CA PRO D 52 2.89 31.52 -24.71
C PRO D 52 3.48 31.78 -23.33
N ASP D 53 4.36 32.77 -23.23
CA ASP D 53 4.93 33.17 -21.95
C ASP D 53 3.90 33.94 -21.13
N ILE D 54 3.14 34.79 -21.82
CA ILE D 54 2.07 35.56 -21.17
C ILE D 54 0.82 35.56 -22.04
N ILE D 55 -0.35 35.68 -21.40
CA ILE D 55 -1.62 35.58 -22.11
C ILE D 55 -2.53 36.77 -21.79
N PHE D 56 -3.33 37.16 -22.80
CA PHE D 56 -4.27 38.29 -22.69
C PHE D 56 -5.71 37.91 -23.04
N TRP D 57 -6.60 38.05 -22.06
CA TRP D 57 -8.04 37.85 -22.23
C TRP D 57 -8.73 38.36 -20.96
N ALA D 58 -10.07 38.33 -20.95
CA ALA D 58 -10.83 38.65 -19.74
C ALA D 58 -10.54 37.63 -18.64
N HIS D 59 -10.87 37.97 -17.40
CA HIS D 59 -10.50 37.14 -16.25
C HIS D 59 -11.53 36.08 -15.87
N ASP D 60 -12.28 35.60 -16.85
CA ASP D 60 -13.24 34.54 -16.59
C ASP D 60 -12.63 33.17 -16.83
N ARG D 61 -11.59 33.15 -17.67
CA ARG D 61 -10.93 31.90 -18.03
C ARG D 61 -9.77 31.58 -17.10
N PHE D 62 -9.21 32.62 -16.47
CA PHE D 62 -8.04 32.46 -15.62
C PHE D 62 -8.29 31.55 -14.43
N GLY D 63 -9.53 31.51 -13.97
CA GLY D 63 -9.90 30.63 -12.86
C GLY D 63 -9.62 29.18 -13.19
N GLY D 64 -9.86 28.81 -14.43
CA GLY D 64 -9.62 27.45 -14.88
C GLY D 64 -8.15 27.10 -14.95
N TYR D 65 -7.33 28.06 -15.37
CA TYR D 65 -5.89 27.83 -15.50
C TYR D 65 -5.22 27.84 -14.13
N ALA D 66 -5.84 28.53 -13.18
CA ALA D 66 -5.24 28.79 -11.88
C ALA D 66 -5.10 27.54 -11.01
N GLN D 67 -6.19 26.79 -10.87
CA GLN D 67 -6.18 25.60 -10.02
C GLN D 67 -5.31 24.51 -10.64
N SER D 68 -5.13 24.57 -11.96
CA SER D 68 -4.32 23.61 -12.68
C SER D 68 -2.83 23.75 -12.32
N GLY D 69 -2.38 24.99 -12.23
CA GLY D 69 -0.98 25.28 -11.96
C GLY D 69 -0.28 25.84 -13.18
N LEU D 70 -1.07 26.38 -14.10
CA LEU D 70 -0.54 26.93 -15.35
C LEU D 70 -0.07 28.37 -15.16
N LEU D 71 -0.83 29.14 -14.38
CA LEU D 71 -0.53 30.54 -14.16
C LEU D 71 0.51 30.73 -13.07
N ALA D 72 1.67 31.25 -13.45
CA ALA D 72 2.73 31.53 -12.48
C ALA D 72 2.26 32.56 -11.47
N GLU D 73 2.36 32.22 -10.19
CA GLU D 73 1.97 33.13 -9.13
C GLU D 73 2.85 34.37 -9.15
N ILE D 74 2.22 35.54 -9.22
CA ILE D 74 2.95 36.79 -9.23
C ILE D 74 2.82 37.52 -7.90
N THR D 75 3.96 37.99 -7.40
CA THR D 75 3.98 38.75 -6.15
C THR D 75 4.66 40.10 -6.38
N PRO D 76 3.95 41.03 -7.07
CA PRO D 76 4.51 42.36 -7.32
C PRO D 76 4.66 43.15 -6.03
N ASP D 77 5.74 43.91 -5.92
CA ASP D 77 5.99 44.72 -4.74
C ASP D 77 4.80 45.63 -4.44
N LYS D 78 4.55 45.87 -3.16
CA LYS D 78 3.36 46.61 -2.72
C LYS D 78 3.30 48.02 -3.31
N ALA D 79 4.45 48.54 -3.73
CA ALA D 79 4.51 49.85 -4.36
C ALA D 79 3.86 49.84 -5.74
N PHE D 80 3.72 48.64 -6.32
CA PHE D 80 3.13 48.50 -7.64
C PHE D 80 1.62 48.29 -7.56
N GLN D 81 1.15 47.77 -6.43
CA GLN D 81 -0.28 47.61 -6.21
C GLN D 81 -0.94 48.96 -5.95
N ASP D 82 -0.13 49.97 -5.69
CA ASP D 82 -0.62 51.32 -5.47
C ASP D 82 -1.04 51.96 -6.79
N LYS D 83 -0.41 51.53 -7.87
CA LYS D 83 -0.66 52.09 -9.19
C LYS D 83 -2.00 51.63 -9.76
N LEU D 84 -2.34 50.37 -9.50
CA LEU D 84 -3.59 49.80 -9.99
C LEU D 84 -4.65 49.79 -8.88
N TYR D 85 -5.92 49.82 -9.28
CA TYR D 85 -7.02 49.87 -8.31
C TYR D 85 -7.23 48.52 -7.64
N PRO D 86 -7.59 48.53 -6.34
CA PRO D 86 -7.79 47.33 -5.53
C PRO D 86 -8.82 46.34 -6.08
N PHE D 87 -9.93 46.83 -6.63
CA PHE D 87 -10.99 45.93 -7.09
C PHE D 87 -10.57 45.14 -8.33
N THR D 88 -9.68 45.70 -9.14
CA THR D 88 -9.15 44.99 -10.29
C THR D 88 -8.21 43.86 -9.83
N TRP D 89 -7.49 44.15 -8.75
CA TRP D 89 -6.68 43.13 -8.08
C TRP D 89 -7.57 42.02 -7.57
N ASP D 90 -8.70 42.40 -6.97
CA ASP D 90 -9.69 41.43 -6.51
C ASP D 90 -10.25 40.63 -7.67
N ALA D 91 -10.27 41.25 -8.85
CA ALA D 91 -10.77 40.59 -10.05
C ALA D 91 -9.83 39.46 -10.46
N VAL D 92 -8.53 39.69 -10.37
CA VAL D 92 -7.60 38.62 -10.74
C VAL D 92 -7.19 37.69 -9.59
N ARG D 93 -7.60 38.01 -8.37
CA ARG D 93 -7.24 37.20 -7.20
C ARG D 93 -7.86 35.80 -7.25
N TYR D 94 -7.10 34.81 -6.79
CA TYR D 94 -7.58 33.43 -6.78
C TYR D 94 -6.89 32.65 -5.66
N ASN D 95 -7.66 32.24 -4.65
CA ASN D 95 -7.16 31.57 -3.47
C ASN D 95 -6.16 32.43 -2.69
N GLY D 96 -6.41 33.74 -2.70
CA GLY D 96 -5.56 34.68 -1.99
C GLY D 96 -4.23 34.92 -2.67
N LYS D 97 -4.12 34.49 -3.92
CA LYS D 97 -2.89 34.65 -4.69
C LYS D 97 -3.15 35.32 -6.04
N LEU D 98 -2.18 36.10 -6.49
CA LEU D 98 -2.28 36.82 -7.75
C LEU D 98 -1.78 35.97 -8.90
N ILE D 99 -2.62 35.78 -9.92
CA ILE D 99 -2.26 34.95 -11.06
C ILE D 99 -1.98 35.79 -12.31
N ALA D 100 -2.58 36.97 -12.36
CA ALA D 100 -2.41 37.87 -13.51
C ALA D 100 -2.47 39.32 -13.08
N TYR D 101 -1.87 40.20 -13.90
CA TYR D 101 -1.96 41.64 -13.66
C TYR D 101 -3.21 42.19 -14.34
N PRO D 102 -3.98 43.01 -13.62
CA PRO D 102 -5.18 43.62 -14.20
C PRO D 102 -4.82 44.71 -15.21
N ILE D 103 -5.28 44.55 -16.45
CA ILE D 103 -5.00 45.54 -17.49
C ILE D 103 -6.16 46.52 -17.69
N ALA D 104 -7.29 46.03 -18.21
CA ALA D 104 -8.33 46.98 -18.63
C ALA D 104 -9.78 46.49 -18.54
N VAL D 105 -10.63 47.31 -17.92
CA VAL D 105 -12.06 47.05 -17.83
C VAL D 105 -12.76 47.25 -19.18
N GLU D 106 -13.54 46.26 -19.59
CA GLU D 106 -14.27 46.32 -20.85
C GLU D 106 -15.76 46.52 -20.62
N SER D 109 -20.25 48.43 -24.03
CA SER D 109 -21.06 49.65 -24.06
C SER D 109 -21.89 49.74 -25.33
N LEU D 110 -22.78 50.73 -25.38
CA LEU D 110 -23.69 50.88 -26.51
C LEU D 110 -23.07 51.68 -27.65
N ILE D 111 -22.92 51.03 -28.80
CA ILE D 111 -22.46 51.68 -30.02
C ILE D 111 -23.63 51.83 -31.00
N TYR D 112 -23.82 53.03 -31.53
CA TYR D 112 -24.89 53.27 -32.49
C TYR D 112 -24.55 54.40 -33.44
N ASN D 113 -25.24 54.42 -34.58
CA ASN D 113 -25.12 55.52 -35.53
C ASN D 113 -26.00 56.68 -35.09
N LYS D 114 -25.39 57.83 -34.82
CA LYS D 114 -26.12 59.00 -34.34
C LYS D 114 -26.96 59.63 -35.44
N ASP D 115 -26.72 59.22 -36.68
CA ASP D 115 -27.49 59.74 -37.82
C ASP D 115 -28.87 59.09 -37.90
N LEU D 116 -28.97 57.87 -37.40
CA LEU D 116 -30.23 57.12 -37.48
C LEU D 116 -31.02 57.17 -36.18
N LEU D 117 -30.33 56.96 -35.07
CA LEU D 117 -30.98 56.92 -33.75
C LEU D 117 -30.32 57.89 -32.77
N PRO D 118 -30.61 59.19 -32.88
CA PRO D 118 -30.04 60.18 -31.97
C PRO D 118 -30.52 60.00 -30.52
N ASN D 119 -31.83 59.86 -30.33
CA ASN D 119 -32.42 59.73 -29.01
C ASN D 119 -32.11 58.36 -28.37
N PRO D 120 -31.71 58.39 -27.08
CA PRO D 120 -31.36 57.17 -26.34
C PRO D 120 -32.53 56.54 -25.58
N PRO D 121 -32.88 55.28 -25.93
CA PRO D 121 -33.88 54.51 -25.18
C PRO D 121 -33.32 54.05 -23.84
N LYS D 122 -34.05 54.32 -22.75
CA LYS D 122 -33.59 53.93 -21.42
C LYS D 122 -33.98 52.49 -21.11
N THR D 123 -34.55 51.80 -22.09
CA THR D 123 -34.90 50.39 -21.95
C THR D 123 -34.96 49.72 -23.32
N TRP D 124 -35.10 48.40 -23.33
CA TRP D 124 -35.06 47.62 -24.56
C TRP D 124 -36.45 47.38 -25.16
N GLU D 125 -37.49 47.76 -24.43
CA GLU D 125 -38.86 47.45 -24.82
C GLU D 125 -39.38 48.28 -25.99
N GLU D 126 -38.81 49.48 -26.17
CA GLU D 126 -39.33 50.41 -27.16
C GLU D 126 -38.37 50.66 -28.33
N ILE D 127 -37.38 49.78 -28.48
CA ILE D 127 -36.45 49.84 -29.60
C ILE D 127 -36.95 49.13 -30.88
N PRO D 128 -37.53 47.92 -30.75
CA PRO D 128 -37.98 47.22 -31.96
C PRO D 128 -38.99 47.99 -32.81
N ALA D 129 -39.92 48.70 -32.17
CA ALA D 129 -40.98 49.41 -32.88
C ALA D 129 -40.44 50.48 -33.82
N LEU D 130 -39.20 50.93 -33.59
CA LEU D 130 -38.61 51.97 -34.40
C LEU D 130 -37.87 51.41 -35.61
N ASP D 131 -37.84 50.08 -35.73
CA ASP D 131 -37.22 49.42 -36.88
C ASP D 131 -38.01 49.69 -38.16
N LYS D 132 -39.33 49.55 -38.06
CA LYS D 132 -40.23 49.65 -39.20
C LYS D 132 -40.10 50.96 -39.96
N GLU D 133 -39.55 51.99 -39.31
CA GLU D 133 -39.31 53.27 -39.96
C GLU D 133 -38.12 53.20 -40.91
N LEU D 134 -36.98 52.75 -40.40
CA LEU D 134 -35.75 52.67 -41.20
C LEU D 134 -35.76 51.60 -42.29
N LYS D 135 -36.25 50.43 -41.94
CA LYS D 135 -36.27 49.33 -42.89
C LYS D 135 -37.14 49.72 -44.07
N ALA D 136 -38.26 50.35 -43.77
CA ALA D 136 -39.18 50.78 -44.81
C ALA D 136 -38.48 51.78 -45.72
N LYS D 137 -37.71 52.68 -45.13
CA LYS D 137 -37.01 53.70 -45.91
C LYS D 137 -35.99 53.06 -46.86
N PHE D 144 -26.21 43.53 -33.30
CA PHE D 144 -24.86 43.15 -32.92
C PHE D 144 -24.61 41.66 -33.13
N ASN D 145 -23.61 41.12 -32.41
CA ASN D 145 -23.22 39.73 -32.56
C ASN D 145 -24.34 38.77 -32.12
N LEU D 146 -24.36 37.58 -32.70
CA LEU D 146 -25.49 36.66 -32.51
C LEU D 146 -25.10 35.34 -31.82
N GLN D 147 -23.87 34.88 -32.05
CA GLN D 147 -23.47 33.55 -31.60
C GLN D 147 -22.94 33.54 -30.17
N GLU D 148 -22.05 34.46 -29.85
CA GLU D 148 -21.41 34.52 -28.54
C GLU D 148 -22.37 34.99 -27.44
N PRO D 149 -22.12 34.55 -26.20
CA PRO D 149 -22.89 34.99 -25.05
C PRO D 149 -22.44 36.34 -24.51
N TYR D 150 -21.24 36.72 -24.93
CA TYR D 150 -20.62 37.97 -24.57
C TYR D 150 -21.54 39.15 -24.94
N PHE D 151 -22.11 39.09 -26.13
CA PHE D 151 -22.86 40.21 -26.67
C PHE D 151 -24.36 40.15 -26.40
N THR D 152 -24.86 38.95 -26.06
CA THR D 152 -26.29 38.75 -25.94
C THR D 152 -26.78 38.72 -24.49
N TRP D 153 -25.87 38.99 -23.56
CA TRP D 153 -26.19 39.04 -22.13
C TRP D 153 -26.83 40.33 -21.57
N PRO D 154 -26.70 41.50 -22.26
CA PRO D 154 -27.31 42.72 -21.70
C PRO D 154 -28.75 42.62 -21.19
N LEU D 155 -29.61 41.85 -21.85
CA LEU D 155 -31.01 41.77 -21.44
C LEU D 155 -31.29 40.51 -20.62
N ILE D 156 -30.43 39.50 -20.74
CA ILE D 156 -30.58 38.26 -20.00
C ILE D 156 -30.51 38.53 -18.50
N ALA D 157 -29.68 39.50 -18.10
CA ALA D 157 -29.57 39.87 -16.69
C ALA D 157 -30.17 41.24 -16.43
N ALA D 158 -31.21 41.59 -17.17
CA ALA D 158 -31.92 42.85 -16.95
C ALA D 158 -33.10 42.63 -16.02
N ASP D 159 -33.87 41.58 -16.28
CA ASP D 159 -35.00 41.23 -15.44
C ASP D 159 -34.54 40.44 -14.23
N GLY D 160 -33.66 39.46 -14.47
CA GLY D 160 -33.12 38.63 -13.41
C GLY D 160 -32.06 37.67 -13.92
N GLY D 161 -30.83 37.85 -13.45
CA GLY D 161 -29.72 37.01 -13.89
C GLY D 161 -29.89 35.56 -13.47
N PHE D 164 -24.47 30.86 -10.51
CA PHE D 164 -23.40 31.06 -9.54
C PHE D 164 -23.65 32.31 -8.70
N LYS D 165 -24.48 32.17 -7.67
CA LYS D 165 -24.86 33.29 -6.82
C LYS D 165 -23.84 33.51 -5.70
N TYR D 166 -23.68 34.78 -5.31
CA TYR D 166 -22.66 35.16 -4.33
C TYR D 166 -23.27 35.44 -2.97
N GLU D 167 -23.15 34.48 -2.06
CA GLU D 167 -23.66 34.65 -0.70
C GLU D 167 -22.52 34.65 0.32
N LYS D 170 -19.10 33.68 -1.55
CA LYS D 170 -18.44 32.91 -2.59
C LYS D 170 -19.46 32.34 -3.58
N TYR D 171 -19.07 32.29 -4.86
CA TYR D 171 -19.95 31.80 -5.92
C TYR D 171 -20.31 30.33 -5.72
N ASP D 172 -21.49 30.10 -5.13
CA ASP D 172 -21.97 28.73 -4.94
C ASP D 172 -22.47 28.18 -6.27
N ILE D 173 -21.85 27.09 -6.71
CA ILE D 173 -22.13 26.53 -8.03
C ILE D 173 -23.48 25.81 -8.08
N LYS D 174 -24.01 25.46 -6.91
CA LYS D 174 -25.29 24.78 -6.82
C LYS D 174 -26.42 25.80 -6.64
N ASP D 175 -26.36 26.87 -7.43
CA ASP D 175 -27.35 27.95 -7.37
C ASP D 175 -27.22 28.84 -8.61
N VAL D 176 -27.76 28.37 -9.73
CA VAL D 176 -27.63 29.08 -11.00
C VAL D 176 -29.00 29.41 -11.59
N GLY D 177 -29.10 30.54 -12.27
CA GLY D 177 -30.32 30.93 -12.94
C GLY D 177 -30.44 30.34 -14.33
N GLY D 182 -36.83 36.18 -14.74
CA GLY D 182 -35.67 35.31 -14.71
C GLY D 182 -34.84 35.41 -15.98
N ALA D 183 -34.07 34.36 -16.26
CA ALA D 183 -33.23 34.32 -17.45
C ALA D 183 -34.06 34.09 -18.72
N LYS D 184 -35.36 33.87 -18.53
CA LYS D 184 -36.27 33.60 -19.64
C LYS D 184 -36.80 34.90 -20.26
N ALA D 185 -37.27 35.81 -19.41
CA ALA D 185 -37.90 37.05 -19.84
C ALA D 185 -36.99 37.91 -20.70
N GLY D 186 -35.70 37.90 -20.38
CA GLY D 186 -34.73 38.70 -21.11
C GLY D 186 -34.35 38.10 -22.45
N LEU D 187 -34.31 36.78 -22.53
CA LEU D 187 -33.88 36.07 -23.73
C LEU D 187 -35.00 35.94 -24.76
N THR D 188 -36.17 35.51 -24.31
CA THR D 188 -37.33 35.33 -25.19
C THR D 188 -37.67 36.60 -25.95
N PHE D 189 -37.75 37.72 -25.24
CA PHE D 189 -38.05 39.02 -25.85
C PHE D 189 -37.07 39.37 -27.00
N LEU D 190 -35.81 38.99 -26.81
CA LEU D 190 -34.80 39.23 -27.83
C LEU D 190 -35.01 38.30 -29.03
N VAL D 191 -35.39 37.07 -28.73
CA VAL D 191 -35.70 36.11 -29.79
C VAL D 191 -36.83 36.64 -30.68
N ASP D 192 -37.86 37.18 -30.05
CA ASP D 192 -39.00 37.74 -30.78
C ASP D 192 -38.54 38.91 -31.65
N LEU D 193 -37.39 39.49 -31.30
CA LEU D 193 -36.85 40.58 -32.11
C LEU D 193 -36.17 40.02 -33.35
N ILE D 194 -35.57 38.84 -33.22
CA ILE D 194 -35.03 38.17 -34.40
C ILE D 194 -36.11 37.58 -35.32
N LYS D 195 -37.21 37.10 -34.76
CA LYS D 195 -38.28 36.51 -35.57
C LYS D 195 -39.04 37.54 -36.42
N ASN D 196 -39.22 38.75 -35.90
CA ASN D 196 -39.92 39.79 -36.64
C ASN D 196 -38.96 40.80 -37.29
N LYS D 197 -37.66 40.53 -37.17
CA LYS D 197 -36.61 41.35 -37.78
C LYS D 197 -36.67 42.81 -37.34
N HIS D 198 -36.95 43.02 -36.05
CA HIS D 198 -37.02 44.37 -35.50
C HIS D 198 -35.74 44.72 -34.76
N ASP D 204 -22.88 37.52 -38.42
CA ASP D 204 -23.05 37.81 -37.00
C ASP D 204 -22.01 38.81 -36.51
N TYR D 205 -20.74 38.47 -36.65
CA TYR D 205 -19.65 39.36 -36.25
C TYR D 205 -19.27 40.31 -37.38
N SER D 206 -19.06 39.76 -38.57
CA SER D 206 -18.66 40.55 -39.72
C SER D 206 -19.87 40.99 -40.55
N ILE D 207 -21.03 40.42 -40.25
CA ILE D 207 -22.25 40.75 -40.98
C ILE D 207 -22.96 41.97 -40.35
N ALA D 208 -23.03 42.00 -39.03
CA ALA D 208 -23.68 43.09 -38.32
C ALA D 208 -22.80 44.33 -38.27
N GLU D 209 -21.51 44.13 -38.03
CA GLU D 209 -20.56 45.22 -37.92
C GLU D 209 -20.37 45.93 -39.25
N ALA D 210 -20.51 45.18 -40.35
CA ALA D 210 -20.40 45.74 -41.69
C ALA D 210 -21.44 46.83 -41.91
N ALA D 211 -22.55 46.71 -41.20
CA ALA D 211 -23.60 47.71 -41.25
C ALA D 211 -23.29 48.86 -40.30
N PHE D 212 -22.70 48.55 -39.14
CA PHE D 212 -22.29 49.61 -38.22
C PHE D 212 -21.22 50.54 -38.80
N ASN D 213 -20.31 49.99 -39.60
CA ASN D 213 -19.19 50.77 -40.13
C ASN D 213 -19.58 51.74 -41.24
N LYS D 214 -20.34 51.25 -42.21
CA LYS D 214 -20.69 52.05 -43.39
C LYS D 214 -22.03 52.77 -43.24
N GLY D 215 -22.52 52.87 -42.02
CA GLY D 215 -23.72 53.63 -41.72
C GLY D 215 -25.00 53.05 -42.32
N GLU D 216 -25.26 51.78 -42.04
CA GLU D 216 -26.46 51.12 -42.54
C GLU D 216 -27.25 50.46 -41.42
N THR D 217 -27.01 50.89 -40.19
CA THR D 217 -27.76 50.40 -39.03
C THR D 217 -27.63 51.35 -37.85
N ALA D 218 -28.61 51.31 -36.94
CA ALA D 218 -28.61 52.19 -35.78
C ALA D 218 -27.80 51.59 -34.63
N GLY D 223 -18.33 45.86 -26.79
CA GLY D 223 -17.36 46.49 -25.91
C GLY D 223 -16.55 47.58 -26.61
N PRO D 224 -15.62 48.20 -25.87
CA PRO D 224 -14.78 49.28 -26.39
C PRO D 224 -13.70 48.81 -27.37
N TRP D 225 -13.72 47.52 -27.71
CA TRP D 225 -12.71 46.94 -28.60
C TRP D 225 -12.96 47.26 -30.07
N ALA D 226 -13.96 48.10 -30.34
CA ALA D 226 -14.27 48.49 -31.71
C ALA D 226 -14.64 49.97 -31.80
N TRP D 227 -13.78 50.82 -31.23
CA TRP D 227 -14.03 52.27 -31.23
C TRP D 227 -13.16 52.99 -32.24
N SER D 228 -11.92 52.54 -32.39
CA SER D 228 -10.97 53.15 -33.31
C SER D 228 -11.33 52.76 -34.74
N ASN D 229 -12.05 51.66 -34.91
CA ASN D 229 -12.39 51.20 -36.25
C ASN D 229 -13.41 52.11 -36.94
N ILE D 230 -14.05 52.97 -36.15
CA ILE D 230 -15.01 53.93 -36.66
C ILE D 230 -14.23 55.19 -37.05
N ASP D 231 -13.32 55.06 -38.01
CA ASP D 231 -12.52 56.22 -38.44
C ASP D 231 -12.55 56.52 -39.93
N THR D 232 -12.23 55.54 -40.77
CA THR D 232 -12.19 55.78 -42.21
C THR D 232 -13.56 56.19 -42.74
N SER D 233 -14.61 55.51 -42.28
CA SER D 233 -15.97 55.87 -42.65
C SER D 233 -16.52 56.88 -41.64
N LYS D 234 -16.01 56.80 -40.41
CA LYS D 234 -16.37 57.72 -39.32
C LYS D 234 -17.87 57.94 -39.14
N VAL D 235 -18.58 56.88 -38.81
CA VAL D 235 -19.96 57.01 -38.39
C VAL D 235 -19.98 57.76 -37.05
N ASN D 236 -20.89 58.73 -36.93
CA ASN D 236 -20.99 59.52 -35.70
C ASN D 236 -21.24 58.64 -34.48
N TYR D 237 -20.24 58.53 -33.61
CA TYR D 237 -20.30 57.61 -32.48
C TYR D 237 -20.73 58.28 -31.17
N GLY D 238 -21.07 57.44 -30.19
CA GLY D 238 -21.50 57.92 -28.88
C GLY D 238 -21.93 56.77 -27.98
N VAL D 239 -21.56 56.86 -26.70
CA VAL D 239 -21.90 55.83 -25.73
C VAL D 239 -23.02 56.27 -24.79
N THR D 240 -24.05 55.43 -24.68
CA THR D 240 -25.20 55.76 -23.85
C THR D 240 -25.73 54.55 -23.10
N VAL D 241 -26.55 54.80 -22.07
CA VAL D 241 -27.16 53.73 -21.29
C VAL D 241 -28.43 53.22 -21.97
N LYS D 251 -27.06 45.77 -19.25
CA LYS D 251 -26.40 45.13 -18.12
C LYS D 251 -25.38 44.10 -18.59
N PRO D 252 -24.21 44.57 -19.05
CA PRO D 252 -23.19 43.70 -19.63
C PRO D 252 -22.29 43.04 -18.59
N PHE D 253 -21.21 42.45 -19.11
CA PHE D 253 -20.21 41.66 -18.41
C PHE D 253 -19.03 42.59 -18.10
N VAL D 254 -18.62 42.75 -16.86
CA VAL D 254 -17.39 43.53 -16.70
C VAL D 254 -16.19 42.60 -16.83
N GLY D 255 -15.57 42.57 -18.01
CA GLY D 255 -14.46 41.67 -18.24
C GLY D 255 -13.10 42.35 -18.14
N VAL D 256 -12.46 42.22 -16.98
CA VAL D 256 -11.14 42.82 -16.78
C VAL D 256 -10.08 42.05 -17.56
N LEU D 257 -9.66 42.63 -18.67
CA LEU D 257 -8.54 42.14 -19.45
C LEU D 257 -7.30 42.07 -18.57
N SER D 258 -6.64 40.92 -18.57
CA SER D 258 -5.49 40.69 -17.69
C SER D 258 -4.35 39.97 -18.39
N ALA D 259 -3.16 40.01 -17.79
CA ALA D 259 -1.97 39.41 -18.39
C ALA D 259 -1.38 38.33 -17.49
N GLY D 260 -1.66 37.07 -17.81
CA GLY D 260 -1.20 35.98 -16.97
C GLY D 260 0.13 35.41 -17.42
N ILE D 261 1.02 35.14 -16.47
CA ILE D 261 2.32 34.54 -16.79
C ILE D 261 2.23 33.01 -16.68
N ASN D 262 2.89 32.32 -17.62
CA ASN D 262 2.88 30.86 -17.63
C ASN D 262 3.96 30.28 -16.70
N ALA D 263 3.57 29.25 -15.94
CA ALA D 263 4.46 28.66 -14.96
C ALA D 263 5.47 27.68 -15.59
N ALA D 264 5.14 27.20 -16.78
CA ALA D 264 6.00 26.25 -17.48
C ALA D 264 7.13 26.99 -18.23
N SER D 265 7.01 28.30 -18.34
CA SER D 265 7.99 29.10 -19.04
C SER D 265 9.16 29.47 -18.14
N PRO D 266 10.38 29.55 -18.71
CA PRO D 266 11.57 29.97 -17.96
C PRO D 266 11.58 31.48 -17.70
N ASN D 267 10.82 32.21 -18.50
CA ASN D 267 10.76 33.66 -18.41
C ASN D 267 9.68 34.14 -17.45
N LYS D 268 9.80 33.74 -16.19
CA LYS D 268 8.87 34.17 -15.16
C LYS D 268 9.27 35.56 -14.65
N GLU D 269 10.56 35.75 -14.40
CA GLU D 269 11.08 37.02 -13.93
C GLU D 269 11.10 38.11 -15.04
N LEU D 270 11.38 37.66 -16.26
CA LEU D 270 11.48 38.59 -17.38
C LEU D 270 10.10 39.07 -17.86
N ALA D 271 9.08 38.28 -17.55
CA ALA D 271 7.73 38.64 -17.96
C ALA D 271 7.21 39.78 -17.10
N LYS D 272 7.45 39.70 -15.79
CA LYS D 272 6.97 40.73 -14.88
C LYS D 272 7.77 42.02 -15.08
N GLU D 273 8.99 41.88 -15.61
CA GLU D 273 9.75 43.08 -15.99
C GLU D 273 8.98 43.82 -17.08
N PHE D 274 8.61 43.06 -18.12
CA PHE D 274 7.85 43.60 -19.24
C PHE D 274 6.51 44.21 -18.81
N LEU D 275 5.75 43.46 -18.01
CA LEU D 275 4.39 43.84 -17.62
C LEU D 275 4.34 45.01 -16.63
N GLU D 276 5.31 45.09 -15.72
CA GLU D 276 5.31 46.14 -14.72
C GLU D 276 5.98 47.43 -15.20
N ASN D 277 7.12 47.29 -15.88
CA ASN D 277 7.94 48.45 -16.20
C ASN D 277 7.78 48.99 -17.63
N TYR D 278 7.14 48.20 -18.49
CA TYR D 278 7.02 48.59 -19.89
C TYR D 278 5.57 48.67 -20.36
N LEU D 279 4.69 47.88 -19.76
CA LEU D 279 3.28 47.86 -20.16
C LEU D 279 2.43 48.76 -19.27
N LEU D 280 2.31 48.38 -18.01
CA LEU D 280 1.49 49.11 -17.06
C LEU D 280 2.14 50.43 -16.64
N THR D 281 2.23 51.36 -17.60
CA THR D 281 2.88 52.64 -17.37
C THR D 281 2.13 53.79 -18.03
N ASP D 282 2.69 54.99 -17.91
CA ASP D 282 2.19 56.15 -18.65
C ASP D 282 2.24 55.88 -20.14
N GLU D 283 3.40 55.38 -20.59
CA GLU D 283 3.65 55.15 -22.00
C GLU D 283 2.95 53.89 -22.52
N GLY D 284 3.31 52.73 -21.99
CA GLY D 284 2.78 51.47 -22.47
C GLY D 284 1.27 51.42 -22.73
N LEU D 285 0.49 51.67 -21.69
CA LEU D 285 -0.97 51.65 -21.81
C LEU D 285 -1.46 52.69 -22.80
N GLU D 286 -0.72 53.79 -22.94
CA GLU D 286 -1.07 54.82 -23.90
C GLU D 286 -0.83 54.33 -25.32
N ALA D 287 0.31 53.68 -25.55
CA ALA D 287 0.67 53.17 -26.86
C ALA D 287 -0.31 52.10 -27.28
N VAL D 288 -0.85 51.36 -26.30
CA VAL D 288 -1.88 50.38 -26.59
C VAL D 288 -3.22 51.05 -26.88
N ASN D 289 -3.51 52.12 -26.13
CA ASN D 289 -4.78 52.84 -26.27
C ASN D 289 -4.85 53.66 -27.56
N LYS D 290 -3.69 53.98 -28.12
CA LYS D 290 -3.59 54.86 -29.27
C LYS D 290 -4.12 54.21 -30.54
N ASP D 291 -3.76 52.95 -30.74
CA ASP D 291 -4.19 52.24 -31.94
C ASP D 291 -5.62 51.72 -31.78
N LYS D 292 -5.91 51.16 -30.60
CA LYS D 292 -7.24 50.67 -30.28
C LYS D 292 -7.51 50.80 -28.78
N PRO D 293 -8.41 51.71 -28.39
CA PRO D 293 -8.73 52.06 -27.00
C PRO D 293 -8.96 50.86 -26.09
N LEU D 294 -8.51 50.97 -24.85
CA LEU D 294 -8.70 49.91 -23.86
C LEU D 294 -9.91 50.20 -22.99
N GLY D 295 -10.38 51.45 -23.03
CA GLY D 295 -11.48 51.89 -22.20
C GLY D 295 -11.00 52.27 -20.82
N ALA D 296 -11.68 51.76 -19.81
CA ALA D 296 -11.27 52.00 -18.43
C ALA D 296 -10.12 51.08 -18.07
N VAL D 297 -9.00 51.66 -17.64
CA VAL D 297 -7.82 50.88 -17.28
C VAL D 297 -7.56 50.91 -15.78
N ALA D 298 -6.74 49.97 -15.32
CA ALA D 298 -6.52 49.80 -13.88
C ALA D 298 -5.54 50.82 -13.32
N LEU D 299 -4.69 51.38 -14.18
CA LEU D 299 -3.66 52.32 -13.74
C LEU D 299 -4.26 53.65 -13.28
N LYS D 300 -4.00 54.01 -12.02
CA LYS D 300 -4.51 55.25 -11.44
C LYS D 300 -4.15 56.48 -12.27
N SER D 301 -2.86 56.64 -12.54
CA SER D 301 -2.34 57.81 -13.23
C SER D 301 -2.90 57.97 -14.64
N TYR D 302 -3.22 56.86 -15.29
CA TYR D 302 -3.68 56.90 -16.68
C TYR D 302 -5.20 56.79 -16.79
N GLU D 303 -5.87 56.42 -15.70
CA GLU D 303 -7.32 56.35 -15.70
C GLU D 303 -7.93 57.71 -15.44
N GLU D 304 -7.30 58.47 -14.55
CA GLU D 304 -7.79 59.79 -14.18
C GLU D 304 -7.55 60.80 -15.30
N GLU D 305 -6.67 60.44 -16.24
CA GLU D 305 -6.44 61.25 -17.43
C GLU D 305 -7.57 61.05 -18.43
N LEU D 306 -8.20 59.89 -18.35
CA LEU D 306 -9.21 59.48 -19.32
C LEU D 306 -10.61 59.53 -18.71
N ALA D 307 -10.72 60.12 -17.53
CA ALA D 307 -11.99 60.24 -16.84
C ALA D 307 -12.84 61.35 -17.46
N LYS D 308 -12.17 62.32 -18.07
CA LYS D 308 -12.86 63.42 -18.75
C LYS D 308 -13.58 62.91 -19.98
N ASP D 309 -13.02 61.85 -20.57
CA ASP D 309 -13.59 61.22 -21.76
C ASP D 309 -15.01 60.74 -21.48
N PRO D 310 -15.98 61.21 -22.30
CA PRO D 310 -17.38 60.82 -22.15
C PRO D 310 -17.57 59.30 -22.24
N ARG D 311 -16.92 58.68 -23.21
CA ARG D 311 -17.03 57.25 -23.43
C ARG D 311 -16.58 56.41 -22.24
N ILE D 312 -15.44 56.77 -21.66
CA ILE D 312 -14.86 55.98 -20.57
C ILE D 312 -15.57 56.24 -19.23
N ALA D 313 -16.19 57.42 -19.15
CA ALA D 313 -16.99 57.76 -18.00
C ALA D 313 -18.34 57.05 -18.07
N ALA D 314 -18.82 56.79 -19.29
CA ALA D 314 -20.11 56.12 -19.45
C ALA D 314 -19.95 54.59 -19.55
N THR D 315 -18.70 54.17 -19.73
CA THR D 315 -18.40 52.75 -19.84
C THR D 315 -18.22 52.19 -18.44
N MET D 316 -17.62 52.97 -17.55
CA MET D 316 -17.60 52.55 -16.15
C MET D 316 -19.01 52.68 -15.51
N GLU D 317 -19.86 53.44 -16.19
CA GLU D 317 -21.25 53.60 -15.77
C GLU D 317 -21.99 52.33 -16.09
N ASN D 318 -21.57 51.63 -17.14
CA ASN D 318 -22.20 50.35 -17.45
C ASN D 318 -21.88 49.28 -16.39
N ALA D 319 -20.76 49.48 -15.68
CA ALA D 319 -20.31 48.58 -14.62
C ALA D 319 -21.05 48.87 -13.33
N GLN D 320 -21.57 50.09 -13.21
CA GLN D 320 -22.33 50.45 -12.02
C GLN D 320 -23.63 49.62 -11.90
N LYS D 321 -24.35 49.46 -13.00
CA LYS D 321 -25.56 48.63 -13.03
C LYS D 321 -25.24 47.25 -13.59
N GLY D 322 -24.01 47.05 -14.04
CA GLY D 322 -23.59 45.76 -14.54
C GLY D 322 -23.21 44.80 -13.43
N GLU D 323 -22.24 43.94 -13.68
CA GLU D 323 -21.80 42.97 -12.68
C GLU D 323 -20.38 42.49 -12.94
N ILE D 324 -19.62 42.27 -11.87
CA ILE D 324 -18.24 41.79 -12.00
C ILE D 324 -18.23 40.29 -12.30
N MET D 325 -17.43 39.90 -13.27
CA MET D 325 -17.42 38.53 -13.76
C MET D 325 -16.61 37.60 -12.86
N PRO D 326 -17.12 36.39 -12.60
CA PRO D 326 -16.43 35.40 -11.76
C PRO D 326 -15.13 34.88 -12.38
N ASN D 327 -14.17 34.50 -11.53
CA ASN D 327 -12.93 33.89 -12.00
C ASN D 327 -12.73 32.49 -11.41
N ILE D 328 -13.52 31.54 -11.92
CA ILE D 328 -13.52 30.18 -11.40
C ILE D 328 -13.59 29.15 -12.53
N PRO D 329 -13.10 27.92 -12.28
CA PRO D 329 -13.14 26.86 -13.28
C PRO D 329 -14.57 26.42 -13.62
N GLN D 330 -15.55 26.92 -12.89
CA GLN D 330 -16.94 26.56 -13.15
C GLN D 330 -17.59 27.49 -14.19
N MET D 331 -16.91 28.56 -14.55
CA MET D 331 -17.36 29.55 -15.55
C MET D 331 -17.47 29.18 -17.04
N SER D 332 -16.47 28.46 -17.55
CA SER D 332 -16.35 28.13 -18.98
C SER D 332 -17.50 27.30 -19.55
N ALA D 333 -17.98 26.32 -18.78
CA ALA D 333 -19.08 25.52 -19.25
C ALA D 333 -20.24 26.46 -19.40
N PHE D 334 -20.35 27.37 -18.46
CA PHE D 334 -21.42 28.31 -18.48
C PHE D 334 -21.36 29.14 -19.74
N TRP D 335 -20.17 29.63 -20.09
CA TRP D 335 -20.07 30.45 -21.29
C TRP D 335 -20.51 29.71 -22.55
N TYR D 336 -20.02 28.47 -22.71
CA TYR D 336 -20.41 27.72 -23.91
C TYR D 336 -21.92 27.41 -23.95
N ALA D 337 -22.50 27.11 -22.78
CA ALA D 337 -23.92 26.81 -22.69
C ALA D 337 -24.72 28.03 -23.09
N VAL D 338 -24.26 29.17 -22.60
CA VAL D 338 -24.92 30.42 -22.88
C VAL D 338 -24.88 30.62 -24.37
N ARG D 339 -23.75 30.31 -25.00
CA ARG D 339 -23.67 30.45 -26.45
C ARG D 339 -24.65 29.55 -27.23
N THR D 340 -24.75 28.27 -26.87
CA THR D 340 -25.66 27.36 -27.60
C THR D 340 -27.17 27.73 -27.44
N ALA D 341 -27.60 28.08 -26.23
CA ALA D 341 -29.01 28.40 -26.01
C ALA D 341 -29.50 29.52 -26.95
N VAL D 342 -28.58 30.44 -27.23
CA VAL D 342 -28.87 31.58 -28.07
C VAL D 342 -29.00 31.35 -29.58
N ILE D 343 -28.23 30.44 -30.16
CA ILE D 343 -28.28 30.22 -31.60
C ILE D 343 -29.61 29.58 -32.04
N ASN D 344 -29.94 28.46 -31.42
CA ASN D 344 -31.15 27.72 -31.75
C ASN D 344 -32.40 28.48 -31.31
N ALA D 345 -32.25 29.39 -30.36
CA ALA D 345 -33.39 30.17 -29.89
C ALA D 345 -33.99 31.00 -31.03
N ALA D 346 -33.12 31.58 -31.86
CA ALA D 346 -33.55 32.37 -33.01
C ALA D 346 -34.17 31.48 -34.09
N SER D 347 -33.38 30.54 -34.61
CA SER D 347 -33.86 29.63 -35.63
C SER D 347 -32.99 28.37 -35.67
N GLY D 348 -33.49 27.30 -35.06
CA GLY D 348 -32.78 26.04 -35.01
C GLY D 348 -33.69 24.87 -34.68
N ARG D 349 -33.22 23.96 -33.84
CA ARG D 349 -34.02 22.81 -33.44
C ARG D 349 -34.25 22.80 -31.93
N GLN D 350 -34.08 23.96 -31.31
CA GLN D 350 -34.35 24.12 -29.88
C GLN D 350 -35.04 25.46 -29.61
N THR D 351 -35.54 25.64 -28.40
CA THR D 351 -36.24 26.86 -28.01
C THR D 351 -35.42 27.60 -26.94
N VAL D 352 -36.06 28.50 -26.19
CA VAL D 352 -35.42 29.26 -25.12
C VAL D 352 -35.53 28.54 -23.78
N ASP D 353 -36.76 28.37 -23.31
CA ASP D 353 -37.02 27.69 -22.03
C ASP D 353 -36.53 26.25 -22.09
N GLU D 354 -36.63 25.64 -23.27
CA GLU D 354 -36.17 24.28 -23.47
C GLU D 354 -34.64 24.20 -23.40
N ALA D 355 -33.99 25.30 -23.78
CA ALA D 355 -32.53 25.37 -23.75
C ALA D 355 -32.02 26.01 -22.46
N LEU D 356 -32.91 26.70 -21.75
CA LEU D 356 -32.56 27.26 -20.45
C LEU D 356 -32.72 26.20 -19.37
N ALA D 357 -33.59 25.22 -19.63
CA ALA D 357 -33.76 24.07 -18.75
C ALA D 357 -32.51 23.19 -18.82
N ALA D 358 -31.83 23.23 -19.96
CA ALA D 358 -30.59 22.48 -20.15
C ALA D 358 -29.38 23.30 -19.71
N ALA D 359 -29.44 24.60 -19.96
CA ALA D 359 -28.36 25.50 -19.57
C ALA D 359 -28.28 25.64 -18.06
N GLN D 360 -29.42 25.48 -17.39
CA GLN D 360 -29.48 25.46 -15.94
C GLN D 360 -28.65 24.30 -15.40
N THR D 361 -28.81 23.13 -16.02
CA THR D 361 -28.11 21.93 -15.59
C THR D 361 -26.65 21.93 -16.03
N ASN D 362 -26.29 22.84 -16.93
CA ASN D 362 -24.92 22.95 -17.42
C ASN D 362 -24.05 23.80 -16.51
N ALA D 363 -24.28 23.70 -15.19
CA ALA D 363 -23.52 24.45 -14.22
C ALA D 363 -23.59 23.80 -12.83
N GLU D 366 -17.91 19.25 -12.65
CA GLU D 366 -16.57 19.24 -12.05
C GLU D 366 -15.49 19.46 -13.09
N PHE D 367 -15.49 18.66 -14.16
CA PHE D 367 -14.49 18.79 -15.20
C PHE D 367 -15.23 19.34 -16.41
N SER D 368 -14.76 20.44 -16.99
CA SER D 368 -15.50 21.05 -18.10
C SER D 368 -15.63 20.10 -19.28
N ASN D 369 -14.52 19.49 -19.64
CA ASN D 369 -14.51 18.56 -20.76
C ASN D 369 -13.45 17.48 -20.54
N THR D 370 -13.75 16.27 -21.00
CA THR D 370 -12.84 15.15 -20.85
C THR D 370 -12.86 14.26 -22.09
N SER D 371 -13.95 13.52 -22.21
CA SER D 371 -14.21 12.63 -23.34
C SER D 371 -15.53 13.04 -23.98
N ASN D 372 -15.71 12.76 -25.27
CA ASN D 372 -16.93 13.20 -25.93
C ASN D 372 -17.77 12.08 -26.55
N LEU D 373 -17.12 11.07 -27.13
CA LEU D 373 -17.87 9.99 -27.75
C LEU D 373 -17.36 8.60 -27.38
N PHE D 374 -18.31 7.73 -27.05
CA PHE D 374 -18.03 6.39 -26.54
C PHE D 374 -17.48 5.47 -27.61
N GLY D 375 -18.21 5.35 -28.72
CA GLY D 375 -17.77 4.53 -29.83
C GLY D 375 -16.62 5.18 -30.56
N ASN D 376 -15.39 4.93 -30.08
CA ASN D 376 -14.21 5.52 -30.68
C ASN D 376 -13.13 4.51 -31.02
N SER D 377 -13.33 3.26 -30.61
CA SER D 377 -12.41 2.18 -30.97
C SER D 377 -12.38 2.06 -32.49
N GLY D 378 -13.58 1.99 -33.08
CA GLY D 378 -13.73 1.91 -34.52
C GLY D 378 -13.24 3.16 -35.22
N ALA D 379 -13.36 4.30 -34.54
CA ALA D 379 -12.87 5.57 -35.08
C ALA D 379 -11.35 5.55 -35.20
N LYS D 380 -10.69 5.10 -34.14
CA LYS D 380 -9.23 5.00 -34.10
C LYS D 380 -8.71 4.00 -35.12
N THR D 381 -9.27 2.80 -35.09
CA THR D 381 -8.74 1.67 -35.85
C THR D 381 -8.86 1.84 -37.36
N PHE D 382 -9.58 2.87 -37.80
CA PHE D 382 -9.72 3.13 -39.22
C PHE D 382 -9.30 4.58 -39.54
N GLY D 383 -8.39 5.10 -38.72
CA GLY D 383 -7.81 6.43 -38.82
C GLY D 383 -6.46 6.48 -39.52
N GLY D 384 -5.91 7.66 -39.72
CA GLY D 384 -4.62 7.81 -40.41
C GLY D 384 -3.40 7.19 -39.75
N PHE D 385 -3.25 7.35 -38.44
CA PHE D 385 -2.13 6.75 -37.70
C PHE D 385 -0.71 7.19 -38.07
N ALA D 386 -0.09 7.89 -37.12
CA ALA D 386 1.30 8.36 -37.18
C ALA D 386 2.32 7.32 -36.75
N SER D 387 3.61 7.66 -36.85
CA SER D 387 4.72 6.77 -36.49
C SER D 387 5.65 7.39 -35.43
N SER D 388 6.39 6.54 -34.73
CA SER D 388 7.28 6.99 -33.65
C SER D 388 8.61 6.22 -33.52
N SER D 389 9.59 6.84 -32.86
CA SER D 389 10.91 6.26 -32.59
C SER D 389 10.73 4.82 -32.17
N PHE D 390 11.68 3.97 -32.52
CA PHE D 390 11.65 2.52 -32.35
C PHE D 390 10.79 1.98 -33.47
N GLY D 391 10.72 2.70 -34.57
CA GLY D 391 9.91 2.29 -35.69
C GLY D 391 10.41 2.86 -37.00
N GLU D 392 11.57 3.50 -36.96
CA GLU D 392 12.18 4.09 -38.15
C GLU D 392 13.71 4.14 -38.25
N GLN D 393 14.25 3.51 -39.31
CA GLN D 393 15.67 3.55 -39.80
C GLN D 393 16.30 2.14 -39.98
N LYS D 394 17.37 1.85 -39.25
CA LYS D 394 18.13 0.59 -39.32
C LYS D 394 18.99 0.25 -38.12
N PRO D 395 18.74 -0.93 -37.53
CA PRO D 395 19.41 -1.44 -36.31
C PRO D 395 20.73 -2.21 -36.43
N THR D 396 20.87 -3.10 -37.42
CA THR D 396 22.07 -3.91 -37.54
C THR D 396 23.05 -3.30 -38.55
N GLY D 397 22.79 -2.07 -38.95
CA GLY D 397 23.73 -1.30 -39.74
C GLY D 397 24.83 -0.78 -38.82
N THR D 398 24.44 0.04 -37.85
CA THR D 398 25.37 0.54 -36.84
C THR D 398 24.97 0.06 -35.44
N PHE D 399 25.88 0.19 -34.49
CA PHE D 399 25.58 -0.11 -33.10
C PHE D 399 25.93 1.11 -32.25
N SER D 400 26.91 1.88 -32.71
CA SER D 400 27.33 3.08 -32.00
C SER D 400 27.37 4.28 -32.91
N SER D 401 26.70 5.35 -32.52
CA SER D 401 26.83 6.63 -33.20
C SER D 401 27.58 7.62 -32.31
N GLY D 402 27.37 8.90 -32.58
CA GLY D 402 28.01 9.95 -31.82
C GLY D 402 27.00 10.61 -30.90
N GLY D 403 27.50 11.11 -29.77
CA GLY D 403 26.64 11.76 -28.78
C GLY D 403 27.37 11.99 -27.48
N PRO D 432 24.98 11.07 -10.04
CA PRO D 432 23.98 10.12 -10.54
C PRO D 432 23.01 10.78 -11.51
N THR D 433 23.28 10.63 -12.80
CA THR D 433 22.43 11.22 -13.84
C THR D 433 22.10 10.20 -14.92
N PHE D 434 20.91 10.32 -15.50
CA PHE D 434 20.55 9.47 -16.61
C PHE D 434 21.40 9.84 -17.81
N GLY D 435 21.99 8.84 -18.46
CA GLY D 435 22.84 9.07 -19.61
C GLY D 435 24.24 9.52 -19.26
N GLY D 436 24.46 9.86 -18.00
CA GLY D 436 25.73 10.37 -17.55
C GLY D 436 26.81 9.30 -17.38
N SER D 437 27.96 9.73 -16.88
CA SER D 437 29.05 8.82 -16.59
C SER D 437 29.12 8.60 -15.07
N PRO D 438 29.68 7.46 -14.62
CA PRO D 438 29.58 7.06 -13.22
C PRO D 438 30.17 8.06 -12.23
N GLY D 439 29.41 8.35 -11.18
CA GLY D 439 29.92 9.10 -10.05
C GLY D 439 30.25 8.12 -8.94
N PHE D 440 31.43 8.26 -8.36
CA PHE D 440 31.89 7.33 -7.33
C PHE D 440 31.71 7.91 -5.92
N GLY D 461 52.56 20.07 17.23
CA GLY D 461 52.11 21.17 18.09
C GLY D 461 51.86 20.69 19.51
N LYS D 462 50.94 19.75 19.67
CA LYS D 462 50.64 19.19 20.97
C LYS D 462 50.02 17.80 20.84
N VAL D 463 50.66 16.82 21.48
CA VAL D 463 50.15 15.46 21.53
C VAL D 463 48.72 15.45 22.09
N PHE D 464 47.87 14.61 21.52
CA PHE D 464 46.47 14.49 21.91
C PHE D 464 46.28 14.51 23.42
N GLY D 465 47.11 13.76 24.13
CA GLY D 465 46.96 13.62 25.56
C GLY D 465 47.82 14.53 26.41
N GLU D 466 47.30 14.83 27.60
CA GLU D 466 48.04 15.52 28.63
C GLU D 466 47.18 15.43 29.90
N GLY D 467 47.77 15.66 31.06
CA GLY D 467 47.02 15.51 32.30
C GLY D 467 47.03 14.09 32.81
N THR D 468 46.19 13.83 33.81
CA THR D 468 46.20 12.56 34.55
C THR D 468 46.12 11.32 33.67
N ALA D 469 45.26 11.37 32.65
CA ALA D 469 45.01 10.20 31.81
C ALA D 469 46.26 9.72 31.07
N ALA D 470 46.98 10.65 30.46
CA ALA D 470 48.20 10.31 29.74
C ALA D 470 49.27 9.78 30.69
N ALA D 471 49.34 10.38 31.88
CA ALA D 471 50.30 10.00 32.91
C ALA D 471 50.04 8.58 33.40
N SER D 472 48.78 8.33 33.72
CA SER D 472 48.34 7.05 34.24
C SER D 472 48.40 5.98 33.18
N ALA D 473 48.73 6.49 32.00
CA ALA D 473 48.78 5.78 30.75
C ALA D 473 50.08 5.07 30.56
N GLY D 474 50.71 4.63 31.63
CA GLY D 474 51.92 3.84 31.48
C GLY D 474 51.58 2.55 30.74
N GLY D 475 50.43 1.96 31.03
CA GLY D 475 49.97 0.73 30.38
C GLY D 475 49.31 -0.21 31.37
N PHE D 476 48.56 -1.19 30.90
CA PHE D 476 47.92 -2.10 31.86
C PHE D 476 49.05 -2.83 32.54
N GLY D 477 49.91 -3.37 31.70
CA GLY D 477 51.18 -3.95 32.10
C GLY D 477 52.30 -2.92 32.29
N PHE D 478 53.09 -3.12 33.34
CA PHE D 478 54.18 -2.22 33.66
C PHE D 478 55.54 -2.84 33.33
N GLY D 479 56.49 -2.00 32.96
CA GLY D 479 57.83 -2.47 32.61
C GLY D 479 58.76 -2.49 33.80
C1 GLC E . -19.12 -18.42 25.27
C2 GLC E . -19.45 -16.98 25.65
C3 GLC E . -18.73 -15.97 24.76
C4 GLC E . -17.23 -16.28 24.80
C5 GLC E . -17.02 -17.72 24.35
C6 GLC E . -15.54 -18.08 24.27
O1 GLC E . -19.69 -18.73 24.00
O2 GLC E . -20.85 -16.75 25.58
O3 GLC E . -19.03 -14.67 25.28
O4 GLC E . -16.31 -15.43 24.08
O5 GLC E . -17.70 -18.62 25.24
O6 GLC E . -14.96 -17.51 23.09
C1 GLC E . -16.73 -14.25 23.38
C2 GLC E . -15.49 -13.57 22.82
C3 GLC E . -14.58 -13.18 23.97
C4 GLC E . -15.27 -12.20 24.92
C5 GLC E . -16.79 -12.35 25.02
C6 GLC E . -17.44 -11.00 24.71
O2 GLC E . -14.78 -14.47 21.96
O3 GLC E . -13.39 -12.55 23.46
O4 GLC E . -14.71 -12.34 26.23
O5 GLC E . -17.45 -13.30 24.17
O6 GLC E . -16.95 -10.00 25.61
N PRO F . -14.32 -19.55 12.69
CA PRO F . -13.63 -20.80 12.32
C PRO F . -12.73 -20.64 11.11
O PRO F . -12.24 -19.54 10.84
CB PRO F . -14.80 -21.75 12.02
CG PRO F . -15.89 -21.27 12.91
CD PRO F . -15.75 -19.77 12.99
OXT PRO F . -12.48 -21.60 10.37
PG GTP G . 15.67 4.53 5.74
O1G GTP G . 14.94 5.82 5.62
O2G GTP G . 16.04 4.20 7.14
O3G GTP G . 16.77 4.38 4.74
O3B GTP G . 14.65 3.38 5.29
PB GTP G . 13.14 3.20 5.90
O1B GTP G . 12.71 4.47 6.60
O2B GTP G . 13.01 1.91 6.63
O3A GTP G . 12.27 3.01 4.54
PA GTP G . 10.88 3.79 4.23
O1A GTP G . 9.85 3.36 5.22
O2A GTP G . 11.18 5.23 4.03
O5' GTP G . 10.56 3.12 2.82
C5' GTP G . 10.04 1.80 2.74
C4' GTP G . 9.67 1.44 1.30
O4' GTP G . 9.08 0.15 1.30
C3' GTP G . 8.60 2.40 0.80
O3' GTP G . 8.84 2.61 -0.59
C2' GTP G . 7.30 1.67 0.98
O2' GTP G . 6.44 1.89 -0.15
C1' GTP G . 7.69 0.21 1.06
N9 GTP G . 6.95 -0.46 2.17
C8 GTP G . 6.96 -0.07 3.46
N7 GTP G . 6.18 -0.89 4.21
C5 GTP G . 5.66 -1.83 3.38
C6 GTP G . 4.78 -3.00 3.52
O6 GTP G . 4.31 -3.32 4.64
N1 GTP G . 4.51 -3.70 2.42
C2 GTP G . 5.00 -3.38 1.22
N2 GTP G . 4.67 -4.14 0.16
N3 GTP G . 5.82 -2.34 1.03
C4 GTP G . 6.17 -1.53 2.05
MG MG H . 13.63 6.11 7.14
N PRO I . -37.22 -14.12 -1.70
CA PRO I . -37.61 -12.73 -1.47
C PRO I . -36.60 -11.99 -0.60
O PRO I . -36.71 -10.73 -0.49
CB PRO I . -38.95 -12.84 -0.74
CG PRO I . -39.50 -14.16 -1.17
CD PRO I . -38.31 -15.06 -1.34
OXT PRO I . -35.72 -12.70 -0.02
#